data_1SM7
#
_entry.id   1SM7
#
_entity_poly.entity_id   1
_entity_poly.type   'polypeptide(L)'
_entity_poly.pdbx_seq_one_letter_code
;QPQKCQREFQQEQHLRACQQWIRQQLAGSPFSENQWGPQQGPSLREQCCNELYQEDQVCVCPTLKQAAKSVRVQGQHGPF
QSTRIYQIAKNLPNVCNMKQIGTCPFIAI
;
_entity_poly.pdbx_strand_id   A
#
# COMPACT_ATOMS: atom_id res chain seq x y z
N GLN A 1 -13.51 -5.14 -3.19
CA GLN A 1 -14.87 -5.55 -3.57
C GLN A 1 -14.99 -7.06 -3.55
N PRO A 2 -14.06 -7.75 -4.22
CA PRO A 2 -14.03 -9.20 -4.28
C PRO A 2 -13.57 -9.81 -2.99
N GLN A 3 -14.50 -10.37 -2.22
CA GLN A 3 -14.17 -10.98 -0.94
C GLN A 3 -13.24 -12.13 -1.14
N LYS A 4 -13.31 -12.83 -2.27
CA LYS A 4 -12.42 -13.94 -2.58
C LYS A 4 -10.96 -13.59 -2.20
N CYS A 5 -10.63 -12.29 -2.28
CA CYS A 5 -9.36 -11.80 -1.86
C CYS A 5 -9.52 -10.85 -0.72
N GLN A 6 -10.57 -10.02 -0.70
CA GLN A 6 -10.84 -9.11 0.37
C GLN A 6 -11.12 -9.84 1.68
N ARG A 7 -11.29 -11.14 1.62
CA ARG A 7 -11.54 -12.00 2.74
C ARG A 7 -10.32 -12.82 3.05
N GLU A 8 -9.33 -12.81 2.18
CA GLU A 8 -8.09 -13.53 2.37
C GLU A 8 -6.91 -12.59 2.57
N PHE A 9 -7.05 -11.35 2.10
CA PHE A 9 -6.05 -10.34 2.19
C PHE A 9 -6.15 -9.67 3.53
N GLN A 10 -7.38 -9.45 4.01
CA GLN A 10 -7.61 -8.79 5.27
C GLN A 10 -7.82 -9.84 6.35
N GLN A 11 -8.02 -11.09 5.95
CA GLN A 11 -8.25 -12.16 6.89
C GLN A 11 -7.22 -12.13 8.00
N GLU A 12 -5.94 -12.11 7.60
CA GLU A 12 -4.84 -12.14 8.55
C GLU A 12 -3.51 -12.11 7.81
N GLN A 13 -3.49 -11.43 6.67
CA GLN A 13 -2.29 -11.31 5.87
C GLN A 13 -2.34 -10.06 5.04
N HIS A 14 -2.63 -8.92 5.65
CA HIS A 14 -2.76 -7.66 4.96
C HIS A 14 -1.40 -7.29 4.39
N LEU A 15 -1.13 -6.00 4.32
CA LEU A 15 0.13 -5.50 3.81
C LEU A 15 0.81 -4.64 4.85
N ARG A 16 2.07 -4.29 4.60
CA ARG A 16 2.85 -3.48 5.50
C ARG A 16 3.87 -2.71 4.75
N ALA A 17 4.90 -3.35 4.24
CA ALA A 17 5.92 -2.71 3.46
C ALA A 17 5.30 -1.87 2.32
N CYS A 18 4.04 -2.14 1.98
CA CYS A 18 3.33 -1.45 0.95
C CYS A 18 2.68 -0.25 1.58
N GLN A 19 1.95 -0.48 2.68
CA GLN A 19 1.31 0.57 3.40
C GLN A 19 2.21 1.12 4.48
N GLN A 20 3.51 1.08 4.30
CA GLN A 20 4.48 1.51 5.29
C GLN A 20 5.50 2.39 4.62
N TRP A 21 5.91 2.03 3.41
CA TRP A 21 6.86 2.82 2.65
C TRP A 21 6.26 4.21 2.43
N ILE A 22 4.94 4.27 2.27
CA ILE A 22 4.24 5.51 2.04
C ILE A 22 4.27 6.32 3.32
N ARG A 23 4.27 5.64 4.47
CA ARG A 23 4.38 6.29 5.76
C ARG A 23 5.75 6.92 5.96
N GLN A 24 6.73 6.49 5.17
CA GLN A 24 8.05 7.04 5.23
C GLN A 24 8.16 8.34 4.45
N GLN A 25 7.13 8.62 3.64
CA GLN A 25 7.08 9.85 2.87
C GLN A 25 6.82 11.05 3.78
N LEU A 26 6.46 10.79 5.03
CA LEU A 26 6.18 11.82 5.99
C LEU A 26 7.24 11.80 7.07
N ALA A 27 6.99 12.54 8.15
CA ALA A 27 7.89 12.58 9.28
C ALA A 27 7.57 11.47 10.27
N GLY A 28 6.80 10.47 9.82
CA GLY A 28 6.43 9.33 10.63
C GLY A 28 7.53 8.28 10.65
N SER A 29 8.72 8.64 10.17
CA SER A 29 9.85 7.75 10.15
C SER A 29 11.15 8.51 10.29
N PRO A 30 12.16 7.88 10.90
CA PRO A 30 13.47 8.47 11.06
C PRO A 30 14.24 8.53 9.77
N PHE A 31 15.49 9.02 9.85
CA PHE A 31 16.33 9.15 8.69
C PHE A 31 17.80 9.23 9.09
N SER A 32 18.67 8.73 8.21
CA SER A 32 20.10 8.76 8.47
C SER A 32 20.83 9.24 7.22
N GLU A 33 21.05 8.31 6.28
CA GLU A 33 21.74 8.63 5.04
C GLU A 33 20.76 9.21 4.02
N ASN A 34 21.23 9.32 2.77
CA ASN A 34 20.40 9.79 1.69
C ASN A 34 19.68 8.63 1.04
N GLN A 35 18.48 8.89 0.52
CA GLN A 35 17.71 7.90 -0.18
C GLN A 35 16.41 8.51 -0.64
N TRP A 36 15.76 7.84 -1.62
CA TRP A 36 14.48 8.29 -2.14
C TRP A 36 13.57 8.67 -0.96
N GLY A 37 13.74 7.97 0.18
CA GLY A 37 13.03 8.29 1.39
C GLY A 37 13.55 7.47 2.54
N PRO A 38 13.06 6.22 2.65
CA PRO A 38 13.47 5.31 3.70
C PRO A 38 14.86 4.78 3.47
N GLN A 39 15.88 5.60 3.74
CA GLN A 39 17.26 5.20 3.54
C GLN A 39 17.58 3.99 4.41
N GLN A 40 16.95 3.92 5.58
CA GLN A 40 17.16 2.81 6.48
C GLN A 40 16.23 1.65 6.13
N GLY A 41 15.34 1.86 5.17
CA GLY A 41 14.41 0.85 4.70
C GLY A 41 14.10 1.03 3.24
N PRO A 42 15.09 0.94 2.35
CA PRO A 42 14.88 1.10 0.93
C PRO A 42 14.18 -0.10 0.32
N SER A 43 14.44 -1.27 0.89
CA SER A 43 13.87 -2.51 0.45
C SER A 43 12.40 -2.58 0.86
N LEU A 44 11.56 -1.77 0.23
CA LEU A 44 10.16 -1.72 0.53
C LEU A 44 9.41 -1.82 -0.77
N ARG A 45 9.83 -1.15 -1.84
CA ARG A 45 9.18 -1.22 -3.12
C ARG A 45 9.24 -2.60 -3.67
N GLU A 46 10.41 -3.11 -4.00
CA GLU A 46 10.56 -4.45 -4.53
C GLU A 46 9.96 -5.48 -3.57
N GLN A 47 9.78 -5.10 -2.31
CA GLN A 47 9.18 -5.94 -1.32
C GLN A 47 7.69 -5.85 -1.39
N CYS A 48 7.09 -4.68 -1.35
CA CYS A 48 5.68 -4.44 -1.41
C CYS A 48 5.19 -4.81 -2.78
N CYS A 49 5.90 -4.42 -3.83
CA CYS A 49 5.59 -4.74 -5.20
C CYS A 49 5.34 -6.24 -5.30
N ASN A 50 5.92 -7.02 -4.38
CA ASN A 50 5.68 -8.43 -4.29
C ASN A 50 4.75 -8.75 -3.16
N GLU A 51 4.85 -8.10 -2.01
CA GLU A 51 4.03 -8.31 -0.86
C GLU A 51 2.59 -7.89 -1.17
N LEU A 52 2.38 -7.23 -2.30
CA LEU A 52 1.09 -6.77 -2.71
C LEU A 52 0.58 -7.71 -3.81
N TYR A 53 1.49 -8.43 -4.47
CA TYR A 53 1.18 -9.26 -5.58
C TYR A 53 1.12 -10.69 -5.11
N GLN A 54 1.88 -11.03 -4.09
CA GLN A 54 1.95 -12.35 -3.52
C GLN A 54 0.55 -12.82 -3.18
N GLU A 55 -0.36 -11.88 -2.92
CA GLU A 55 -1.73 -12.18 -2.64
C GLU A 55 -2.53 -12.36 -3.91
N ASP A 56 -1.87 -12.61 -5.03
CA ASP A 56 -2.46 -12.75 -6.33
C ASP A 56 -2.81 -11.39 -6.90
N GLN A 57 -3.56 -11.39 -8.01
CA GLN A 57 -4.00 -10.16 -8.64
C GLN A 57 -5.33 -9.71 -8.09
N VAL A 58 -6.10 -10.65 -7.54
CA VAL A 58 -7.39 -10.37 -6.95
C VAL A 58 -7.19 -9.68 -5.62
N CYS A 59 -5.94 -9.49 -5.21
CA CYS A 59 -5.60 -8.83 -3.98
C CYS A 59 -4.85 -7.55 -4.28
N VAL A 60 -4.11 -7.53 -5.41
CA VAL A 60 -3.38 -6.36 -5.84
C VAL A 60 -4.29 -5.15 -5.78
N CYS A 61 -5.60 -5.34 -5.91
CA CYS A 61 -6.56 -4.32 -5.79
C CYS A 61 -7.94 -4.89 -6.16
N PRO A 62 -9.01 -4.14 -5.84
CA PRO A 62 -8.87 -2.93 -5.06
C PRO A 62 -8.50 -3.19 -3.64
N THR A 63 -8.39 -4.44 -3.25
CA THR A 63 -8.01 -4.89 -1.94
C THR A 63 -6.95 -4.01 -1.34
N LEU A 64 -5.89 -3.68 -2.08
CA LEU A 64 -4.84 -2.79 -1.62
C LEU A 64 -5.41 -1.55 -0.99
N LYS A 65 -6.49 -1.01 -1.58
CA LYS A 65 -7.23 0.11 -1.03
C LYS A 65 -7.35 -0.03 0.47
N GLN A 66 -7.47 -1.23 1.01
CA GLN A 66 -7.45 -1.52 2.40
C GLN A 66 -6.17 -1.14 3.07
N ALA A 67 -5.08 -1.87 2.81
CA ALA A 67 -3.79 -1.56 3.35
C ALA A 67 -3.44 -0.10 3.10
N ALA A 68 -4.05 0.53 2.10
CA ALA A 68 -3.86 1.91 1.79
C ALA A 68 -4.83 2.78 2.58
N LYS A 69 -5.99 2.23 2.92
CA LYS A 69 -7.01 2.91 3.69
C LYS A 69 -6.55 3.01 5.12
N SER A 70 -5.80 2.03 5.61
CA SER A 70 -5.28 2.04 6.96
C SER A 70 -3.82 2.46 6.94
N VAL A 71 -3.36 2.99 5.81
CA VAL A 71 -1.99 3.45 5.67
C VAL A 71 -1.76 4.59 6.65
N ARG A 72 -2.82 5.18 7.19
CA ARG A 72 -2.73 6.24 8.15
C ARG A 72 -3.97 6.27 9.01
N VAL A 73 -5.07 6.78 8.43
CA VAL A 73 -6.33 6.91 9.13
C VAL A 73 -6.61 5.62 9.89
N GLN A 74 -7.46 5.72 10.89
CA GLN A 74 -7.82 4.56 11.69
C GLN A 74 -8.90 4.92 12.70
N GLY A 75 -9.79 5.84 12.30
CA GLY A 75 -10.87 6.29 13.16
C GLY A 75 -11.59 7.46 12.55
N GLN A 76 -10.83 8.51 12.20
CA GLN A 76 -11.40 9.71 11.61
C GLN A 76 -10.33 10.77 11.44
N HIS A 77 -9.87 10.95 10.20
CA HIS A 77 -8.87 11.95 9.88
C HIS A 77 -9.35 12.82 8.73
N GLY A 78 -10.62 12.66 8.35
CA GLY A 78 -11.19 13.41 7.24
C GLY A 78 -10.36 13.24 5.97
N PRO A 79 -10.82 13.91 4.91
CA PRO A 79 -10.14 13.86 3.63
C PRO A 79 -8.85 14.66 3.64
N PHE A 80 -7.72 13.97 3.81
CA PHE A 80 -6.42 14.62 3.86
C PHE A 80 -5.33 13.68 3.40
N GLN A 81 -5.15 12.58 4.15
CA GLN A 81 -4.11 11.63 3.88
C GLN A 81 -4.50 10.86 2.66
N SER A 82 -5.68 10.21 2.65
CA SER A 82 -6.15 9.44 1.51
C SER A 82 -5.83 10.14 0.22
N THR A 83 -6.08 11.44 0.14
CA THR A 83 -5.76 12.24 -1.02
C THR A 83 -4.39 11.87 -1.59
N ARG A 84 -3.32 12.26 -0.88
CA ARG A 84 -1.98 12.00 -1.29
C ARG A 84 -1.68 10.54 -1.15
N ILE A 85 -2.06 9.94 -0.02
CA ILE A 85 -1.88 8.54 0.27
C ILE A 85 -2.23 7.72 -0.97
N TYR A 86 -3.19 8.17 -1.75
CA TYR A 86 -3.60 7.53 -2.96
C TYR A 86 -2.80 8.06 -4.14
N GLN A 87 -2.55 9.36 -4.19
CA GLN A 87 -1.76 9.97 -5.23
C GLN A 87 -0.34 9.46 -5.21
N ILE A 88 0.06 8.72 -4.18
CA ILE A 88 1.36 8.14 -4.05
C ILE A 88 1.23 6.64 -4.02
N ALA A 89 0.02 6.12 -3.91
CA ALA A 89 -0.24 4.70 -3.93
C ALA A 89 -0.78 4.28 -5.28
N LYS A 90 -0.86 5.23 -6.22
CA LYS A 90 -1.36 4.98 -7.55
C LYS A 90 -0.20 4.76 -8.49
N ASN A 91 1.00 5.19 -8.06
CA ASN A 91 2.20 5.03 -8.82
C ASN A 91 2.89 3.72 -8.45
N LEU A 92 2.28 2.96 -7.54
CA LEU A 92 2.80 1.69 -7.13
C LEU A 92 2.60 0.66 -8.23
N PRO A 93 1.38 0.54 -8.78
CA PRO A 93 1.09 -0.36 -9.87
C PRO A 93 1.66 0.12 -11.19
N ASN A 94 2.30 1.29 -11.17
CA ASN A 94 2.92 1.85 -12.33
C ASN A 94 4.33 1.36 -12.48
N VAL A 95 5.04 1.25 -11.35
CA VAL A 95 6.41 0.78 -11.32
C VAL A 95 6.46 -0.64 -10.77
N CYS A 96 5.32 -1.14 -10.33
CA CYS A 96 5.21 -2.47 -9.77
C CYS A 96 4.15 -3.18 -10.53
N ASN A 97 4.04 -2.98 -11.86
CA ASN A 97 3.06 -3.62 -12.71
C ASN A 97 2.56 -4.92 -12.10
N MET A 98 1.44 -4.84 -11.38
CA MET A 98 0.93 -5.98 -10.65
C MET A 98 -0.54 -6.13 -10.93
N LYS A 99 -1.05 -5.33 -11.89
CA LYS A 99 -2.44 -5.35 -12.25
C LYS A 99 -2.54 -5.25 -13.76
N GLN A 100 -2.56 -6.36 -14.46
CA GLN A 100 -2.68 -6.35 -15.89
C GLN A 100 -4.10 -5.98 -16.30
N ILE A 101 -5.07 -6.67 -15.70
CA ILE A 101 -6.46 -6.43 -15.99
C ILE A 101 -6.79 -4.97 -15.62
N GLY A 102 -7.20 -4.73 -14.37
CA GLY A 102 -7.62 -3.43 -13.93
C GLY A 102 -8.62 -3.51 -12.81
N THR A 103 -8.12 -3.77 -11.62
CA THR A 103 -8.94 -3.93 -10.42
C THR A 103 -9.20 -2.56 -9.80
N CYS A 104 -8.13 -1.80 -9.58
CA CYS A 104 -8.23 -0.44 -9.06
C CYS A 104 -7.50 0.51 -9.98
N PRO A 105 -7.99 0.68 -11.21
CA PRO A 105 -7.39 1.57 -12.18
C PRO A 105 -7.60 3.05 -11.83
N PHE A 106 -7.26 3.41 -10.60
CA PHE A 106 -7.42 4.75 -10.11
C PHE A 106 -6.19 5.57 -10.36
N ILE A 107 -6.34 6.89 -10.40
CA ILE A 107 -5.25 7.80 -10.67
C ILE A 107 -5.78 9.21 -10.84
N ALA A 108 -6.93 9.36 -11.51
CA ALA A 108 -7.56 10.64 -11.71
C ALA A 108 -8.13 11.15 -10.39
N ILE A 109 -7.27 11.44 -9.44
CA ILE A 109 -7.62 11.89 -8.12
C ILE A 109 -6.83 13.17 -7.77
N GLN A 1 -9.37 -17.53 -6.30
CA GLN A 1 -9.06 -16.40 -5.41
C GLN A 1 -9.87 -15.18 -5.83
N PRO A 2 -11.21 -15.26 -5.90
CA PRO A 2 -12.04 -14.12 -6.31
C PRO A 2 -12.04 -13.00 -5.28
N GLN A 3 -13.04 -12.12 -5.31
CA GLN A 3 -13.20 -11.04 -4.34
C GLN A 3 -13.02 -11.51 -2.91
N LYS A 4 -13.34 -12.78 -2.60
CA LYS A 4 -13.03 -13.40 -1.32
C LYS A 4 -11.62 -13.07 -0.82
N CYS A 5 -10.63 -13.01 -1.70
CA CYS A 5 -9.29 -12.49 -1.42
C CYS A 5 -9.36 -11.15 -0.72
N GLN A 6 -10.04 -10.12 -1.22
CA GLN A 6 -10.24 -8.85 -0.52
C GLN A 6 -10.56 -8.99 0.97
N ARG A 7 -11.30 -10.05 1.32
CA ARG A 7 -11.51 -10.47 2.70
C ARG A 7 -10.38 -11.28 3.26
N GLU A 8 -9.89 -12.32 2.62
CA GLU A 8 -8.74 -13.14 3.05
C GLU A 8 -7.43 -12.35 3.22
N PHE A 9 -7.30 -11.27 2.48
CA PHE A 9 -6.18 -10.37 2.49
C PHE A 9 -6.31 -9.48 3.71
N GLN A 10 -7.53 -9.02 4.02
CA GLN A 10 -7.73 -8.14 5.15
C GLN A 10 -8.15 -8.92 6.39
N GLN A 11 -8.26 -10.24 6.27
CA GLN A 11 -8.71 -11.10 7.32
C GLN A 11 -7.70 -11.02 8.44
N GLU A 12 -6.44 -11.29 8.09
CA GLU A 12 -5.36 -11.37 9.05
C GLU A 12 -4.00 -11.47 8.36
N GLN A 13 -3.91 -10.99 7.13
CA GLN A 13 -2.70 -11.05 6.32
C GLN A 13 -2.66 -9.88 5.34
N HIS A 14 -2.82 -8.68 5.86
CA HIS A 14 -2.85 -7.46 5.05
C HIS A 14 -1.43 -7.23 4.54
N LEU A 15 -1.11 -5.97 4.27
CA LEU A 15 0.22 -5.61 3.81
C LEU A 15 0.89 -4.72 4.83
N ARG A 16 2.19 -4.50 4.61
CA ARG A 16 2.99 -3.68 5.52
C ARG A 16 3.99 -2.96 4.70
N ALA A 17 5.04 -3.58 4.21
CA ALA A 17 6.01 -2.92 3.34
C ALA A 17 5.35 -2.10 2.21
N CYS A 18 4.08 -2.31 1.89
CA CYS A 18 3.30 -1.63 0.87
C CYS A 18 2.56 -0.48 1.49
N GLN A 19 1.88 -0.75 2.59
CA GLN A 19 1.29 0.29 3.38
C GLN A 19 2.20 0.84 4.48
N GLN A 20 3.50 0.90 4.25
CA GLN A 20 4.47 1.36 5.25
C GLN A 20 5.51 2.19 4.57
N TRP A 21 5.92 1.82 3.36
CA TRP A 21 6.84 2.66 2.59
C TRP A 21 6.28 4.07 2.40
N ILE A 22 4.95 4.16 2.24
CA ILE A 22 4.24 5.42 2.09
C ILE A 22 4.23 6.15 3.42
N ARG A 23 4.21 5.43 4.54
CA ARG A 23 4.36 5.98 5.88
C ARG A 23 5.76 6.43 6.21
N GLN A 24 6.75 5.98 5.46
CA GLN A 24 8.12 6.44 5.57
C GLN A 24 8.40 7.66 4.68
N GLN A 25 7.37 8.21 4.05
CA GLN A 25 7.51 9.42 3.26
C GLN A 25 7.08 10.66 4.06
N LEU A 26 6.39 10.44 5.18
CA LEU A 26 5.82 11.54 5.93
C LEU A 26 7.00 12.32 6.50
N ALA A 27 6.80 13.62 6.66
CA ALA A 27 7.83 14.51 7.18
C ALA A 27 8.53 13.93 8.41
N GLY A 28 7.76 13.30 9.30
CA GLY A 28 8.26 12.51 10.41
C GLY A 28 8.99 11.25 9.96
N SER A 29 10.14 11.41 9.29
CA SER A 29 11.05 10.37 8.85
C SER A 29 12.48 10.70 9.33
N PRO A 30 12.70 10.73 10.65
CA PRO A 30 14.04 10.95 11.17
C PRO A 30 14.91 9.70 11.02
N PHE A 31 16.16 9.82 11.43
CA PHE A 31 17.15 8.77 11.22
C PHE A 31 18.02 8.69 12.45
N SER A 32 17.69 7.79 13.36
CA SER A 32 18.43 7.56 14.61
C SER A 32 17.62 6.70 15.56
N GLU A 33 16.28 6.86 15.54
CA GLU A 33 15.32 6.12 16.36
C GLU A 33 13.94 6.02 15.68
N ASN A 34 13.89 6.21 14.37
CA ASN A 34 12.70 6.04 13.57
C ASN A 34 12.96 5.20 12.34
N GLN A 35 12.20 4.12 12.20
CA GLN A 35 12.36 3.20 11.09
C GLN A 35 11.26 2.17 11.15
N TRP A 36 10.31 2.24 10.22
CA TRP A 36 9.19 1.30 10.14
C TRP A 36 9.67 -0.15 10.29
N GLY A 37 10.49 -0.59 9.35
CA GLY A 37 11.16 -1.86 9.42
C GLY A 37 12.05 -2.03 8.23
N PRO A 38 13.08 -1.20 8.03
CA PRO A 38 14.03 -1.32 6.94
C PRO A 38 15.00 -2.47 7.17
N GLN A 39 15.30 -2.85 8.40
CA GLN A 39 16.18 -4.00 8.64
C GLN A 39 15.70 -5.27 7.94
N GLN A 40 14.40 -5.53 8.02
CA GLN A 40 13.78 -6.65 7.34
C GLN A 40 13.00 -6.24 6.11
N GLY A 41 12.57 -5.00 6.00
CA GLY A 41 11.85 -4.42 4.87
C GLY A 41 12.49 -3.12 4.39
N PRO A 42 13.75 -3.14 3.93
CA PRO A 42 14.46 -1.94 3.50
C PRO A 42 13.98 -1.50 2.15
N SER A 43 14.09 -2.39 1.17
CA SER A 43 13.67 -2.09 -0.18
C SER A 43 12.18 -2.38 -0.23
N LEU A 44 11.35 -1.63 0.49
CA LEU A 44 9.91 -1.82 0.50
C LEU A 44 9.37 -1.77 -0.91
N ARG A 45 9.71 -0.80 -1.74
CA ARG A 45 9.32 -0.88 -3.16
C ARG A 45 9.73 -2.14 -3.89
N GLU A 46 10.73 -2.84 -3.42
CA GLU A 46 11.11 -4.17 -3.89
C GLU A 46 10.49 -5.34 -3.11
N GLN A 47 10.12 -5.12 -1.85
CA GLN A 47 9.51 -6.08 -0.96
C GLN A 47 8.01 -6.02 -1.05
N CYS A 48 7.39 -4.86 -0.95
CA CYS A 48 5.99 -4.60 -1.20
C CYS A 48 5.58 -4.97 -2.60
N CYS A 49 6.32 -4.55 -3.62
CA CYS A 49 6.01 -5.01 -4.97
C CYS A 49 6.07 -6.54 -5.10
N ASN A 50 6.69 -7.23 -4.15
CA ASN A 50 6.65 -8.67 -4.00
C ASN A 50 5.63 -9.16 -2.98
N GLU A 51 5.29 -8.35 -1.98
CA GLU A 51 4.36 -8.62 -0.90
C GLU A 51 2.92 -8.29 -1.31
N LEU A 52 2.76 -7.62 -2.45
CA LEU A 52 1.48 -7.21 -2.97
C LEU A 52 1.09 -8.16 -4.10
N TYR A 53 2.08 -8.81 -4.72
CA TYR A 53 1.91 -9.63 -5.90
C TYR A 53 1.83 -11.07 -5.48
N GLN A 54 2.53 -11.43 -4.40
CA GLN A 54 2.47 -12.75 -3.82
C GLN A 54 1.05 -13.17 -3.50
N GLU A 55 0.19 -12.19 -3.20
CA GLU A 55 -1.22 -12.42 -2.96
C GLU A 55 -2.02 -12.58 -4.23
N ASP A 56 -1.37 -12.73 -5.38
CA ASP A 56 -1.94 -12.80 -6.72
C ASP A 56 -2.34 -11.41 -7.22
N GLN A 57 -3.05 -11.33 -8.34
CA GLN A 57 -3.59 -10.08 -8.87
C GLN A 57 -4.92 -9.69 -8.25
N VAL A 58 -5.62 -10.68 -7.73
CA VAL A 58 -6.91 -10.50 -7.08
C VAL A 58 -6.75 -9.91 -5.70
N CYS A 59 -5.49 -9.78 -5.24
CA CYS A 59 -5.09 -9.14 -4.01
C CYS A 59 -4.21 -7.93 -4.26
N VAL A 60 -4.26 -7.42 -5.50
CA VAL A 60 -3.56 -6.20 -5.87
C VAL A 60 -4.48 -5.02 -5.86
N CYS A 61 -5.78 -5.26 -5.90
CA CYS A 61 -6.78 -4.23 -5.91
C CYS A 61 -8.19 -4.85 -6.05
N PRO A 62 -9.23 -4.16 -5.55
CA PRO A 62 -9.07 -3.08 -4.60
C PRO A 62 -8.51 -3.56 -3.27
N THR A 63 -8.04 -4.77 -3.15
CA THR A 63 -7.38 -5.33 -1.97
C THR A 63 -6.30 -4.43 -1.40
N LEU A 64 -5.45 -3.86 -2.26
CA LEU A 64 -4.48 -2.86 -1.81
C LEU A 64 -5.11 -1.57 -1.34
N LYS A 65 -6.27 -1.21 -1.93
CA LYS A 65 -7.12 -0.12 -1.46
C LYS A 65 -7.33 -0.22 0.05
N GLN A 66 -7.28 -1.40 0.65
CA GLN A 66 -7.31 -1.56 2.09
C GLN A 66 -6.00 -1.33 2.78
N ALA A 67 -4.94 -2.10 2.49
CA ALA A 67 -3.61 -1.84 3.06
C ALA A 67 -3.29 -0.34 3.05
N ALA A 68 -3.60 0.34 1.95
CA ALA A 68 -3.47 1.79 1.83
C ALA A 68 -4.52 2.56 2.64
N LYS A 69 -5.80 2.18 2.59
CA LYS A 69 -6.79 2.79 3.49
C LYS A 69 -6.50 2.62 4.97
N SER A 70 -5.75 1.60 5.36
CA SER A 70 -5.25 1.37 6.72
C SER A 70 -3.89 2.02 6.94
N VAL A 71 -3.38 2.74 5.94
CA VAL A 71 -2.12 3.47 6.02
C VAL A 71 -2.35 4.87 6.56
N ARG A 72 -3.58 5.36 6.47
CA ARG A 72 -3.95 6.66 6.98
C ARG A 72 -4.29 6.62 8.45
N VAL A 73 -4.92 5.52 8.88
CA VAL A 73 -5.36 5.28 10.25
C VAL A 73 -4.20 5.58 11.19
N GLN A 74 -4.26 6.74 11.83
CA GLN A 74 -3.20 7.20 12.72
C GLN A 74 -3.81 7.91 13.92
N GLY A 75 -4.53 7.16 14.75
CA GLY A 75 -5.20 7.71 15.91
C GLY A 75 -6.46 8.46 15.51
N GLN A 76 -6.44 9.79 15.64
CA GLN A 76 -7.58 10.64 15.30
C GLN A 76 -7.22 11.55 14.13
N HIS A 77 -7.58 11.11 12.93
CA HIS A 77 -7.36 11.89 11.71
C HIS A 77 -8.71 12.25 11.08
N GLY A 78 -8.80 12.06 9.77
CA GLY A 78 -9.98 12.35 8.99
C GLY A 78 -9.68 12.37 7.50
N PRO A 79 -10.55 13.02 6.71
CA PRO A 79 -10.41 13.11 5.27
C PRO A 79 -9.32 14.09 4.90
N PHE A 80 -8.19 13.58 4.42
CA PHE A 80 -7.02 14.40 4.06
C PHE A 80 -5.86 13.51 3.63
N GLN A 81 -5.75 12.35 4.28
CA GLN A 81 -4.69 11.41 3.98
C GLN A 81 -5.01 10.69 2.70
N SER A 82 -6.15 9.98 2.60
CA SER A 82 -6.60 9.28 1.39
C SER A 82 -6.30 10.06 0.11
N THR A 83 -6.40 11.38 0.16
CA THR A 83 -5.95 12.25 -0.92
C THR A 83 -4.51 11.92 -1.37
N ARG A 84 -3.50 12.25 -0.56
CA ARG A 84 -2.09 12.05 -0.94
C ARG A 84 -1.69 10.60 -0.84
N ILE A 85 -2.26 9.92 0.15
CA ILE A 85 -2.08 8.49 0.40
C ILE A 85 -2.27 7.73 -0.89
N TYR A 86 -3.32 8.06 -1.64
CA TYR A 86 -3.60 7.47 -2.93
C TYR A 86 -2.73 8.06 -4.01
N GLN A 87 -2.47 9.37 -3.97
CA GLN A 87 -1.58 10.02 -4.92
C GLN A 87 -0.16 9.44 -4.90
N ILE A 88 0.19 8.69 -3.87
CA ILE A 88 1.46 7.99 -3.74
C ILE A 88 1.25 6.50 -3.93
N ALA A 89 0.09 5.97 -3.53
CA ALA A 89 -0.26 4.57 -3.73
C ALA A 89 -0.84 4.30 -5.13
N LYS A 90 -0.66 5.25 -6.05
CA LYS A 90 -1.12 5.17 -7.43
C LYS A 90 0.04 4.97 -8.37
N ASN A 91 1.24 5.41 -7.98
CA ASN A 91 2.49 5.15 -8.69
C ASN A 91 3.07 3.77 -8.35
N LEU A 92 2.39 3.00 -7.52
CA LEU A 92 2.80 1.65 -7.16
C LEU A 92 2.53 0.71 -8.32
N PRO A 93 1.26 0.52 -8.76
CA PRO A 93 0.94 -0.32 -9.90
C PRO A 93 1.38 0.30 -11.24
N ASN A 94 1.99 1.49 -11.22
CA ASN A 94 2.53 2.12 -12.41
C ASN A 94 3.95 1.66 -12.69
N VAL A 95 4.73 1.46 -11.63
CA VAL A 95 6.12 1.02 -11.72
C VAL A 95 6.25 -0.44 -11.33
N CYS A 96 5.19 -1.01 -10.77
CA CYS A 96 5.12 -2.40 -10.40
C CYS A 96 3.86 -2.99 -10.98
N ASN A 97 3.50 -2.67 -12.23
CA ASN A 97 2.32 -3.20 -12.93
C ASN A 97 1.93 -4.58 -12.44
N MET A 98 0.98 -4.60 -11.52
CA MET A 98 0.59 -5.82 -10.83
C MET A 98 -0.89 -6.04 -11.00
N LYS A 99 -1.50 -5.32 -11.93
CA LYS A 99 -2.92 -5.44 -12.19
C LYS A 99 -3.12 -5.08 -13.63
N GLN A 100 -2.97 -6.08 -14.48
CA GLN A 100 -3.18 -5.88 -15.90
C GLN A 100 -4.66 -5.67 -16.18
N ILE A 101 -5.51 -6.57 -15.70
CA ILE A 101 -6.96 -6.50 -15.82
C ILE A 101 -7.44 -5.05 -15.64
N GLY A 102 -7.32 -4.53 -14.43
CA GLY A 102 -7.79 -3.19 -14.12
C GLY A 102 -9.03 -3.24 -13.23
N THR A 103 -8.90 -3.81 -12.04
CA THR A 103 -10.00 -3.85 -11.06
C THR A 103 -10.19 -2.51 -10.34
N CYS A 104 -9.10 -1.86 -9.91
CA CYS A 104 -9.12 -0.52 -9.34
C CYS A 104 -8.27 0.42 -10.24
N PRO A 105 -8.62 0.65 -11.50
CA PRO A 105 -7.85 1.57 -12.36
C PRO A 105 -8.09 3.04 -11.95
N PHE A 106 -7.91 3.34 -10.67
CA PHE A 106 -8.05 4.66 -10.11
C PHE A 106 -6.79 5.45 -10.39
N ILE A 107 -6.92 6.77 -10.43
CA ILE A 107 -5.85 7.71 -10.75
C ILE A 107 -6.37 9.12 -10.94
N ALA A 108 -7.54 9.28 -11.56
CA ALA A 108 -8.24 10.57 -11.71
C ALA A 108 -8.85 11.03 -10.37
N ILE A 109 -7.99 11.18 -9.36
CA ILE A 109 -8.33 11.64 -8.02
C ILE A 109 -7.90 13.10 -7.85
N GLN A 1 -13.82 -5.69 -6.11
CA GLN A 1 -14.70 -6.08 -4.98
C GLN A 1 -14.80 -7.60 -4.90
N PRO A 2 -13.66 -8.29 -4.74
CA PRO A 2 -13.67 -9.74 -4.63
C PRO A 2 -14.31 -10.22 -3.33
N GLN A 3 -14.29 -11.53 -3.11
CA GLN A 3 -14.78 -12.12 -1.87
C GLN A 3 -13.78 -13.10 -1.31
N LYS A 4 -13.16 -13.91 -2.18
CA LYS A 4 -12.17 -14.91 -1.76
C LYS A 4 -10.94 -14.24 -1.22
N CYS A 5 -10.19 -13.53 -2.07
CA CYS A 5 -9.02 -12.77 -1.63
C CYS A 5 -9.46 -11.69 -0.65
N GLN A 6 -10.63 -11.07 -0.83
CA GLN A 6 -11.14 -10.13 0.16
C GLN A 6 -11.35 -10.73 1.54
N ARG A 7 -11.38 -12.05 1.63
CA ARG A 7 -11.43 -12.79 2.86
C ARG A 7 -10.16 -13.54 3.15
N GLU A 8 -9.12 -13.39 2.35
CA GLU A 8 -7.81 -14.03 2.51
C GLU A 8 -6.71 -13.00 2.73
N PHE A 9 -6.94 -11.78 2.26
CA PHE A 9 -6.01 -10.68 2.36
C PHE A 9 -6.12 -10.13 3.76
N GLN A 10 -7.34 -9.89 4.22
CA GLN A 10 -7.56 -9.28 5.52
C GLN A 10 -7.70 -10.36 6.56
N GLN A 11 -7.93 -11.60 6.15
CA GLN A 11 -8.08 -12.73 7.03
C GLN A 11 -7.06 -12.66 8.14
N GLU A 12 -5.80 -12.43 7.74
CA GLU A 12 -4.67 -12.43 8.67
C GLU A 12 -3.34 -12.34 7.93
N GLN A 13 -3.32 -11.63 6.81
CA GLN A 13 -2.13 -11.47 6.01
C GLN A 13 -2.27 -10.23 5.17
N HIS A 14 -2.51 -9.08 5.78
CA HIS A 14 -2.73 -7.82 5.06
C HIS A 14 -1.38 -7.42 4.44
N LEU A 15 -1.18 -6.12 4.28
CA LEU A 15 0.06 -5.62 3.73
C LEU A 15 0.76 -4.75 4.74
N ARG A 16 2.02 -4.43 4.45
CA ARG A 16 2.83 -3.61 5.34
C ARG A 16 3.79 -2.87 4.51
N ALA A 17 4.87 -3.48 4.02
CA ALA A 17 5.82 -2.81 3.12
C ALA A 17 5.13 -1.98 2.00
N CYS A 18 3.84 -2.19 1.71
CA CYS A 18 3.06 -1.49 0.73
C CYS A 18 2.36 -0.33 1.41
N GLN A 19 1.68 -0.61 2.51
CA GLN A 19 1.08 0.42 3.32
C GLN A 19 2.00 1.01 4.41
N GLN A 20 3.30 0.98 4.18
CA GLN A 20 4.31 1.37 5.15
C GLN A 20 5.28 2.30 4.47
N TRP A 21 5.61 2.03 3.21
CA TRP A 21 6.46 2.93 2.45
C TRP A 21 5.78 4.27 2.25
N ILE A 22 4.46 4.25 2.13
CA ILE A 22 3.68 5.47 1.96
C ILE A 22 3.67 6.27 3.26
N ARG A 23 4.00 5.60 4.37
CA ARG A 23 4.16 6.20 5.69
C ARG A 23 5.52 6.86 5.85
N GLN A 24 6.43 6.66 4.90
CA GLN A 24 7.71 7.34 4.87
C GLN A 24 7.59 8.76 4.33
N GLN A 25 6.38 9.25 4.07
CA GLN A 25 6.17 10.63 3.65
C GLN A 25 5.67 11.50 4.79
N LEU A 26 5.40 10.91 5.94
CA LEU A 26 4.83 11.62 7.07
C LEU A 26 5.97 12.37 7.75
N ALA A 27 5.62 13.20 8.71
CA ALA A 27 6.61 13.94 9.47
C ALA A 27 7.19 13.09 10.62
N GLY A 28 7.57 11.85 10.31
CA GLY A 28 8.08 10.94 11.31
C GLY A 28 9.02 9.94 10.70
N SER A 29 10.23 10.39 10.34
CA SER A 29 11.24 9.62 9.65
C SER A 29 12.30 10.56 9.08
N PRO A 30 11.96 11.51 8.22
CA PRO A 30 12.95 12.43 7.67
C PRO A 30 13.41 13.44 8.70
N PHE A 31 14.58 14.04 8.44
CA PHE A 31 15.21 14.98 9.36
C PHE A 31 15.76 16.18 8.59
N SER A 32 16.45 15.89 7.49
CA SER A 32 17.04 16.93 6.66
C SER A 32 17.03 16.47 5.22
N GLU A 33 17.81 15.44 4.89
CA GLU A 33 17.89 14.89 3.53
C GLU A 33 16.49 14.56 2.97
N ASN A 34 16.02 15.38 2.04
CA ASN A 34 14.68 15.22 1.52
C ASN A 34 14.63 13.88 0.81
N GLN A 35 13.77 12.99 1.29
CA GLN A 35 13.60 11.67 0.72
C GLN A 35 12.57 10.91 1.50
N TRP A 36 11.70 10.15 0.82
CA TRP A 36 10.65 9.35 1.45
C TRP A 36 11.24 8.58 2.65
N GLY A 37 12.00 7.54 2.36
CA GLY A 37 12.73 6.83 3.41
C GLY A 37 13.58 5.76 2.78
N PRO A 38 14.54 6.12 1.92
CA PRO A 38 15.41 5.15 1.27
C PRO A 38 16.44 4.66 2.24
N GLN A 39 17.12 5.49 3.01
CA GLN A 39 18.07 5.02 4.02
C GLN A 39 17.38 4.60 5.32
N GLN A 40 16.05 4.67 5.34
CA GLN A 40 15.23 4.26 6.47
C GLN A 40 14.30 3.08 6.12
N GLY A 41 14.29 2.67 4.87
CA GLY A 41 13.48 1.59 4.35
C GLY A 41 13.63 1.51 2.83
N PRO A 42 14.83 1.16 2.35
CA PRO A 42 15.04 0.99 0.92
C PRO A 42 14.43 -0.32 0.42
N SER A 43 14.14 -1.24 1.33
CA SER A 43 13.58 -2.55 1.01
C SER A 43 12.09 -2.53 1.31
N LEU A 44 11.37 -1.70 0.58
CA LEU A 44 9.93 -1.60 0.75
C LEU A 44 9.28 -1.75 -0.59
N ARG A 45 9.81 -1.19 -1.67
CA ARG A 45 9.27 -1.37 -3.01
C ARG A 45 9.43 -2.79 -3.47
N GLU A 46 10.64 -3.28 -3.62
CA GLU A 46 10.85 -4.67 -4.02
C GLU A 46 10.19 -5.68 -3.07
N GLN A 47 9.88 -5.21 -1.85
CA GLN A 47 9.17 -5.99 -0.87
C GLN A 47 7.69 -5.92 -1.08
N CYS A 48 7.07 -4.74 -1.14
CA CYS A 48 5.65 -4.54 -1.37
C CYS A 48 5.28 -4.93 -2.75
N CYS A 49 6.03 -4.53 -3.78
CA CYS A 49 5.85 -4.95 -5.16
C CYS A 49 5.75 -6.47 -5.26
N ASN A 50 6.25 -7.22 -4.26
CA ASN A 50 6.00 -8.64 -4.10
C ASN A 50 4.94 -8.95 -3.06
N GLU A 51 5.00 -8.43 -1.85
CA GLU A 51 4.04 -8.62 -0.77
C GLU A 51 2.62 -8.24 -1.19
N LEU A 52 2.50 -7.42 -2.22
CA LEU A 52 1.25 -6.99 -2.79
C LEU A 52 0.85 -7.95 -3.92
N TYR A 53 1.81 -8.65 -4.51
CA TYR A 53 1.65 -9.47 -5.69
C TYR A 53 1.44 -10.90 -5.26
N GLN A 54 2.11 -11.33 -4.19
CA GLN A 54 1.98 -12.64 -3.58
C GLN A 54 0.53 -12.90 -3.22
N GLU A 55 -0.23 -11.83 -2.96
CA GLU A 55 -1.64 -11.93 -2.67
C GLU A 55 -2.47 -12.08 -3.93
N ASP A 56 -1.85 -12.32 -5.06
CA ASP A 56 -2.44 -12.40 -6.38
C ASP A 56 -2.79 -11.00 -6.91
N GLN A 57 -3.51 -10.94 -8.02
CA GLN A 57 -4.00 -9.69 -8.59
C GLN A 57 -5.33 -9.25 -7.99
N VAL A 58 -6.04 -10.19 -7.40
CA VAL A 58 -7.32 -9.97 -6.77
C VAL A 58 -7.12 -9.35 -5.41
N CYS A 59 -5.87 -9.20 -4.96
CA CYS A 59 -5.48 -8.53 -3.74
C CYS A 59 -4.65 -7.28 -4.03
N VAL A 60 -4.32 -7.08 -5.30
CA VAL A 60 -3.66 -5.87 -5.75
C VAL A 60 -4.60 -4.70 -5.76
N CYS A 61 -5.90 -4.94 -5.69
CA CYS A 61 -6.93 -3.93 -5.68
C CYS A 61 -8.29 -4.58 -5.96
N PRO A 62 -9.39 -3.93 -5.57
CA PRO A 62 -9.33 -2.80 -4.67
C PRO A 62 -8.90 -3.21 -3.27
N THR A 63 -8.56 -4.45 -3.04
CA THR A 63 -8.04 -5.00 -1.79
C THR A 63 -6.88 -4.20 -1.23
N LEU A 64 -5.93 -3.78 -2.06
CA LEU A 64 -4.85 -2.87 -1.63
C LEU A 64 -5.37 -1.57 -1.09
N LYS A 65 -6.47 -1.05 -1.67
CA LYS A 65 -7.22 0.08 -1.13
C LYS A 65 -7.53 -0.11 0.33
N GLN A 66 -7.62 -1.31 0.88
CA GLN A 66 -7.78 -1.62 2.30
C GLN A 66 -6.51 -1.36 3.11
N ALA A 67 -5.39 -1.96 2.70
CA ALA A 67 -4.11 -1.68 3.32
C ALA A 67 -3.71 -0.22 3.15
N ALA A 68 -4.23 0.47 2.14
CA ALA A 68 -3.99 1.88 1.90
C ALA A 68 -5.10 2.75 2.50
N LYS A 69 -6.23 2.15 2.87
CA LYS A 69 -7.37 2.85 3.41
C LYS A 69 -6.98 3.40 4.77
N SER A 70 -6.81 2.51 5.74
CA SER A 70 -6.35 2.90 7.07
C SER A 70 -4.83 2.90 7.10
N VAL A 71 -4.19 3.28 5.99
CA VAL A 71 -2.75 3.37 5.97
C VAL A 71 -2.28 4.32 7.03
N ARG A 72 -3.10 5.27 7.49
CA ARG A 72 -2.79 6.21 8.54
C ARG A 72 -3.79 6.06 9.65
N VAL A 73 -4.98 6.62 9.45
CA VAL A 73 -6.04 6.66 10.45
C VAL A 73 -7.37 6.76 9.73
N GLN A 74 -8.08 5.64 9.66
CA GLN A 74 -9.41 5.60 9.06
C GLN A 74 -10.44 6.29 9.94
N GLY A 75 -10.47 7.62 9.88
CA GLY A 75 -11.40 8.41 10.68
C GLY A 75 -12.20 9.29 9.78
N GLN A 76 -11.51 10.21 9.08
CA GLN A 76 -12.15 11.15 8.18
C GLN A 76 -11.09 12.07 7.58
N HIS A 77 -9.97 11.50 7.10
CA HIS A 77 -8.91 12.28 6.47
C HIS A 77 -9.47 13.07 5.27
N GLY A 78 -9.16 12.64 4.06
CA GLY A 78 -9.56 13.38 2.86
C GLY A 78 -8.39 14.08 2.15
N PRO A 79 -7.71 15.04 2.80
CA PRO A 79 -6.56 15.70 2.23
C PRO A 79 -5.36 14.79 2.24
N PHE A 80 -4.14 15.31 2.13
CA PHE A 80 -2.84 14.64 2.20
C PHE A 80 -2.92 13.16 2.54
N GLN A 81 -3.33 12.85 3.76
CA GLN A 81 -3.67 11.50 4.19
C GLN A 81 -4.91 10.88 3.53
N SER A 82 -4.98 10.87 2.21
CA SER A 82 -6.09 10.45 1.38
C SER A 82 -5.91 10.95 -0.03
N THR A 83 -5.46 12.20 -0.25
CA THR A 83 -5.25 12.70 -1.61
C THR A 83 -3.83 12.44 -2.04
N ARG A 84 -2.89 12.40 -1.10
CA ARG A 84 -1.47 12.15 -1.35
C ARG A 84 -1.22 10.67 -1.37
N ILE A 85 -1.73 9.94 -0.40
CA ILE A 85 -1.50 8.50 -0.32
C ILE A 85 -2.06 7.84 -1.54
N TYR A 86 -3.12 8.38 -2.10
CA TYR A 86 -3.68 7.92 -3.35
C TYR A 86 -2.91 8.44 -4.54
N GLN A 87 -2.20 9.57 -4.43
CA GLN A 87 -1.39 10.14 -5.49
C GLN A 87 0.02 9.57 -5.53
N ILE A 88 0.47 8.96 -4.45
CA ILE A 88 1.80 8.40 -4.35
C ILE A 88 1.63 6.90 -4.40
N ALA A 89 0.50 6.34 -3.98
CA ALA A 89 0.23 4.92 -4.15
C ALA A 89 -0.36 4.60 -5.52
N LYS A 90 -0.38 5.58 -6.43
CA LYS A 90 -0.83 5.40 -7.80
C LYS A 90 0.32 5.09 -8.72
N ASN A 91 1.54 5.48 -8.35
CA ASN A 91 2.76 5.10 -9.06
C ASN A 91 3.31 3.74 -8.63
N LEU A 92 2.55 3.02 -7.81
CA LEU A 92 2.92 1.69 -7.37
C LEU A 92 2.71 0.69 -8.49
N PRO A 93 1.50 0.54 -9.06
CA PRO A 93 1.26 -0.34 -10.20
C PRO A 93 1.87 0.20 -11.50
N ASN A 94 2.49 1.38 -11.47
CA ASN A 94 3.17 1.93 -12.62
C ASN A 94 4.58 1.37 -12.74
N VAL A 95 5.24 1.20 -11.61
CA VAL A 95 6.62 0.70 -11.56
C VAL A 95 6.65 -0.72 -11.04
N CYS A 96 5.51 -1.19 -10.54
CA CYS A 96 5.34 -2.53 -10.02
C CYS A 96 4.11 -3.12 -10.65
N ASN A 97 3.88 -2.93 -11.95
CA ASN A 97 2.72 -3.46 -12.69
C ASN A 97 2.24 -4.77 -12.10
N MET A 98 1.21 -4.69 -11.27
CA MET A 98 0.73 -5.83 -10.50
C MET A 98 -0.75 -5.99 -10.78
N LYS A 99 -1.25 -5.35 -11.83
CA LYS A 99 -2.65 -5.43 -12.17
C LYS A 99 -2.73 -5.26 -13.68
N GLN A 100 -2.79 -6.36 -14.40
CA GLN A 100 -2.96 -6.28 -15.85
C GLN A 100 -4.45 -6.32 -16.22
N ILE A 101 -5.26 -5.54 -15.52
CA ILE A 101 -6.71 -5.56 -15.75
C ILE A 101 -7.24 -4.19 -15.39
N GLY A 102 -7.17 -3.82 -14.11
CA GLY A 102 -7.72 -2.55 -13.64
C GLY A 102 -8.77 -2.73 -12.58
N THR A 103 -8.33 -3.03 -11.37
CA THR A 103 -9.23 -3.36 -10.25
C THR A 103 -9.53 -2.09 -9.49
N CYS A 104 -8.53 -1.26 -9.23
CA CYS A 104 -8.71 0.10 -8.70
C CYS A 104 -8.02 1.13 -9.61
N PRO A 105 -8.49 1.32 -10.85
CA PRO A 105 -7.91 2.30 -11.76
C PRO A 105 -8.27 3.73 -11.36
N PHE A 106 -8.02 4.06 -10.10
CA PHE A 106 -8.25 5.37 -9.55
C PHE A 106 -7.02 6.24 -9.70
N ILE A 107 -5.96 5.76 -10.31
CA ILE A 107 -4.73 6.52 -10.49
C ILE A 107 -4.97 7.91 -11.07
N ALA A 108 -5.93 8.04 -11.99
CA ALA A 108 -6.40 9.31 -12.54
C ALA A 108 -7.22 10.12 -11.49
N ILE A 109 -6.54 10.53 -10.44
CA ILE A 109 -7.11 11.30 -9.33
C ILE A 109 -6.59 12.72 -9.39
N GLN A 1 -14.31 -5.51 -3.48
CA GLN A 1 -15.10 -6.20 -4.52
C GLN A 1 -14.87 -7.70 -4.45
N PRO A 2 -13.64 -8.19 -4.68
CA PRO A 2 -13.36 -9.61 -4.71
C PRO A 2 -13.44 -10.16 -3.27
N GLN A 3 -14.49 -10.91 -2.94
CA GLN A 3 -14.62 -11.49 -1.61
C GLN A 3 -13.69 -12.66 -1.39
N LYS A 4 -13.46 -13.44 -2.46
CA LYS A 4 -12.50 -14.55 -2.42
C LYS A 4 -11.07 -14.11 -2.13
N CYS A 5 -10.81 -12.80 -2.26
CA CYS A 5 -9.55 -12.15 -1.90
C CYS A 5 -9.66 -11.20 -0.70
N GLN A 6 -10.71 -10.38 -0.67
CA GLN A 6 -11.00 -9.52 0.47
C GLN A 6 -11.18 -10.30 1.78
N ARG A 7 -11.49 -11.59 1.68
CA ARG A 7 -11.58 -12.52 2.79
C ARG A 7 -10.32 -13.39 2.95
N GLU A 8 -9.29 -13.14 2.14
CA GLU A 8 -8.00 -13.84 2.20
C GLU A 8 -6.83 -12.88 2.47
N PHE A 9 -6.94 -11.69 1.89
CA PHE A 9 -6.00 -10.62 2.06
C PHE A 9 -6.12 -10.00 3.43
N GLN A 10 -7.39 -9.84 3.90
CA GLN A 10 -7.62 -9.27 5.20
C GLN A 10 -7.83 -10.31 6.26
N GLN A 11 -7.99 -11.56 5.85
CA GLN A 11 -8.14 -12.68 6.74
C GLN A 11 -7.08 -12.61 7.83
N GLU A 12 -5.81 -12.59 7.41
CA GLU A 12 -4.66 -12.65 8.30
C GLU A 12 -3.33 -12.47 7.56
N GLN A 13 -3.37 -11.80 6.40
CA GLN A 13 -2.20 -11.61 5.55
C GLN A 13 -2.30 -10.30 4.77
N HIS A 14 -2.64 -9.23 5.51
CA HIS A 14 -2.79 -7.92 4.89
C HIS A 14 -1.42 -7.43 4.44
N LEU A 15 -1.33 -6.11 4.21
CA LEU A 15 -0.10 -5.51 3.78
C LEU A 15 0.39 -4.56 4.83
N ARG A 16 1.67 -4.19 4.72
CA ARG A 16 2.34 -3.32 5.64
C ARG A 16 3.35 -2.50 4.88
N ALA A 17 4.47 -3.10 4.50
CA ALA A 17 5.50 -2.39 3.79
C ALA A 17 4.91 -1.41 2.75
N CYS A 18 4.02 -1.88 1.89
CA CYS A 18 3.31 -1.07 0.92
C CYS A 18 2.61 0.10 1.56
N GLN A 19 1.76 -0.20 2.53
CA GLN A 19 1.10 0.78 3.34
C GLN A 19 1.92 1.28 4.54
N GLN A 20 3.25 1.29 4.39
CA GLN A 20 4.17 1.65 5.44
C GLN A 20 5.31 2.51 4.96
N TRP A 21 5.86 2.18 3.80
CA TRP A 21 6.83 3.01 3.13
C TRP A 21 6.22 4.37 2.81
N ILE A 22 4.89 4.42 2.65
CA ILE A 22 4.19 5.66 2.41
C ILE A 22 4.26 6.58 3.63
N ARG A 23 4.58 6.02 4.82
CA ARG A 23 4.88 6.81 6.01
C ARG A 23 6.30 7.35 6.03
N GLN A 24 7.13 7.03 5.04
CA GLN A 24 8.45 7.59 4.89
C GLN A 24 8.47 9.00 4.36
N GLN A 25 7.41 9.42 3.64
CA GLN A 25 7.24 10.79 3.19
C GLN A 25 7.07 11.78 4.34
N LEU A 26 6.89 11.29 5.58
CA LEU A 26 6.73 12.08 6.76
C LEU A 26 8.10 12.59 7.22
N ALA A 27 8.09 13.50 8.19
CA ALA A 27 9.32 14.03 8.74
C ALA A 27 9.84 13.17 9.89
N GLY A 28 9.62 11.85 9.82
CA GLY A 28 9.95 10.91 10.88
C GLY A 28 8.80 10.71 11.83
N SER A 29 7.60 10.46 11.28
CA SER A 29 6.36 10.25 12.04
C SER A 29 6.60 9.19 13.15
N PRO A 30 5.87 9.24 14.27
CA PRO A 30 6.04 8.27 15.33
C PRO A 30 5.51 6.91 14.93
N PHE A 31 6.04 5.85 15.57
CA PHE A 31 5.70 4.47 15.29
C PHE A 31 5.43 3.73 16.58
N SER A 32 4.74 2.58 16.48
CA SER A 32 4.50 1.72 17.64
C SER A 32 5.76 1.02 18.12
N GLU A 33 6.85 1.13 17.36
CA GLU A 33 8.14 0.56 17.70
C GLU A 33 9.26 1.52 17.41
N ASN A 34 9.38 1.96 16.14
CA ASN A 34 10.39 2.87 15.64
C ASN A 34 10.44 2.90 14.12
N GLN A 35 10.23 1.73 13.50
CA GLN A 35 10.24 1.59 12.07
C GLN A 35 9.86 0.18 11.69
N TRP A 36 10.08 -0.18 10.43
CA TRP A 36 9.87 -1.53 9.91
C TRP A 36 11.16 -2.32 9.90
N GLY A 37 12.21 -1.83 10.61
CA GLY A 37 13.54 -2.40 10.66
C GLY A 37 14.57 -1.55 9.91
N PRO A 38 14.59 -1.60 8.57
CA PRO A 38 15.48 -0.80 7.76
C PRO A 38 15.03 0.66 7.85
N GLN A 39 15.74 1.48 8.64
CA GLN A 39 15.48 2.91 8.77
C GLN A 39 15.21 3.60 7.45
N GLN A 40 16.15 3.44 6.50
CA GLN A 40 15.97 3.96 5.17
C GLN A 40 14.86 3.25 4.40
N GLY A 41 14.64 1.96 4.74
CA GLY A 41 13.68 1.11 4.09
C GLY A 41 13.97 0.95 2.59
N PRO A 42 15.18 0.48 2.23
CA PRO A 42 15.54 0.27 0.83
C PRO A 42 14.79 -0.88 0.21
N SER A 43 14.42 -1.89 1.03
CA SER A 43 13.68 -3.05 0.58
C SER A 43 12.23 -2.88 1.04
N LEU A 44 11.56 -1.87 0.47
CA LEU A 44 10.16 -1.62 0.76
C LEU A 44 9.37 -1.54 -0.52
N ARG A 45 9.96 -0.91 -1.55
CA ARG A 45 9.33 -0.88 -2.85
C ARG A 45 9.24 -2.26 -3.46
N GLU A 46 10.35 -2.78 -3.95
CA GLU A 46 10.38 -4.12 -4.52
C GLU A 46 9.82 -5.18 -3.59
N GLN A 47 9.83 -4.91 -2.28
CA GLN A 47 9.22 -5.76 -1.28
C GLN A 47 7.71 -5.68 -1.32
N CYS A 48 7.16 -4.47 -1.15
CA CYS A 48 5.72 -4.26 -1.20
C CYS A 48 5.09 -4.51 -2.56
N CYS A 49 5.79 -4.04 -3.61
CA CYS A 49 5.45 -4.29 -4.98
C CYS A 49 5.30 -5.79 -5.26
N ASN A 50 5.86 -6.64 -4.38
CA ASN A 50 5.68 -8.07 -4.35
C ASN A 50 4.77 -8.54 -3.22
N GLU A 51 4.81 -7.88 -2.06
CA GLU A 51 4.01 -8.18 -0.88
C GLU A 51 2.52 -7.97 -1.15
N LEU A 52 2.21 -7.22 -2.22
CA LEU A 52 0.87 -6.96 -2.66
C LEU A 52 0.47 -7.91 -3.78
N TYR A 53 1.49 -8.43 -4.52
CA TYR A 53 1.34 -9.30 -5.65
C TYR A 53 1.23 -10.76 -5.24
N GLN A 54 1.94 -11.11 -4.16
CA GLN A 54 1.91 -12.42 -3.56
C GLN A 54 0.49 -12.89 -3.29
N GLU A 55 -0.43 -11.95 -3.03
CA GLU A 55 -1.83 -12.21 -2.82
C GLU A 55 -2.62 -12.41 -4.11
N ASP A 56 -1.89 -12.53 -5.23
CA ASP A 56 -2.38 -12.65 -6.58
C ASP A 56 -2.82 -11.30 -7.13
N GLN A 57 -3.48 -11.29 -8.31
CA GLN A 57 -4.01 -10.08 -8.89
C GLN A 57 -5.38 -9.74 -8.35
N VAL A 58 -6.11 -10.75 -7.88
CA VAL A 58 -7.43 -10.61 -7.29
C VAL A 58 -7.38 -9.92 -5.93
N CYS A 59 -6.16 -9.80 -5.37
CA CYS A 59 -5.90 -9.10 -4.14
C CYS A 59 -5.06 -7.87 -4.36
N VAL A 60 -4.36 -7.80 -5.51
CA VAL A 60 -3.66 -6.59 -5.93
C VAL A 60 -4.52 -5.36 -5.81
N CYS A 61 -5.84 -5.53 -5.97
CA CYS A 61 -6.81 -4.53 -5.74
C CYS A 61 -8.26 -5.07 -5.97
N PRO A 62 -9.28 -4.21 -5.72
CA PRO A 62 -9.14 -2.99 -4.94
C PRO A 62 -8.75 -3.26 -3.47
N THR A 63 -8.59 -4.54 -3.09
CA THR A 63 -8.14 -4.94 -1.78
C THR A 63 -7.01 -4.09 -1.19
N LEU A 64 -5.95 -3.84 -1.99
CA LEU A 64 -4.88 -2.92 -1.61
C LEU A 64 -5.38 -1.61 -1.03
N LYS A 65 -6.46 -1.06 -1.64
CA LYS A 65 -7.16 0.12 -1.16
C LYS A 65 -7.35 0.06 0.34
N GLN A 66 -7.71 -1.11 0.87
CA GLN A 66 -7.80 -1.34 2.30
C GLN A 66 -6.50 -1.12 3.08
N ALA A 67 -5.43 -1.82 2.68
CA ALA A 67 -4.10 -1.56 3.22
C ALA A 67 -3.74 -0.07 3.14
N ALA A 68 -4.27 0.62 2.12
CA ALA A 68 -4.06 2.04 1.88
C ALA A 68 -5.00 2.91 2.73
N LYS A 69 -6.16 2.33 3.12
CA LYS A 69 -7.16 2.98 3.92
C LYS A 69 -6.64 3.23 5.34
N SER A 70 -6.00 2.20 5.89
CA SER A 70 -5.30 2.23 7.17
C SER A 70 -3.81 2.42 7.01
N VAL A 71 -3.40 3.05 5.89
CA VAL A 71 -1.99 3.34 5.68
C VAL A 71 -1.43 4.32 6.70
N ARG A 72 -2.32 5.07 7.36
CA ARG A 72 -1.99 6.01 8.39
C ARG A 72 -2.99 5.90 9.48
N VAL A 73 -4.11 6.62 9.31
CA VAL A 73 -5.19 6.72 10.26
C VAL A 73 -6.43 7.22 9.52
N GLN A 74 -7.61 6.73 9.95
CA GLN A 74 -8.92 7.08 9.45
C GLN A 74 -9.66 8.03 10.39
N GLY A 75 -9.15 9.26 10.52
CA GLY A 75 -9.76 10.27 11.37
C GLY A 75 -8.77 10.83 12.36
N GLN A 76 -7.77 11.58 11.84
CA GLN A 76 -6.77 12.22 12.69
C GLN A 76 -5.99 13.31 11.95
N HIS A 77 -6.68 14.02 11.06
CA HIS A 77 -6.14 15.04 10.17
C HIS A 77 -7.15 15.49 9.15
N GLY A 78 -8.08 14.60 8.80
CA GLY A 78 -9.12 14.89 7.82
C GLY A 78 -8.61 14.70 6.39
N PRO A 79 -9.06 15.52 5.42
CA PRO A 79 -8.65 15.45 4.03
C PRO A 79 -7.23 15.94 3.84
N PHE A 80 -6.27 15.01 3.80
CA PHE A 80 -4.87 15.34 3.66
C PHE A 80 -4.02 14.14 3.33
N GLN A 81 -4.14 13.11 4.20
CA GLN A 81 -3.46 11.86 3.99
C GLN A 81 -3.91 11.23 2.68
N SER A 82 -5.18 10.76 2.66
CA SER A 82 -5.78 10.13 1.47
C SER A 82 -5.22 10.76 0.20
N THR A 83 -5.30 12.08 0.06
CA THR A 83 -4.72 12.80 -1.07
C THR A 83 -3.39 12.22 -1.52
N ARG A 84 -2.31 12.47 -0.75
CA ARG A 84 -1.00 11.98 -1.10
C ARG A 84 -0.91 10.49 -1.00
N ILE A 85 -1.50 9.94 0.07
CA ILE A 85 -1.62 8.51 0.29
C ILE A 85 -2.06 7.75 -0.95
N TYR A 86 -2.90 8.40 -1.76
CA TYR A 86 -3.41 7.93 -3.01
C TYR A 86 -2.52 8.38 -4.17
N GLN A 87 -2.28 9.68 -4.35
CA GLN A 87 -1.48 10.21 -5.43
C GLN A 87 -0.10 9.57 -5.55
N ILE A 88 0.44 9.13 -4.42
CA ILE A 88 1.65 8.38 -4.29
C ILE A 88 1.39 6.91 -4.59
N ALA A 89 0.31 6.34 -4.04
CA ALA A 89 -0.11 4.98 -4.31
C ALA A 89 -0.70 4.84 -5.70
N LYS A 90 -0.78 5.93 -6.47
CA LYS A 90 -1.25 5.93 -7.84
C LYS A 90 -0.18 5.36 -8.76
N ASN A 91 1.09 5.74 -8.48
CA ASN A 91 2.25 5.29 -9.20
C ASN A 91 2.86 4.05 -8.55
N LEU A 92 2.13 3.45 -7.61
CA LEU A 92 2.54 2.22 -6.97
C LEU A 92 2.39 1.09 -7.98
N PRO A 93 1.15 0.79 -8.41
CA PRO A 93 0.93 -0.29 -9.34
C PRO A 93 1.46 -0.02 -10.75
N ASN A 94 1.83 1.23 -11.03
CA ASN A 94 2.42 1.64 -12.27
C ASN A 94 3.85 1.15 -12.41
N VAL A 95 4.61 1.25 -11.32
CA VAL A 95 6.01 0.85 -11.25
C VAL A 95 6.15 -0.50 -10.55
N CYS A 96 5.07 -1.00 -9.94
CA CYS A 96 5.00 -2.28 -9.28
C CYS A 96 4.01 -3.23 -10.01
N ASN A 97 3.94 -3.08 -11.34
CA ASN A 97 3.11 -3.86 -12.24
C ASN A 97 2.64 -5.16 -11.60
N MET A 98 1.33 -5.26 -11.47
CA MET A 98 0.73 -6.35 -10.71
C MET A 98 -0.73 -6.54 -11.08
N LYS A 99 -1.11 -6.14 -12.29
CA LYS A 99 -2.49 -6.20 -12.73
C LYS A 99 -2.44 -6.08 -14.23
N GLN A 100 -2.58 -7.22 -14.89
CA GLN A 100 -2.71 -7.24 -16.34
C GLN A 100 -4.13 -6.97 -16.82
N ILE A 101 -5.09 -6.93 -15.88
CA ILE A 101 -6.50 -6.75 -16.17
C ILE A 101 -6.95 -5.33 -15.81
N GLY A 102 -7.39 -5.12 -14.56
CA GLY A 102 -7.93 -3.89 -14.09
C GLY A 102 -8.77 -4.04 -12.83
N THR A 103 -8.09 -3.94 -11.70
CA THR A 103 -8.64 -4.14 -10.37
C THR A 103 -9.02 -2.82 -9.73
N CYS A 104 -8.02 -1.95 -9.45
CA CYS A 104 -8.24 -0.58 -9.04
C CYS A 104 -7.46 0.37 -9.95
N PRO A 105 -7.82 0.51 -11.24
CA PRO A 105 -7.14 1.43 -12.15
C PRO A 105 -7.52 2.89 -11.86
N PHE A 106 -7.40 3.31 -10.59
CA PHE A 106 -7.71 4.63 -10.12
C PHE A 106 -6.50 5.52 -10.33
N ILE A 107 -6.65 6.60 -11.09
CA ILE A 107 -5.58 7.55 -11.33
C ILE A 107 -6.19 8.77 -12.01
N ALA A 108 -5.94 9.94 -11.43
CA ALA A 108 -6.47 11.23 -11.85
C ALA A 108 -6.45 12.29 -10.76
N ILE A 109 -6.45 11.84 -9.50
CA ILE A 109 -6.35 12.65 -8.28
C ILE A 109 -5.03 13.47 -8.26
N GLN A 1 -10.74 -16.12 -4.42
CA GLN A 1 -10.12 -15.75 -5.70
C GLN A 1 -10.66 -14.41 -6.17
N PRO A 2 -11.96 -14.21 -6.45
CA PRO A 2 -12.51 -12.93 -6.93
C PRO A 2 -12.47 -11.84 -5.86
N GLN A 3 -13.28 -10.78 -5.97
CA GLN A 3 -13.38 -9.74 -4.94
C GLN A 3 -13.49 -10.27 -3.51
N LYS A 4 -14.01 -11.48 -3.31
CA LYS A 4 -13.96 -12.17 -2.03
C LYS A 4 -12.58 -12.16 -1.37
N CYS A 5 -11.51 -12.14 -2.17
CA CYS A 5 -10.14 -11.90 -1.77
C CYS A 5 -10.03 -10.59 -1.04
N GLN A 6 -10.55 -9.46 -1.53
CA GLN A 6 -10.52 -8.17 -0.81
C GLN A 6 -10.88 -8.28 0.67
N ARG A 7 -11.74 -9.24 0.99
CA ARG A 7 -12.05 -9.62 2.36
C ARG A 7 -11.05 -10.59 2.97
N GLU A 8 -10.73 -11.68 2.27
CA GLU A 8 -9.71 -12.65 2.69
C GLU A 8 -8.29 -12.07 2.84
N PHE A 9 -8.04 -10.96 2.17
CA PHE A 9 -6.80 -10.25 2.17
C PHE A 9 -6.56 -9.67 3.55
N GLN A 10 -7.61 -9.00 4.04
CA GLN A 10 -7.55 -8.35 5.34
C GLN A 10 -7.82 -9.36 6.44
N GLN A 11 -8.22 -10.58 6.09
CA GLN A 11 -8.45 -11.65 7.04
C GLN A 11 -7.30 -11.74 8.01
N GLU A 12 -6.08 -11.78 7.49
CA GLU A 12 -4.84 -12.02 8.24
C GLU A 12 -3.60 -12.09 7.34
N GLN A 13 -3.64 -11.39 6.21
CA GLN A 13 -2.54 -11.40 5.26
C GLN A 13 -2.42 -10.10 4.50
N HIS A 14 -2.54 -8.98 5.22
CA HIS A 14 -2.56 -7.66 4.61
C HIS A 14 -1.12 -7.35 4.14
N LEU A 15 -0.86 -6.07 3.91
CA LEU A 15 0.44 -5.61 3.46
C LEU A 15 1.07 -4.77 4.55
N ARG A 16 2.34 -4.47 4.37
CA ARG A 16 3.18 -3.74 5.31
C ARG A 16 4.09 -2.86 4.53
N ALA A 17 5.26 -3.31 4.11
CA ALA A 17 6.20 -2.53 3.34
C ALA A 17 5.49 -1.65 2.27
N CYS A 18 4.46 -2.16 1.62
CA CYS A 18 3.62 -1.42 0.69
C CYS A 18 2.84 -0.29 1.40
N GLN A 19 2.09 -0.65 2.42
CA GLN A 19 1.43 0.31 3.30
C GLN A 19 2.31 0.89 4.40
N GLN A 20 3.63 0.94 4.22
CA GLN A 20 4.59 1.37 5.24
C GLN A 20 5.60 2.30 4.63
N TRP A 21 6.02 2.03 3.41
CA TRP A 21 6.86 2.97 2.69
C TRP A 21 6.14 4.31 2.59
N ILE A 22 4.82 4.33 2.41
CA ILE A 22 4.09 5.59 2.32
C ILE A 22 4.10 6.32 3.66
N ARG A 23 4.09 5.54 4.75
CA ARG A 23 4.32 6.05 6.09
C ARG A 23 5.72 6.59 6.32
N GLN A 24 6.66 6.37 5.40
CA GLN A 24 7.97 6.99 5.50
C GLN A 24 7.89 8.51 5.34
N GLN A 25 6.77 9.08 4.88
CA GLN A 25 6.64 10.53 4.80
C GLN A 25 6.41 11.17 6.17
N LEU A 26 6.02 10.37 7.17
CA LEU A 26 5.65 10.88 8.46
C LEU A 26 6.57 10.25 9.49
N ALA A 27 6.70 10.90 10.64
CA ALA A 27 7.46 10.33 11.74
C ALA A 27 6.96 8.94 12.15
N GLY A 28 5.71 8.61 11.84
CA GLY A 28 5.11 7.30 12.07
C GLY A 28 5.45 6.33 10.97
N SER A 29 6.15 5.23 11.29
CA SER A 29 6.71 4.21 10.38
C SER A 29 7.82 3.44 11.08
N PRO A 30 8.89 4.10 11.58
CA PRO A 30 9.97 3.41 12.26
C PRO A 30 9.54 2.99 13.67
N PHE A 31 10.22 1.98 14.19
CA PHE A 31 9.93 1.39 15.50
C PHE A 31 11.16 1.34 16.40
N SER A 32 12.26 1.93 15.94
CA SER A 32 13.56 1.92 16.58
C SER A 32 14.56 2.65 15.70
N GLU A 33 15.83 2.64 16.11
CA GLU A 33 16.97 3.25 15.41
C GLU A 33 16.96 2.90 13.92
N ASN A 34 16.35 3.77 13.13
CA ASN A 34 16.13 3.59 11.72
C ASN A 34 15.58 4.89 11.12
N GLN A 35 15.90 5.12 9.86
CA GLN A 35 15.38 6.24 9.10
C GLN A 35 14.02 5.96 8.47
N TRP A 36 13.74 6.66 7.39
CA TRP A 36 12.57 6.41 6.58
C TRP A 36 12.97 6.32 5.13
N GLY A 37 13.85 7.26 4.69
CA GLY A 37 14.20 7.41 3.30
C GLY A 37 14.77 6.11 2.76
N PRO A 38 15.03 6.03 1.45
CA PRO A 38 15.62 4.84 0.86
C PRO A 38 17.09 4.65 1.26
N GLN A 39 17.39 4.62 2.55
CA GLN A 39 18.69 4.43 3.14
C GLN A 39 18.64 3.36 4.21
N GLN A 40 17.65 3.43 5.10
CA GLN A 40 17.52 2.44 6.15
C GLN A 40 16.53 1.34 5.81
N GLY A 41 15.55 1.65 4.95
CA GLY A 41 14.59 0.69 4.41
C GLY A 41 14.35 0.98 2.93
N PRO A 42 15.37 0.90 2.06
CA PRO A 42 15.15 1.08 0.62
C PRO A 42 14.40 -0.09 -0.01
N SER A 43 14.44 -1.26 0.64
CA SER A 43 13.77 -2.50 0.19
C SER A 43 12.29 -2.45 0.56
N LEU A 44 11.56 -1.56 -0.09
CA LEU A 44 10.12 -1.38 0.14
C LEU A 44 9.42 -1.36 -1.19
N ARG A 45 9.96 -0.67 -2.19
CA ARG A 45 9.38 -0.67 -3.54
C ARG A 45 9.50 -1.99 -4.22
N GLU A 46 10.66 -2.63 -4.10
CA GLU A 46 10.89 -3.95 -4.68
C GLU A 46 10.28 -5.04 -3.82
N GLN A 47 10.19 -4.77 -2.50
CA GLN A 47 9.57 -5.71 -1.59
C GLN A 47 8.07 -5.70 -1.74
N CYS A 48 7.42 -4.53 -1.70
CA CYS A 48 5.99 -4.42 -1.96
C CYS A 48 5.64 -4.96 -3.31
N CYS A 49 6.49 -4.77 -4.32
CA CYS A 49 6.30 -5.37 -5.63
C CYS A 49 6.18 -6.92 -5.57
N ASN A 50 6.52 -7.54 -4.44
CA ASN A 50 6.36 -8.97 -4.14
C ASN A 50 5.41 -9.27 -2.99
N GLU A 51 5.48 -8.50 -1.91
CA GLU A 51 4.62 -8.60 -0.76
C GLU A 51 3.15 -8.32 -1.15
N LEU A 52 2.91 -7.66 -2.28
CA LEU A 52 1.57 -7.43 -2.79
C LEU A 52 1.23 -8.48 -3.86
N TYR A 53 2.20 -9.32 -4.23
CA TYR A 53 2.12 -10.33 -5.30
C TYR A 53 2.00 -11.73 -4.70
N GLN A 54 1.80 -11.81 -3.39
CA GLN A 54 1.65 -13.06 -2.66
C GLN A 54 0.18 -13.43 -2.51
N GLU A 55 -0.69 -12.43 -2.40
CA GLU A 55 -2.12 -12.65 -2.29
C GLU A 55 -2.77 -12.85 -3.64
N ASP A 56 -1.99 -13.13 -4.69
CA ASP A 56 -2.42 -13.30 -6.08
C ASP A 56 -2.56 -11.92 -6.74
N GLN A 57 -3.10 -11.89 -7.95
CA GLN A 57 -3.43 -10.67 -8.67
C GLN A 57 -4.77 -10.09 -8.27
N VAL A 58 -5.65 -10.93 -7.75
CA VAL A 58 -6.97 -10.50 -7.31
C VAL A 58 -6.92 -9.77 -5.98
N CYS A 59 -5.74 -9.75 -5.36
CA CYS A 59 -5.42 -9.05 -4.13
C CYS A 59 -4.38 -7.95 -4.35
N VAL A 60 -4.19 -7.58 -5.62
CA VAL A 60 -3.33 -6.46 -5.99
C VAL A 60 -4.07 -5.16 -6.01
N CYS A 61 -5.39 -5.20 -6.23
CA CYS A 61 -6.23 -4.04 -6.27
C CYS A 61 -7.69 -4.44 -6.59
N PRO A 62 -8.65 -3.61 -6.13
CA PRO A 62 -8.39 -2.48 -5.25
C PRO A 62 -8.03 -2.90 -3.84
N THR A 63 -7.82 -4.18 -3.59
CA THR A 63 -7.30 -4.76 -2.35
C THR A 63 -6.15 -4.00 -1.71
N LEU A 64 -5.18 -3.55 -2.49
CA LEU A 64 -4.13 -2.66 -2.00
C LEU A 64 -4.67 -1.42 -1.29
N LYS A 65 -5.73 -0.81 -1.83
CA LYS A 65 -6.49 0.28 -1.20
C LYS A 65 -6.82 -0.04 0.25
N GLN A 66 -7.11 -1.30 0.58
CA GLN A 66 -7.33 -1.75 1.95
C GLN A 66 -6.13 -1.55 2.87
N ALA A 67 -4.98 -2.15 2.56
CA ALA A 67 -3.74 -1.85 3.27
C ALA A 67 -3.39 -0.36 3.21
N ALA A 68 -3.85 0.35 2.17
CA ALA A 68 -3.70 1.79 2.00
C ALA A 68 -4.68 2.59 2.89
N LYS A 69 -5.65 1.90 3.50
CA LYS A 69 -6.62 2.51 4.40
C LYS A 69 -6.00 2.75 5.76
N SER A 70 -5.29 1.76 6.33
CA SER A 70 -4.50 1.90 7.56
C SER A 70 -3.12 2.52 7.32
N VAL A 71 -2.84 2.91 6.07
CA VAL A 71 -1.60 3.61 5.75
C VAL A 71 -1.53 4.99 6.42
N ARG A 72 -2.66 5.47 6.94
CA ARG A 72 -2.79 6.74 7.62
C ARG A 72 -2.85 6.48 9.10
N VAL A 73 -4.06 6.26 9.59
CA VAL A 73 -4.38 6.03 10.99
C VAL A 73 -5.62 5.15 11.01
N GLN A 74 -5.91 4.57 12.19
CA GLN A 74 -7.15 3.86 12.50
C GLN A 74 -8.38 4.61 12.02
N GLY A 75 -9.55 3.96 12.10
CA GLY A 75 -10.83 4.54 11.72
C GLY A 75 -11.30 5.65 12.66
N GLN A 76 -10.49 6.70 12.82
CA GLN A 76 -10.69 7.86 13.66
C GLN A 76 -9.97 9.10 13.10
N HIS A 77 -9.56 9.04 11.82
CA HIS A 77 -8.92 10.16 11.14
C HIS A 77 -9.98 11.02 10.45
N GLY A 78 -9.74 11.36 9.20
CA GLY A 78 -10.61 12.18 8.39
C GLY A 78 -10.02 12.43 7.02
N PRO A 79 -10.62 13.35 6.25
CA PRO A 79 -10.20 13.70 4.90
C PRO A 79 -8.91 14.52 4.94
N PHE A 80 -7.77 13.85 4.74
CA PHE A 80 -6.46 14.51 4.80
C PHE A 80 -5.40 13.60 4.21
N GLN A 81 -5.29 12.41 4.79
CA GLN A 81 -4.29 11.47 4.38
C GLN A 81 -4.77 10.75 3.15
N SER A 82 -5.91 10.05 3.21
CA SER A 82 -6.54 9.39 2.07
C SER A 82 -6.47 10.21 0.78
N THR A 83 -6.53 11.53 0.89
CA THR A 83 -6.22 12.42 -0.24
C THR A 83 -4.89 12.09 -0.89
N ARG A 84 -3.75 12.37 -0.25
CA ARG A 84 -2.42 12.15 -0.82
C ARG A 84 -2.04 10.68 -0.76
N ILE A 85 -2.44 9.99 0.29
CA ILE A 85 -2.22 8.57 0.47
C ILE A 85 -2.61 7.83 -0.77
N TYR A 86 -3.83 8.05 -1.28
CA TYR A 86 -4.31 7.45 -2.50
C TYR A 86 -3.65 8.07 -3.71
N GLN A 87 -3.39 9.38 -3.67
CA GLN A 87 -2.69 10.05 -4.76
C GLN A 87 -1.23 9.58 -4.91
N ILE A 88 -0.70 8.85 -3.94
CA ILE A 88 0.65 8.34 -3.92
C ILE A 88 0.60 6.81 -3.94
N ALA A 89 -0.48 6.20 -3.46
CA ALA A 89 -0.72 4.78 -3.56
C ALA A 89 -1.39 4.40 -4.89
N LYS A 90 -1.48 5.35 -5.81
CA LYS A 90 -2.05 5.14 -7.15
C LYS A 90 -0.96 4.88 -8.15
N ASN A 91 0.19 5.54 -8.05
CA ASN A 91 1.37 5.28 -8.85
C ASN A 91 2.22 4.14 -8.26
N LEU A 92 1.67 3.37 -7.33
CA LEU A 92 2.35 2.21 -6.78
C LEU A 92 2.30 1.06 -7.80
N PRO A 93 1.11 0.54 -8.16
CA PRO A 93 0.96 -0.52 -9.15
C PRO A 93 1.20 -0.04 -10.57
N ASN A 94 0.97 1.23 -10.87
CA ASN A 94 1.34 1.77 -12.20
C ASN A 94 2.84 1.65 -12.51
N VAL A 95 3.65 1.44 -11.47
CA VAL A 95 5.10 1.34 -11.53
C VAL A 95 5.57 -0.05 -11.06
N CYS A 96 4.66 -0.81 -10.46
CA CYS A 96 4.90 -2.18 -10.03
C CYS A 96 3.92 -3.13 -10.70
N ASN A 97 3.48 -2.85 -11.93
CA ASN A 97 2.45 -3.61 -12.68
C ASN A 97 2.30 -5.03 -12.16
N MET A 98 1.23 -5.23 -11.41
CA MET A 98 1.04 -6.46 -10.66
C MET A 98 -0.37 -6.98 -10.85
N LYS A 99 -1.02 -6.57 -11.93
CA LYS A 99 -2.40 -6.95 -12.22
C LYS A 99 -2.64 -6.78 -13.69
N GLN A 100 -2.51 -7.88 -14.43
CA GLN A 100 -2.78 -7.92 -15.86
C GLN A 100 -4.27 -8.16 -16.16
N ILE A 101 -5.13 -7.53 -15.36
CA ILE A 101 -6.58 -7.68 -15.47
C ILE A 101 -7.26 -6.34 -15.25
N GLY A 102 -7.03 -5.73 -14.08
CA GLY A 102 -7.65 -4.45 -13.74
C GLY A 102 -6.81 -3.69 -12.74
N THR A 103 -5.73 -3.10 -13.24
CA THR A 103 -4.69 -2.40 -12.48
C THR A 103 -5.28 -1.12 -11.94
N CYS A 104 -5.72 -1.15 -10.67
CA CYS A 104 -6.45 -0.11 -9.94
C CYS A 104 -6.62 1.14 -10.80
N PRO A 105 -7.57 1.11 -11.76
CA PRO A 105 -7.68 2.14 -12.80
C PRO A 105 -8.38 3.35 -12.20
N PHE A 106 -7.86 3.82 -11.08
CA PHE A 106 -8.39 4.90 -10.29
C PHE A 106 -7.34 5.98 -10.24
N ILE A 107 -7.81 7.19 -9.93
CA ILE A 107 -6.99 8.39 -9.81
C ILE A 107 -7.82 9.64 -9.58
N ALA A 108 -9.02 9.70 -10.17
CA ALA A 108 -9.97 10.78 -9.99
C ALA A 108 -10.52 10.78 -8.55
N ILE A 109 -9.74 11.35 -7.63
CA ILE A 109 -10.01 11.43 -6.19
C ILE A 109 -9.97 12.88 -5.73
N GLN A 1 -12.09 -7.78 -9.16
CA GLN A 1 -12.31 -7.20 -7.81
C GLN A 1 -13.32 -8.04 -7.03
N PRO A 2 -13.09 -9.35 -6.92
CA PRO A 2 -13.99 -10.24 -6.21
C PRO A 2 -13.96 -9.97 -4.71
N GLN A 3 -14.50 -10.90 -3.92
CA GLN A 3 -14.50 -10.80 -2.47
C GLN A 3 -13.73 -11.93 -1.81
N LYS A 4 -13.60 -13.07 -2.49
CA LYS A 4 -12.82 -14.21 -1.98
C LYS A 4 -11.45 -13.78 -1.48
N CYS A 5 -10.71 -13.06 -2.34
CA CYS A 5 -9.45 -12.47 -1.93
C CYS A 5 -9.67 -11.35 -0.92
N GLN A 6 -10.70 -10.51 -1.05
CA GLN A 6 -11.01 -9.50 -0.04
C GLN A 6 -11.19 -10.08 1.37
N ARG A 7 -11.57 -11.37 1.46
CA ARG A 7 -11.66 -12.12 2.70
C ARG A 7 -10.44 -12.97 2.97
N GLU A 8 -9.41 -12.87 2.16
CA GLU A 8 -8.13 -13.59 2.27
C GLU A 8 -6.96 -12.63 2.46
N PHE A 9 -7.10 -11.42 1.94
CA PHE A 9 -6.09 -10.39 2.01
C PHE A 9 -6.11 -9.79 3.40
N GLN A 10 -7.31 -9.50 3.90
CA GLN A 10 -7.47 -8.87 5.18
C GLN A 10 -7.68 -9.91 6.25
N GLN A 11 -8.00 -11.14 5.85
CA GLN A 11 -8.21 -12.24 6.76
C GLN A 11 -7.14 -12.23 7.83
N GLU A 12 -5.87 -12.12 7.41
CA GLU A 12 -4.71 -12.20 8.28
C GLU A 12 -3.41 -12.20 7.49
N GLN A 13 -3.40 -11.49 6.37
CA GLN A 13 -2.22 -11.43 5.53
C GLN A 13 -2.19 -10.16 4.73
N HIS A 14 -2.41 -9.02 5.37
CA HIS A 14 -2.53 -7.73 4.69
C HIS A 14 -1.14 -7.38 4.14
N LEU A 15 -0.88 -6.09 3.99
CA LEU A 15 0.41 -5.63 3.53
C LEU A 15 1.04 -4.77 4.60
N ARG A 16 2.31 -4.48 4.42
CA ARG A 16 3.13 -3.68 5.31
C ARG A 16 4.05 -2.84 4.52
N ALA A 17 5.32 -3.19 4.30
CA ALA A 17 6.26 -2.45 3.50
C ALA A 17 5.58 -1.66 2.36
N CYS A 18 4.85 -2.31 1.46
CA CYS A 18 4.03 -1.69 0.46
C CYS A 18 3.05 -0.66 1.04
N GLN A 19 2.19 -1.08 1.95
CA GLN A 19 1.33 -0.18 2.71
C GLN A 19 2.01 0.48 3.91
N GLN A 20 3.28 0.84 3.81
CA GLN A 20 4.05 1.36 4.92
C GLN A 20 5.05 2.36 4.45
N TRP A 21 5.80 2.04 3.40
CA TRP A 21 6.70 2.97 2.75
C TRP A 21 5.98 4.25 2.38
N ILE A 22 4.67 4.15 2.08
CA ILE A 22 3.82 5.28 1.75
C ILE A 22 3.86 6.33 2.87
N ARG A 23 4.16 5.87 4.09
CA ARG A 23 4.39 6.68 5.26
C ARG A 23 5.83 6.79 5.65
N GLN A 24 6.65 5.77 5.45
CA GLN A 24 8.07 5.80 5.77
C GLN A 24 8.79 6.96 5.08
N GLN A 25 8.21 7.45 3.98
CA GLN A 25 8.70 8.64 3.30
C GLN A 25 8.63 9.90 4.17
N LEU A 26 7.92 9.84 5.29
CA LEU A 26 7.79 10.90 6.26
C LEU A 26 8.11 10.35 7.64
N ALA A 27 8.71 11.21 8.45
CA ALA A 27 9.01 10.90 9.83
C ALA A 27 7.78 11.12 10.74
N GLY A 28 6.62 11.40 10.12
CA GLY A 28 5.36 11.63 10.81
C GLY A 28 4.79 10.36 11.42
N SER A 29 4.42 9.38 10.59
CA SER A 29 3.98 8.06 11.08
C SER A 29 4.84 7.54 12.25
N PRO A 30 6.17 7.44 12.06
CA PRO A 30 7.11 7.07 13.11
C PRO A 30 7.36 8.21 14.08
N PHE A 31 8.33 8.03 14.97
CA PHE A 31 8.60 8.99 16.03
C PHE A 31 9.76 8.52 16.90
N SER A 32 9.85 7.21 17.12
CA SER A 32 10.90 6.59 17.91
C SER A 32 12.07 6.18 17.02
N GLU A 33 11.87 6.22 15.70
CA GLU A 33 12.89 5.87 14.75
C GLU A 33 12.58 6.54 13.42
N ASN A 34 13.38 7.54 13.05
CA ASN A 34 13.21 8.27 11.80
C ASN A 34 12.87 7.31 10.65
N GLN A 35 13.71 6.29 10.50
CA GLN A 35 13.48 5.23 9.53
C GLN A 35 14.18 3.98 10.01
N TRP A 36 13.76 2.85 9.43
CA TRP A 36 14.39 1.54 9.69
C TRP A 36 15.91 1.59 9.46
N GLY A 37 16.34 2.55 8.65
CA GLY A 37 17.74 2.83 8.36
C GLY A 37 17.87 3.58 7.05
N PRO A 38 17.36 3.02 5.94
CA PRO A 38 17.42 3.66 4.64
C PRO A 38 16.44 4.82 4.62
N GLN A 39 16.93 6.04 4.77
CA GLN A 39 16.11 7.25 4.73
C GLN A 39 15.18 7.26 3.53
N GLN A 40 15.77 7.15 2.34
CA GLN A 40 14.99 7.07 1.13
C GLN A 40 14.13 5.80 1.07
N GLY A 41 14.56 4.75 1.78
CA GLY A 41 13.89 3.46 1.87
C GLY A 41 13.70 2.88 0.46
N PRO A 42 14.81 2.67 -0.27
CA PRO A 42 14.75 2.16 -1.62
C PRO A 42 14.37 0.69 -1.64
N SER A 43 15.01 -0.11 -0.78
CA SER A 43 14.80 -1.55 -0.64
C SER A 43 13.43 -1.81 -0.02
N LEU A 44 12.39 -1.54 -0.78
CA LEU A 44 11.03 -1.67 -0.33
C LEU A 44 10.17 -1.89 -1.52
N ARG A 45 10.41 -1.25 -2.67
CA ARG A 45 9.66 -1.49 -3.90
C ARG A 45 9.70 -2.92 -4.30
N GLU A 46 10.87 -3.51 -4.46
CA GLU A 46 11.02 -4.91 -4.84
C GLU A 46 10.22 -5.82 -3.91
N GLN A 47 10.37 -5.59 -2.60
CA GLN A 47 9.65 -6.34 -1.60
C GLN A 47 8.19 -6.04 -1.67
N CYS A 48 7.72 -4.79 -1.68
CA CYS A 48 6.34 -4.40 -1.85
C CYS A 48 5.78 -4.93 -3.15
N CYS A 49 6.60 -5.10 -4.18
CA CYS A 49 6.24 -5.72 -5.44
C CYS A 49 6.11 -7.24 -5.30
N ASN A 50 6.31 -7.75 -4.09
CA ASN A 50 6.17 -9.14 -3.71
C ASN A 50 5.26 -9.30 -2.53
N GLU A 51 5.36 -8.49 -1.50
CA GLU A 51 4.53 -8.50 -0.31
C GLU A 51 3.10 -8.10 -0.67
N LEU A 52 2.93 -7.37 -1.78
CA LEU A 52 1.61 -7.03 -2.26
C LEU A 52 1.14 -8.04 -3.29
N TYR A 53 2.08 -8.70 -3.96
CA TYR A 53 1.83 -9.56 -5.10
C TYR A 53 1.64 -10.97 -4.60
N GLN A 54 2.19 -11.28 -3.44
CA GLN A 54 2.09 -12.56 -2.77
C GLN A 54 0.63 -12.90 -2.56
N GLU A 55 -0.21 -11.89 -2.41
CA GLU A 55 -1.63 -12.06 -2.26
C GLU A 55 -2.32 -12.23 -3.60
N ASP A 56 -1.57 -12.42 -4.68
CA ASP A 56 -2.01 -12.52 -6.05
C ASP A 56 -2.35 -11.14 -6.62
N GLN A 57 -2.96 -11.12 -7.80
CA GLN A 57 -3.44 -9.89 -8.42
C GLN A 57 -4.81 -9.49 -7.93
N VAL A 58 -5.57 -10.46 -7.47
CA VAL A 58 -6.89 -10.24 -6.94
C VAL A 58 -6.83 -9.57 -5.59
N CYS A 59 -5.62 -9.45 -5.03
CA CYS A 59 -5.28 -8.77 -3.81
C CYS A 59 -4.38 -7.56 -4.05
N VAL A 60 -4.24 -7.18 -5.32
CA VAL A 60 -3.50 -6.00 -5.71
C VAL A 60 -4.39 -4.78 -5.77
N CYS A 61 -5.70 -4.98 -5.92
CA CYS A 61 -6.67 -3.93 -6.00
C CYS A 61 -8.02 -4.54 -6.37
N PRO A 62 -9.12 -3.89 -5.96
CA PRO A 62 -9.08 -2.78 -5.00
C PRO A 62 -8.75 -3.25 -3.61
N THR A 63 -8.28 -4.45 -3.45
CA THR A 63 -7.78 -5.03 -2.21
C THR A 63 -6.78 -4.12 -1.49
N LEU A 64 -5.89 -3.47 -2.26
CA LEU A 64 -5.01 -2.45 -1.72
C LEU A 64 -5.75 -1.21 -1.28
N LYS A 65 -6.83 -0.84 -1.99
CA LYS A 65 -7.75 0.24 -1.61
C LYS A 65 -8.07 0.17 -0.12
N GLN A 66 -8.24 -1.03 0.45
CA GLN A 66 -8.43 -1.21 1.88
C GLN A 66 -7.25 -0.78 2.71
N ALA A 67 -6.12 -1.48 2.57
CA ALA A 67 -4.90 -1.11 3.24
C ALA A 67 -4.52 0.35 2.96
N ALA A 68 -5.05 0.98 1.90
CA ALA A 68 -4.80 2.34 1.48
C ALA A 68 -5.52 3.27 2.45
N LYS A 69 -6.82 3.01 2.68
CA LYS A 69 -7.58 3.77 3.68
C LYS A 69 -7.22 3.38 5.10
N SER A 70 -6.56 2.23 5.28
CA SER A 70 -6.08 1.74 6.57
C SER A 70 -4.65 2.17 6.84
N VAL A 71 -3.93 2.61 5.80
CA VAL A 71 -2.54 3.07 5.89
C VAL A 71 -2.47 4.29 6.80
N ARG A 72 -3.61 4.96 6.98
CA ARG A 72 -3.76 6.08 7.87
C ARG A 72 -5.05 5.98 8.61
N VAL A 73 -5.09 6.62 9.78
CA VAL A 73 -6.25 6.66 10.65
C VAL A 73 -6.02 7.76 11.66
N GLN A 74 -7.11 8.35 12.18
CA GLN A 74 -7.14 9.38 13.20
C GLN A 74 -8.50 10.06 13.22
N GLY A 75 -9.05 10.23 14.42
CA GLY A 75 -10.31 10.94 14.62
C GLY A 75 -10.14 12.45 14.73
N GLN A 76 -9.01 12.97 14.26
CA GLN A 76 -8.68 14.39 14.28
C GLN A 76 -7.74 14.77 13.14
N HIS A 77 -7.67 13.90 12.12
CA HIS A 77 -6.86 14.17 10.94
C HIS A 77 -7.72 14.56 9.76
N GLY A 78 -9.04 14.28 9.83
CA GLY A 78 -9.98 14.53 8.77
C GLY A 78 -9.44 14.15 7.39
N PRO A 79 -10.02 14.75 6.34
CA PRO A 79 -9.55 14.53 4.99
C PRO A 79 -8.27 15.29 4.72
N PHE A 80 -7.20 14.54 4.41
CA PHE A 80 -5.90 15.14 4.19
C PHE A 80 -4.95 14.12 3.68
N GLN A 81 -4.47 13.20 4.50
CA GLN A 81 -3.58 12.12 4.09
C GLN A 81 -4.03 11.53 2.78
N SER A 82 -5.31 11.22 2.57
CA SER A 82 -5.84 10.61 1.36
C SER A 82 -5.38 11.36 0.13
N THR A 83 -5.23 12.68 0.26
CA THR A 83 -4.64 13.55 -0.74
C THR A 83 -3.32 13.03 -1.29
N ARG A 84 -2.43 12.54 -0.43
CA ARG A 84 -1.14 11.96 -0.75
C ARG A 84 -1.14 10.46 -0.69
N ILE A 85 -1.70 9.90 0.36
CA ILE A 85 -1.82 8.47 0.60
C ILE A 85 -2.26 7.81 -0.67
N TYR A 86 -3.05 8.47 -1.48
CA TYR A 86 -3.48 8.02 -2.77
C TYR A 86 -2.58 8.53 -3.86
N GLN A 87 -2.26 9.83 -3.93
CA GLN A 87 -1.33 10.35 -4.93
C GLN A 87 -0.02 9.61 -5.02
N ILE A 88 0.37 8.94 -3.95
CA ILE A 88 1.55 8.11 -3.86
C ILE A 88 1.17 6.63 -3.96
N ALA A 89 0.00 6.23 -3.49
CA ALA A 89 -0.51 4.88 -3.67
C ALA A 89 -1.22 4.64 -5.01
N LYS A 90 -1.10 5.60 -5.92
CA LYS A 90 -1.74 5.59 -7.23
C LYS A 90 -0.73 5.21 -8.28
N ASN A 91 0.55 5.60 -8.07
CA ASN A 91 1.66 5.21 -8.90
C ASN A 91 2.26 3.89 -8.41
N LEU A 92 1.62 3.20 -7.49
CA LEU A 92 2.07 1.90 -7.01
C LEU A 92 1.90 0.84 -8.10
N PRO A 93 0.71 0.63 -8.69
CA PRO A 93 0.55 -0.31 -9.79
C PRO A 93 1.14 0.19 -11.11
N ASN A 94 1.72 1.38 -11.12
CA ASN A 94 2.39 1.94 -12.29
C ASN A 94 3.88 1.64 -12.24
N VAL A 95 4.46 1.71 -11.05
CA VAL A 95 5.90 1.50 -10.85
C VAL A 95 6.15 0.11 -10.29
N CYS A 96 5.08 -0.56 -9.86
CA CYS A 96 5.09 -1.90 -9.32
C CYS A 96 4.04 -2.70 -10.05
N ASN A 97 3.85 -2.52 -11.36
CA ASN A 97 2.87 -3.25 -12.18
C ASN A 97 2.55 -4.62 -11.60
N MET A 98 1.35 -4.72 -11.05
CA MET A 98 0.93 -5.89 -10.31
C MET A 98 -0.52 -6.22 -10.58
N LYS A 99 -1.10 -5.57 -11.57
CA LYS A 99 -2.49 -5.77 -11.94
C LYS A 99 -2.54 -5.75 -13.44
N GLN A 100 -2.47 -6.91 -14.06
CA GLN A 100 -2.64 -7.01 -15.51
C GLN A 100 -4.09 -7.35 -15.88
N ILE A 101 -5.04 -6.84 -15.11
CA ILE A 101 -6.45 -7.16 -15.30
C ILE A 101 -7.20 -5.85 -15.35
N GLY A 102 -7.19 -5.10 -14.25
CA GLY A 102 -7.95 -3.87 -14.15
C GLY A 102 -9.09 -3.96 -13.16
N THR A 103 -8.74 -3.83 -11.88
CA THR A 103 -9.66 -3.99 -10.79
C THR A 103 -10.14 -2.61 -10.38
N CYS A 104 -9.24 -1.69 -10.07
CA CYS A 104 -9.56 -0.32 -9.71
C CYS A 104 -8.45 0.56 -10.27
N PRO A 105 -8.34 0.72 -11.60
CA PRO A 105 -7.33 1.59 -12.21
C PRO A 105 -7.66 3.07 -11.99
N PHE A 106 -7.88 3.46 -10.75
CA PHE A 106 -8.18 4.81 -10.35
C PHE A 106 -6.95 5.66 -10.45
N ILE A 107 -7.12 6.96 -10.71
CA ILE A 107 -6.02 7.90 -10.93
C ILE A 107 -6.59 9.19 -11.45
N ALA A 108 -6.23 10.28 -10.79
CA ALA A 108 -6.70 11.63 -11.05
C ALA A 108 -6.53 12.57 -9.88
N ILE A 109 -6.48 12.02 -8.67
CA ILE A 109 -6.30 12.75 -7.42
C ILE A 109 -4.99 13.56 -7.48
N GLN A 1 -10.55 -8.60 -8.23
CA GLN A 1 -10.73 -8.69 -6.78
C GLN A 1 -11.99 -9.47 -6.47
N PRO A 2 -11.89 -10.77 -6.21
CA PRO A 2 -13.03 -11.62 -5.87
C PRO A 2 -13.47 -11.39 -4.44
N GLN A 3 -14.30 -12.27 -3.89
CA GLN A 3 -14.76 -12.17 -2.52
C GLN A 3 -13.86 -12.95 -1.58
N LYS A 4 -13.35 -14.09 -2.04
CA LYS A 4 -12.47 -14.93 -1.25
C LYS A 4 -11.19 -14.20 -0.92
N CYS A 5 -10.49 -13.69 -1.94
CA CYS A 5 -9.27 -12.91 -1.72
C CYS A 5 -9.56 -11.78 -0.76
N GLN A 6 -10.64 -11.03 -0.95
CA GLN A 6 -11.01 -9.97 -0.02
C GLN A 6 -11.18 -10.48 1.41
N ARG A 7 -11.60 -11.74 1.55
CA ARG A 7 -11.70 -12.44 2.80
C ARG A 7 -10.46 -13.26 3.15
N GLU A 8 -9.37 -13.12 2.40
CA GLU A 8 -8.12 -13.84 2.55
C GLU A 8 -6.96 -12.87 2.73
N PHE A 9 -7.08 -11.69 2.15
CA PHE A 9 -6.08 -10.68 2.17
C PHE A 9 -6.22 -9.96 3.48
N GLN A 10 -7.45 -9.68 3.93
CA GLN A 10 -7.70 -8.98 5.16
C GLN A 10 -7.92 -9.99 6.27
N GLN A 11 -8.15 -11.25 5.94
CA GLN A 11 -8.38 -12.27 6.93
C GLN A 11 -7.32 -12.22 8.02
N GLU A 12 -6.06 -12.25 7.61
CA GLU A 12 -4.94 -12.29 8.53
C GLU A 12 -3.63 -12.24 7.78
N GLN A 13 -3.61 -11.56 6.64
CA GLN A 13 -2.42 -11.44 5.80
C GLN A 13 -2.52 -10.21 4.91
N HIS A 14 -2.75 -9.07 5.54
CA HIS A 14 -2.93 -7.82 4.83
C HIS A 14 -1.57 -7.40 4.32
N LEU A 15 -1.37 -6.09 4.14
CA LEU A 15 -0.12 -5.56 3.67
C LEU A 15 0.43 -4.59 4.69
N ARG A 16 1.66 -4.16 4.48
CA ARG A 16 2.38 -3.33 5.40
C ARG A 16 3.36 -2.50 4.63
N ALA A 17 4.53 -2.99 4.26
CA ALA A 17 5.51 -2.31 3.47
C ALA A 17 4.87 -1.41 2.41
N CYS A 18 3.95 -1.93 1.60
CA CYS A 18 3.21 -1.20 0.62
C CYS A 18 2.48 -0.04 1.26
N GLN A 19 1.66 -0.34 2.25
CA GLN A 19 1.01 0.67 3.04
C GLN A 19 1.86 1.20 4.19
N GLN A 20 3.17 1.29 4.02
CA GLN A 20 4.08 1.66 5.06
C GLN A 20 5.18 2.50 4.50
N TRP A 21 5.78 2.12 3.38
CA TRP A 21 6.76 2.91 2.68
C TRP A 21 6.17 4.26 2.33
N ILE A 22 4.85 4.33 2.20
CA ILE A 22 4.15 5.57 1.94
C ILE A 22 4.33 6.56 3.09
N ARG A 23 4.66 6.06 4.28
CA ARG A 23 5.02 6.84 5.44
C ARG A 23 6.49 7.20 5.50
N GLN A 24 7.35 6.38 4.92
CA GLN A 24 8.75 6.69 4.82
C GLN A 24 9.04 7.77 3.77
N GLN A 25 8.02 8.13 2.99
CA GLN A 25 8.15 9.18 2.00
C GLN A 25 8.16 10.56 2.64
N LEU A 26 7.82 10.64 3.93
CA LEU A 26 7.77 11.87 4.66
C LEU A 26 8.83 11.87 5.75
N ALA A 27 8.81 12.89 6.59
CA ALA A 27 9.72 12.96 7.72
C ALA A 27 9.17 12.20 8.93
N GLY A 28 8.11 11.41 8.72
CA GLY A 28 7.49 10.61 9.75
C GLY A 28 8.03 9.20 9.74
N SER A 29 9.35 9.04 9.58
CA SER A 29 10.00 7.74 9.56
C SER A 29 10.88 7.60 10.80
N PRO A 30 10.32 7.17 11.94
CA PRO A 30 11.09 6.98 13.15
C PRO A 30 11.94 5.73 13.08
N PHE A 31 12.78 5.53 14.11
CA PHE A 31 13.72 4.43 14.14
C PHE A 31 14.50 4.41 15.45
N SER A 32 14.52 3.26 16.12
CA SER A 32 15.27 3.13 17.36
C SER A 32 16.76 3.04 17.06
N GLU A 33 17.17 1.95 16.41
CA GLU A 33 18.56 1.73 16.09
C GLU A 33 18.67 1.08 14.71
N ASN A 34 18.35 1.84 13.67
CA ASN A 34 18.43 1.37 12.31
C ASN A 34 17.86 2.44 11.42
N GLN A 35 18.56 2.82 10.36
CA GLN A 35 18.02 3.70 9.35
C GLN A 35 16.67 3.26 8.79
N TRP A 36 16.21 3.96 7.76
CA TRP A 36 14.96 3.65 7.12
C TRP A 36 14.74 4.60 5.97
N GLY A 37 15.20 5.85 6.13
CA GLY A 37 15.07 6.87 5.12
C GLY A 37 15.80 6.47 3.83
N PRO A 38 17.11 6.74 3.74
CA PRO A 38 17.88 6.39 2.57
C PRO A 38 18.24 4.92 2.56
N GLN A 39 18.91 4.44 3.62
CA GLN A 39 19.32 3.05 3.73
C GLN A 39 18.18 2.12 3.31
N GLN A 40 17.09 2.15 4.08
CA GLN A 40 15.91 1.38 3.78
C GLN A 40 14.94 2.12 2.87
N GLY A 41 15.46 3.03 2.05
CA GLY A 41 14.69 3.83 1.15
C GLY A 41 14.02 2.96 0.10
N PRO A 42 14.82 2.33 -0.77
CA PRO A 42 14.29 1.44 -1.79
C PRO A 42 13.86 0.12 -1.22
N SER A 43 14.38 -0.26 -0.04
CA SER A 43 14.05 -1.50 0.63
C SER A 43 12.63 -1.45 1.16
N LEU A 44 11.65 -1.55 0.27
CA LEU A 44 10.26 -1.47 0.59
C LEU A 44 9.44 -1.51 -0.69
N ARG A 45 9.96 -0.93 -1.79
CA ARG A 45 9.29 -0.96 -3.07
C ARG A 45 9.27 -2.35 -3.65
N GLU A 46 10.41 -3.03 -3.61
CA GLU A 46 10.52 -4.39 -4.11
C GLU A 46 9.75 -5.36 -3.23
N GLN A 47 9.79 -5.11 -1.92
CA GLN A 47 9.10 -5.93 -0.97
C GLN A 47 7.62 -5.79 -1.15
N CYS A 48 7.05 -4.59 -1.12
CA CYS A 48 5.65 -4.37 -1.37
C CYS A 48 5.26 -4.89 -2.73
N CYS A 49 6.17 -4.84 -3.70
CA CYS A 49 5.94 -5.41 -5.01
C CYS A 49 5.73 -6.93 -4.94
N ASN A 50 5.99 -7.53 -3.78
CA ASN A 50 5.80 -8.92 -3.47
C ASN A 50 4.79 -9.13 -2.37
N GLU A 51 4.90 -8.40 -1.26
CA GLU A 51 4.01 -8.45 -0.15
C GLU A 51 2.59 -8.13 -0.62
N LEU A 52 2.43 -7.48 -1.76
CA LEU A 52 1.15 -7.23 -2.32
C LEU A 52 0.80 -8.27 -3.36
N TYR A 53 1.82 -8.86 -3.99
CA TYR A 53 1.69 -9.79 -5.06
C TYR A 53 1.62 -11.19 -4.50
N GLN A 54 1.68 -11.33 -3.17
CA GLN A 54 1.68 -12.59 -2.51
C GLN A 54 0.44 -13.37 -2.90
N GLU A 55 -0.72 -12.70 -2.80
CA GLU A 55 -1.98 -13.31 -3.14
C GLU A 55 -2.26 -13.18 -4.63
N ASP A 56 -1.31 -12.61 -5.37
CA ASP A 56 -1.37 -12.40 -6.79
C ASP A 56 -2.29 -11.23 -7.08
N GLN A 57 -2.71 -11.11 -8.33
CA GLN A 57 -3.57 -10.04 -8.77
C GLN A 57 -4.86 -10.03 -8.03
N VAL A 58 -5.43 -11.21 -7.81
CA VAL A 58 -6.63 -11.39 -7.03
C VAL A 58 -6.65 -10.50 -5.81
N CYS A 59 -5.48 -10.28 -5.19
CA CYS A 59 -5.27 -9.32 -4.17
C CYS A 59 -4.25 -8.24 -4.53
N VAL A 60 -4.56 -7.46 -5.55
CA VAL A 60 -3.72 -6.41 -6.04
C VAL A 60 -4.49 -5.13 -6.05
N CYS A 61 -5.82 -5.21 -6.11
CA CYS A 61 -6.67 -4.07 -6.13
C CYS A 61 -8.11 -4.51 -6.43
N PRO A 62 -9.11 -3.77 -5.97
CA PRO A 62 -8.89 -2.66 -5.08
C PRO A 62 -8.48 -3.15 -3.70
N THR A 63 -8.27 -4.42 -3.48
CA THR A 63 -7.79 -5.03 -2.26
C THR A 63 -6.67 -4.24 -1.62
N LEU A 64 -5.67 -3.81 -2.39
CA LEU A 64 -4.61 -2.94 -1.91
C LEU A 64 -5.13 -1.69 -1.21
N LYS A 65 -6.18 -1.08 -1.76
CA LYS A 65 -6.93 -0.01 -1.15
C LYS A 65 -7.26 -0.32 0.30
N GLN A 66 -7.62 -1.54 0.64
CA GLN A 66 -7.83 -1.99 1.99
C GLN A 66 -6.62 -1.79 2.88
N ALA A 67 -5.43 -2.13 2.40
CA ALA A 67 -4.20 -1.84 3.09
C ALA A 67 -3.85 -0.35 3.04
N ALA A 68 -4.44 0.40 2.13
CA ALA A 68 -4.26 1.82 2.00
C ALA A 68 -5.26 2.59 2.86
N LYS A 69 -6.32 1.91 3.34
CA LYS A 69 -7.35 2.51 4.13
C LYS A 69 -6.74 3.11 5.39
N SER A 70 -6.11 2.25 6.20
CA SER A 70 -5.41 2.68 7.39
C SER A 70 -3.92 2.74 7.14
N VAL A 71 -3.54 3.09 5.91
CA VAL A 71 -2.14 3.23 5.57
C VAL A 71 -1.44 4.14 6.54
N ARG A 72 -2.16 5.02 7.23
CA ARG A 72 -1.65 5.86 8.26
C ARG A 72 -2.56 5.93 9.46
N VAL A 73 -3.85 6.14 9.20
CA VAL A 73 -4.87 6.27 10.23
C VAL A 73 -4.65 5.19 11.27
N GLN A 74 -4.77 5.57 12.53
CA GLN A 74 -4.58 4.65 13.63
C GLN A 74 -5.40 5.07 14.85
N GLY A 75 -6.44 5.86 14.61
CA GLY A 75 -7.28 6.34 15.67
C GLY A 75 -8.18 7.43 15.17
N GLN A 76 -7.63 8.40 14.43
CA GLN A 76 -8.38 9.52 13.86
C GLN A 76 -7.47 10.42 13.05
N HIS A 77 -7.83 10.65 11.79
CA HIS A 77 -7.07 11.52 10.90
C HIS A 77 -7.95 12.64 10.38
N GLY A 78 -7.90 12.87 9.07
CA GLY A 78 -8.67 13.88 8.42
C GLY A 78 -8.26 14.04 6.97
N PRO A 79 -8.61 15.18 6.37
CA PRO A 79 -8.31 15.49 4.99
C PRO A 79 -6.84 15.83 4.81
N PHE A 80 -6.05 14.84 4.38
CA PHE A 80 -4.62 15.03 4.19
C PHE A 80 -3.96 13.76 3.68
N GLN A 81 -4.30 12.62 4.32
CA GLN A 81 -3.77 11.34 3.97
C GLN A 81 -3.98 11.10 2.49
N SER A 82 -5.18 10.75 2.04
CA SER A 82 -5.50 10.46 0.65
C SER A 82 -4.90 11.51 -0.27
N THR A 83 -5.02 12.78 0.11
CA THR A 83 -4.41 13.88 -0.59
C THR A 83 -3.00 13.59 -1.05
N ARG A 84 -2.24 12.78 -0.31
CA ARG A 84 -0.95 12.26 -0.68
C ARG A 84 -0.92 10.76 -0.86
N ILE A 85 -1.43 10.00 0.11
CA ILE A 85 -1.50 8.57 0.13
C ILE A 85 -1.91 8.10 -1.24
N TYR A 86 -3.03 8.56 -1.76
CA TYR A 86 -3.50 8.28 -3.09
C TYR A 86 -2.68 8.97 -4.14
N GLN A 87 -2.32 10.24 -3.98
CA GLN A 87 -1.45 10.92 -4.91
C GLN A 87 -0.13 10.21 -5.14
N ILE A 88 0.23 9.27 -4.28
CA ILE A 88 1.42 8.48 -4.40
C ILE A 88 1.05 7.01 -4.60
N ALA A 89 -0.05 6.56 -4.03
CA ALA A 89 -0.54 5.23 -4.22
C ALA A 89 -1.23 5.08 -5.57
N LYS A 90 -1.38 6.18 -6.30
CA LYS A 90 -2.01 6.23 -7.59
C LYS A 90 -1.09 5.64 -8.62
N ASN A 91 0.21 5.95 -8.51
CA ASN A 91 1.24 5.42 -9.36
C ASN A 91 1.98 4.27 -8.68
N LEU A 92 1.32 3.60 -7.75
CA LEU A 92 1.89 2.46 -7.08
C LEU A 92 1.93 1.25 -8.02
N PRO A 93 0.80 0.89 -8.67
CA PRO A 93 0.77 -0.21 -9.61
C PRO A 93 1.44 0.15 -10.93
N ASN A 94 1.91 1.41 -11.07
CA ASN A 94 2.63 1.84 -12.24
C ASN A 94 4.07 1.37 -12.20
N VAL A 95 4.67 1.40 -11.02
CA VAL A 95 6.03 0.96 -10.82
C VAL A 95 6.07 -0.44 -10.24
N CYS A 96 4.91 -0.95 -9.85
CA CYS A 96 4.77 -2.28 -9.31
C CYS A 96 3.76 -3.03 -10.15
N ASN A 97 3.80 -2.90 -11.48
CA ASN A 97 2.87 -3.56 -12.39
C ASN A 97 2.47 -4.91 -11.86
N MET A 98 1.26 -4.95 -11.31
CA MET A 98 0.77 -6.12 -10.64
C MET A 98 -0.65 -6.33 -11.01
N LYS A 99 -1.19 -5.63 -11.99
CA LYS A 99 -2.54 -5.75 -12.43
C LYS A 99 -2.56 -5.55 -13.91
N GLN A 100 -2.59 -6.63 -14.67
CA GLN A 100 -2.68 -6.56 -16.11
C GLN A 100 -4.12 -6.71 -16.60
N ILE A 101 -5.03 -5.97 -16.00
CA ILE A 101 -6.44 -6.05 -16.31
C ILE A 101 -7.07 -4.69 -16.09
N GLY A 102 -7.34 -4.32 -14.85
CA GLY A 102 -7.99 -3.06 -14.53
C GLY A 102 -8.96 -3.19 -13.36
N THR A 103 -8.41 -3.42 -12.18
CA THR A 103 -9.20 -3.67 -10.97
C THR A 103 -9.48 -2.36 -10.29
N CYS A 104 -8.43 -1.58 -9.98
CA CYS A 104 -8.57 -0.24 -9.43
C CYS A 104 -7.85 0.76 -10.34
N PRO A 105 -8.35 0.99 -11.57
CA PRO A 105 -7.72 1.92 -12.50
C PRO A 105 -7.98 3.38 -12.07
N PHE A 106 -7.62 3.70 -10.82
CA PHE A 106 -7.80 5.00 -10.25
C PHE A 106 -6.56 5.82 -10.43
N ILE A 107 -6.64 6.97 -11.09
CA ILE A 107 -5.49 7.82 -11.31
C ILE A 107 -5.97 9.13 -11.87
N ALA A 108 -5.57 10.22 -11.24
CA ALA A 108 -5.97 11.59 -11.59
C ALA A 108 -5.73 12.55 -10.44
N ILE A 109 -5.78 12.01 -9.23
CA ILE A 109 -5.54 12.77 -8.02
C ILE A 109 -4.06 13.00 -7.89
N GLN A 1 -7.50 -16.17 -3.27
CA GLN A 1 -6.79 -15.41 -4.33
C GLN A 1 -7.73 -14.47 -5.08
N PRO A 2 -8.94 -14.87 -5.55
CA PRO A 2 -9.85 -13.97 -6.27
C PRO A 2 -10.50 -12.91 -5.37
N GLN A 3 -11.66 -12.37 -5.72
CA GLN A 3 -12.42 -11.49 -4.80
C GLN A 3 -12.74 -12.13 -3.44
N LYS A 4 -12.80 -13.46 -3.37
CA LYS A 4 -12.87 -14.17 -2.08
C LYS A 4 -11.63 -14.00 -1.20
N CYS A 5 -10.55 -13.48 -1.75
CA CYS A 5 -9.35 -13.02 -1.07
C CYS A 5 -9.52 -11.63 -0.50
N GLN A 6 -10.35 -10.73 -1.05
CA GLN A 6 -10.51 -9.38 -0.46
C GLN A 6 -10.78 -9.39 1.03
N ARG A 7 -11.39 -10.48 1.49
CA ARG A 7 -11.56 -10.81 2.91
C ARG A 7 -10.41 -11.57 3.50
N GLU A 8 -9.91 -12.63 2.86
CA GLU A 8 -8.72 -13.42 3.29
C GLU A 8 -7.44 -12.59 3.42
N PHE A 9 -7.32 -11.55 2.60
CA PHE A 9 -6.24 -10.58 2.57
C PHE A 9 -6.32 -9.75 3.82
N GLN A 10 -7.53 -9.34 4.22
CA GLN A 10 -7.69 -8.48 5.39
C GLN A 10 -8.01 -9.27 6.65
N GLN A 11 -8.18 -10.58 6.51
CA GLN A 11 -8.49 -11.49 7.60
C GLN A 11 -7.36 -11.40 8.61
N GLU A 12 -6.15 -11.74 8.15
CA GLU A 12 -4.97 -11.87 9.00
C GLU A 12 -3.69 -11.91 8.16
N GLN A 13 -3.74 -11.35 6.95
CA GLN A 13 -2.60 -11.37 6.05
C GLN A 13 -2.57 -10.14 5.15
N HIS A 14 -2.76 -8.98 5.76
CA HIS A 14 -2.85 -7.72 5.03
C HIS A 14 -1.44 -7.34 4.57
N LEU A 15 -1.25 -6.08 4.20
CA LEU A 15 0.05 -5.61 3.76
C LEU A 15 0.62 -4.71 4.83
N ARG A 16 1.87 -4.35 4.64
CA ARG A 16 2.62 -3.45 5.50
C ARG A 16 3.52 -2.66 4.62
N ALA A 17 4.71 -3.14 4.27
CA ALA A 17 5.67 -2.45 3.42
C ALA A 17 4.98 -1.60 2.35
N CYS A 18 4.04 -2.14 1.57
CA CYS A 18 3.26 -1.42 0.56
C CYS A 18 2.52 -0.23 1.16
N GLN A 19 1.72 -0.50 2.15
CA GLN A 19 1.05 0.49 2.97
C GLN A 19 1.90 1.05 4.11
N GLN A 20 3.21 1.14 3.92
CA GLN A 20 4.16 1.58 4.94
C GLN A 20 5.29 2.39 4.35
N TRP A 21 5.90 1.97 3.27
CA TRP A 21 6.87 2.79 2.53
C TRP A 21 6.29 4.17 2.22
N ILE A 22 4.96 4.26 2.08
CA ILE A 22 4.23 5.50 1.84
C ILE A 22 4.38 6.47 3.01
N ARG A 23 4.43 5.95 4.23
CA ARG A 23 4.77 6.70 5.45
C ARG A 23 6.27 6.91 5.62
N GLN A 24 7.12 6.13 4.96
CA GLN A 24 8.56 6.28 5.03
C GLN A 24 9.01 7.59 4.39
N GLN A 25 8.15 8.22 3.59
CA GLN A 25 8.40 9.56 3.07
C GLN A 25 8.28 10.65 4.15
N LEU A 26 7.64 10.35 5.29
CA LEU A 26 7.41 11.34 6.32
C LEU A 26 8.70 11.53 7.12
N ALA A 27 8.63 12.36 8.14
CA ALA A 27 9.76 12.55 9.06
C ALA A 27 9.73 11.58 10.24
N GLY A 28 8.58 10.93 10.48
CA GLY A 28 8.37 9.96 11.55
C GLY A 28 7.31 8.97 11.16
N SER A 29 7.19 7.92 11.98
CA SER A 29 6.38 6.73 11.74
C SER A 29 6.76 5.61 12.70
N PRO A 30 8.03 5.16 12.73
CA PRO A 30 8.45 4.09 13.63
C PRO A 30 8.54 4.64 15.05
N PHE A 31 8.41 3.72 16.00
CA PHE A 31 8.42 4.01 17.43
C PHE A 31 9.62 3.35 18.10
N SER A 32 9.93 2.12 17.70
CA SER A 32 11.02 1.32 18.23
C SER A 32 11.12 0.01 17.46
N GLU A 33 11.98 -0.05 16.46
CA GLU A 33 12.26 -1.27 15.70
C GLU A 33 13.55 -1.07 14.90
N ASN A 34 14.09 -2.16 14.32
CA ASN A 34 15.22 -2.13 13.40
C ASN A 34 15.07 -0.96 12.45
N GLN A 35 16.16 -0.21 12.20
CA GLN A 35 16.19 0.95 11.33
C GLN A 35 15.35 0.77 10.07
N TRP A 36 14.10 1.23 10.12
CA TRP A 36 13.11 1.07 9.05
C TRP A 36 12.87 2.40 8.33
N GLY A 37 13.90 3.24 8.39
CA GLY A 37 13.88 4.60 7.87
C GLY A 37 14.90 4.77 6.76
N PRO A 38 16.18 5.02 7.06
CA PRO A 38 17.22 5.16 6.03
C PRO A 38 17.69 3.81 5.49
N GLN A 39 18.16 2.92 6.37
CA GLN A 39 18.65 1.58 5.99
C GLN A 39 17.59 0.79 5.23
N GLN A 40 16.43 0.65 5.83
CA GLN A 40 15.27 0.02 5.17
C GLN A 40 14.43 1.02 4.40
N GLY A 41 14.99 2.17 4.03
CA GLY A 41 14.29 3.18 3.22
C GLY A 41 13.95 2.69 1.83
N PRO A 42 14.96 2.33 1.02
CA PRO A 42 14.70 1.80 -0.31
C PRO A 42 14.20 0.35 -0.27
N SER A 43 14.65 -0.45 0.70
CA SER A 43 14.28 -1.85 0.93
C SER A 43 12.85 -1.99 1.41
N LEU A 44 11.92 -1.66 0.52
CA LEU A 44 10.50 -1.62 0.77
C LEU A 44 9.75 -1.73 -0.53
N ARG A 45 10.25 -1.13 -1.63
CA ARG A 45 9.65 -1.28 -2.97
C ARG A 45 9.69 -2.70 -3.44
N GLU A 46 10.86 -3.26 -3.70
CA GLU A 46 11.01 -4.66 -4.15
C GLU A 46 10.32 -5.65 -3.22
N GLN A 47 10.18 -5.26 -1.95
CA GLN A 47 9.41 -5.99 -0.98
C GLN A 47 7.91 -5.82 -1.22
N CYS A 48 7.35 -4.62 -1.22
CA CYS A 48 5.91 -4.34 -1.47
C CYS A 48 5.50 -4.80 -2.84
N CYS A 49 6.36 -4.63 -3.84
CA CYS A 49 6.20 -5.14 -5.20
C CYS A 49 6.02 -6.66 -5.23
N ASN A 50 6.28 -7.34 -4.11
CA ASN A 50 6.05 -8.77 -3.87
C ASN A 50 5.04 -9.04 -2.76
N GLU A 51 5.08 -8.32 -1.65
CA GLU A 51 4.16 -8.40 -0.52
C GLU A 51 2.73 -8.07 -0.95
N LEU A 52 2.57 -7.32 -2.04
CA LEU A 52 1.26 -7.01 -2.58
C LEU A 52 0.92 -7.95 -3.75
N TYR A 53 1.89 -8.74 -4.21
CA TYR A 53 1.82 -9.63 -5.38
C TYR A 53 1.69 -11.08 -4.97
N GLN A 54 2.13 -11.42 -3.75
CA GLN A 54 2.01 -12.75 -3.16
C GLN A 54 0.55 -13.17 -3.09
N GLU A 55 -0.33 -12.19 -2.91
CA GLU A 55 -1.76 -12.41 -2.91
C GLU A 55 -2.33 -12.53 -4.32
N ASP A 56 -1.50 -12.59 -5.36
CA ASP A 56 -1.86 -12.60 -6.79
C ASP A 56 -2.16 -11.17 -7.24
N GLN A 57 -2.73 -11.01 -8.43
CA GLN A 57 -3.21 -9.75 -9.01
C GLN A 57 -4.63 -9.42 -8.63
N VAL A 58 -5.39 -10.45 -8.26
CA VAL A 58 -6.77 -10.30 -7.82
C VAL A 58 -6.85 -9.82 -6.37
N CYS A 59 -5.69 -9.72 -5.72
CA CYS A 59 -5.48 -9.13 -4.40
C CYS A 59 -4.61 -7.86 -4.48
N VAL A 60 -4.50 -7.29 -5.67
CA VAL A 60 -3.82 -6.01 -5.88
C VAL A 60 -4.75 -4.85 -5.89
N CYS A 61 -6.03 -5.06 -6.11
CA CYS A 61 -7.04 -4.00 -6.08
C CYS A 61 -8.40 -4.67 -6.37
N PRO A 62 -9.52 -4.17 -5.82
CA PRO A 62 -9.51 -3.16 -4.77
C PRO A 62 -9.08 -3.73 -3.43
N THR A 63 -8.50 -4.89 -3.43
CA THR A 63 -7.88 -5.53 -2.27
C THR A 63 -6.87 -4.64 -1.56
N LEU A 64 -5.99 -3.96 -2.31
CA LEU A 64 -5.10 -2.95 -1.75
C LEU A 64 -5.83 -1.72 -1.25
N LYS A 65 -7.01 -1.38 -1.82
CA LYS A 65 -7.88 -0.33 -1.29
C LYS A 65 -7.97 -0.44 0.22
N GLN A 66 -7.96 -1.65 0.81
CA GLN A 66 -7.88 -1.84 2.26
C GLN A 66 -6.54 -1.49 2.90
N ALA A 67 -5.45 -2.14 2.49
CA ALA A 67 -4.12 -1.77 2.95
C ALA A 67 -3.85 -0.26 2.81
N ALA A 68 -4.42 0.36 1.77
CA ALA A 68 -4.37 1.79 1.48
C ALA A 68 -5.33 2.61 2.37
N LYS A 69 -6.53 2.08 2.66
CA LYS A 69 -7.51 2.71 3.56
C LYS A 69 -6.90 2.99 4.93
N SER A 70 -6.23 2.00 5.50
CA SER A 70 -5.47 2.11 6.75
C SER A 70 -3.96 2.14 6.47
N VAL A 71 -3.55 2.89 5.47
CA VAL A 71 -2.11 3.01 5.20
C VAL A 71 -1.37 3.86 6.23
N ARG A 72 -2.13 4.74 6.88
CA ARG A 72 -1.69 5.66 7.91
C ARG A 72 -2.69 5.83 9.04
N VAL A 73 -3.74 5.02 9.04
CA VAL A 73 -4.77 5.02 10.08
C VAL A 73 -4.17 4.44 11.34
N GLN A 74 -4.10 5.28 12.37
CA GLN A 74 -3.57 4.97 13.70
C GLN A 74 -3.60 6.22 14.58
N GLY A 75 -4.73 6.47 15.24
CA GLY A 75 -4.90 7.63 16.12
C GLY A 75 -6.05 8.50 15.62
N GLN A 76 -5.81 9.81 15.54
CA GLN A 76 -6.79 10.81 15.11
C GLN A 76 -6.17 11.70 14.05
N HIS A 77 -6.59 11.46 12.80
CA HIS A 77 -6.16 12.27 11.67
C HIS A 77 -7.36 12.98 11.05
N GLY A 78 -7.45 12.94 9.73
CA GLY A 78 -8.50 13.58 8.97
C GLY A 78 -8.12 13.69 7.49
N PRO A 79 -8.72 14.64 6.77
CA PRO A 79 -8.51 14.86 5.34
C PRO A 79 -7.12 15.42 5.07
N PHE A 80 -6.16 14.56 4.76
CA PHE A 80 -4.75 14.95 4.53
C PHE A 80 -3.93 13.77 4.05
N GLN A 81 -4.12 12.63 4.73
CA GLN A 81 -3.47 11.39 4.36
C GLN A 81 -4.00 10.88 3.05
N SER A 82 -5.23 10.37 3.00
CA SER A 82 -5.87 9.86 1.79
C SER A 82 -5.58 10.71 0.56
N THR A 83 -5.45 12.03 0.72
CA THR A 83 -4.96 12.95 -0.32
C THR A 83 -3.63 12.46 -0.89
N ARG A 84 -2.52 12.60 -0.17
CA ARG A 84 -1.20 12.25 -0.70
C ARG A 84 -1.02 10.74 -0.78
N ILE A 85 -1.58 10.01 0.18
CA ILE A 85 -1.59 8.54 0.23
C ILE A 85 -2.01 7.97 -1.09
N TYR A 86 -3.19 8.36 -1.57
CA TYR A 86 -3.70 7.94 -2.87
C TYR A 86 -2.85 8.55 -3.97
N GLN A 87 -2.35 9.78 -3.77
CA GLN A 87 -1.44 10.42 -4.72
C GLN A 87 -0.05 9.80 -4.78
N ILE A 88 0.21 8.79 -3.97
CA ILE A 88 1.46 8.03 -3.93
C ILE A 88 1.18 6.54 -4.12
N ALA A 89 -0.08 6.14 -4.01
CA ALA A 89 -0.53 4.79 -4.29
C ALA A 89 -1.03 4.66 -5.73
N LYS A 90 -1.21 5.78 -6.44
CA LYS A 90 -1.66 5.76 -7.85
C LYS A 90 -0.53 5.41 -8.81
N ASN A 91 0.70 5.67 -8.36
CA ASN A 91 1.94 5.31 -9.03
C ASN A 91 2.47 3.95 -8.59
N LEU A 92 1.78 3.29 -7.67
CA LEU A 92 2.11 1.92 -7.32
C LEU A 92 1.89 0.97 -8.50
N PRO A 93 0.70 0.89 -9.11
CA PRO A 93 0.52 0.02 -10.29
C PRO A 93 1.20 0.54 -11.55
N ASN A 94 1.94 1.64 -11.48
CA ASN A 94 2.73 2.20 -12.58
C ASN A 94 4.21 1.84 -12.43
N VAL A 95 4.74 1.89 -11.20
CA VAL A 95 6.15 1.60 -10.93
C VAL A 95 6.36 0.19 -10.37
N CYS A 96 5.27 -0.40 -9.90
CA CYS A 96 5.14 -1.75 -9.39
C CYS A 96 4.00 -2.45 -10.13
N ASN A 97 3.77 -2.20 -11.44
CA ASN A 97 2.75 -2.90 -12.27
C ASN A 97 2.38 -4.28 -11.77
N MET A 98 1.31 -4.31 -11.01
CA MET A 98 0.87 -5.48 -10.28
C MET A 98 -0.58 -5.77 -10.59
N LYS A 99 -1.10 -5.22 -11.67
CA LYS A 99 -2.48 -5.44 -12.07
C LYS A 99 -2.53 -5.09 -13.53
N GLN A 100 -2.49 -6.12 -14.36
CA GLN A 100 -2.65 -5.92 -15.80
C GLN A 100 -4.07 -6.18 -16.25
N ILE A 101 -4.77 -7.12 -15.59
CA ILE A 101 -6.18 -7.41 -15.83
C ILE A 101 -7.01 -6.12 -15.87
N GLY A 102 -7.29 -5.54 -14.70
CA GLY A 102 -8.16 -4.37 -14.60
C GLY A 102 -9.21 -4.51 -13.52
N THR A 103 -8.76 -4.73 -12.28
CA THR A 103 -9.65 -4.98 -11.14
C THR A 103 -10.08 -3.67 -10.48
N CYS A 104 -9.14 -2.98 -9.81
CA CYS A 104 -9.32 -1.60 -9.33
C CYS A 104 -8.13 -0.78 -9.86
N PRO A 105 -8.22 -0.30 -11.10
CA PRO A 105 -7.25 0.65 -11.63
C PRO A 105 -7.51 2.03 -11.05
N PHE A 106 -7.48 2.12 -9.72
CA PHE A 106 -7.56 3.40 -9.00
C PHE A 106 -6.43 4.28 -9.48
N ILE A 107 -6.75 5.54 -9.74
CA ILE A 107 -5.82 6.60 -10.18
C ILE A 107 -6.50 7.94 -10.44
N ALA A 108 -7.75 7.95 -10.88
CA ALA A 108 -8.58 9.14 -11.03
C ALA A 108 -8.89 9.76 -9.65
N ILE A 109 -7.99 10.61 -9.18
CA ILE A 109 -8.00 11.35 -7.91
C ILE A 109 -7.57 12.82 -8.10
N GLN A 1 -15.40 -6.87 -8.28
CA GLN A 1 -14.80 -6.75 -6.95
C GLN A 1 -14.68 -8.10 -6.28
N PRO A 2 -13.45 -8.56 -6.05
CA PRO A 2 -13.19 -9.85 -5.42
C PRO A 2 -13.53 -9.82 -3.96
N GLN A 3 -14.64 -10.45 -3.57
CA GLN A 3 -15.06 -10.49 -2.18
C GLN A 3 -14.33 -11.60 -1.43
N LYS A 4 -14.05 -12.70 -2.14
CA LYS A 4 -13.35 -13.83 -1.56
C LYS A 4 -11.98 -13.42 -1.07
N CYS A 5 -11.10 -13.01 -1.98
CA CYS A 5 -9.77 -12.56 -1.63
C CYS A 5 -9.91 -11.41 -0.65
N GLN A 6 -10.92 -10.55 -0.78
CA GLN A 6 -11.16 -9.49 0.16
C GLN A 6 -11.36 -9.99 1.59
N ARG A 7 -11.67 -11.27 1.73
CA ARG A 7 -11.81 -11.96 2.98
C ARG A 7 -10.61 -12.83 3.29
N GLU A 8 -9.64 -12.92 2.41
CA GLU A 8 -8.43 -13.68 2.56
C GLU A 8 -7.20 -12.78 2.66
N PHE A 9 -7.29 -11.57 2.13
CA PHE A 9 -6.24 -10.61 2.13
C PHE A 9 -6.24 -9.90 3.45
N GLN A 10 -7.43 -9.59 3.99
CA GLN A 10 -7.57 -8.87 5.23
C GLN A 10 -7.78 -9.88 6.36
N GLN A 11 -8.00 -11.15 6.02
CA GLN A 11 -8.22 -12.17 7.00
C GLN A 11 -7.09 -12.19 8.02
N GLU A 12 -5.86 -12.34 7.53
CA GLU A 12 -4.69 -12.44 8.38
C GLU A 12 -3.42 -12.39 7.55
N GLN A 13 -3.48 -11.68 6.42
CA GLN A 13 -2.36 -11.54 5.52
C GLN A 13 -2.45 -10.27 4.73
N HIS A 14 -2.66 -9.15 5.40
CA HIS A 14 -2.84 -7.86 4.75
C HIS A 14 -1.48 -7.41 4.24
N LEU A 15 -1.30 -6.09 4.11
CA LEU A 15 -0.07 -5.51 3.65
C LEU A 15 0.46 -4.56 4.69
N ARG A 16 1.72 -4.15 4.51
CA ARG A 16 2.37 -3.23 5.42
C ARG A 16 3.37 -2.44 4.67
N ALA A 17 4.52 -2.98 4.32
CA ALA A 17 5.55 -2.30 3.59
C ALA A 17 4.96 -1.40 2.52
N CYS A 18 4.13 -1.92 1.63
CA CYS A 18 3.42 -1.19 0.62
C CYS A 18 2.66 -0.06 1.24
N GLN A 19 1.78 -0.37 2.19
CA GLN A 19 1.06 0.61 2.94
C GLN A 19 1.85 1.21 4.10
N GLN A 20 3.16 1.31 3.97
CA GLN A 20 4.03 1.71 5.02
C GLN A 20 5.08 2.61 4.45
N TRP A 21 5.75 2.25 3.38
CA TRP A 21 6.71 3.08 2.71
C TRP A 21 6.08 4.43 2.37
N ILE A 22 4.75 4.46 2.28
CA ILE A 22 4.00 5.66 2.01
C ILE A 22 4.06 6.60 3.19
N ARG A 23 4.31 6.08 4.40
CA ARG A 23 4.52 6.84 5.60
C ARG A 23 5.99 7.14 5.84
N GLN A 24 6.88 6.38 5.20
CA GLN A 24 8.30 6.57 5.33
C GLN A 24 8.76 7.74 4.48
N GLN A 25 7.83 8.39 3.78
CA GLN A 25 8.13 9.54 2.98
C GLN A 25 8.07 10.83 3.81
N LEU A 26 7.54 10.74 5.03
CA LEU A 26 7.40 11.86 5.91
C LEU A 26 8.28 11.66 7.13
N ALA A 27 8.29 12.66 8.01
CA ALA A 27 9.02 12.56 9.26
C ALA A 27 8.22 11.83 10.32
N GLY A 28 7.06 11.26 9.94
CA GLY A 28 6.20 10.53 10.82
C GLY A 28 6.50 9.03 10.76
N SER A 29 7.59 8.62 11.41
CA SER A 29 7.96 7.23 11.46
C SER A 29 8.62 6.89 12.79
N PRO A 30 8.46 5.65 13.26
CA PRO A 30 9.08 5.19 14.48
C PRO A 30 10.56 4.97 14.32
N PHE A 31 11.22 4.43 15.37
CA PHE A 31 12.65 4.20 15.36
C PHE A 31 13.03 3.19 16.44
N SER A 32 13.22 1.94 16.05
CA SER A 32 13.62 0.89 16.98
C SER A 32 14.82 0.13 16.45
N GLU A 33 14.98 -1.12 16.90
CA GLU A 33 16.05 -1.98 16.46
C GLU A 33 15.53 -3.22 15.78
N ASN A 34 14.99 -3.06 14.57
CA ASN A 34 14.45 -4.16 13.80
C ASN A 34 13.79 -3.60 12.55
N GLN A 35 14.41 -3.81 11.40
CA GLN A 35 13.86 -3.40 10.14
C GLN A 35 12.42 -3.87 9.99
N TRP A 36 11.59 -3.04 9.36
CA TRP A 36 10.21 -3.40 9.11
C TRP A 36 9.93 -3.30 7.62
N GLY A 37 10.97 -3.45 6.79
CA GLY A 37 10.87 -3.32 5.36
C GLY A 37 12.01 -2.46 4.82
N PRO A 38 12.03 -1.16 5.17
CA PRO A 38 13.04 -0.24 4.74
C PRO A 38 14.37 -0.49 5.43
N GLN A 39 15.22 -1.32 4.82
CA GLN A 39 16.49 -1.66 5.39
C GLN A 39 17.53 -0.61 5.00
N GLN A 40 17.59 -0.28 3.71
CA GLN A 40 18.49 0.74 3.21
C GLN A 40 17.72 1.94 2.70
N GLY A 41 16.40 1.81 2.53
CA GLY A 41 15.55 2.85 2.02
C GLY A 41 14.75 2.38 0.80
N PRO A 42 15.47 1.94 -0.26
CA PRO A 42 14.83 1.42 -1.46
C PRO A 42 14.26 0.04 -1.26
N SER A 43 14.68 -0.65 -0.20
CA SER A 43 14.24 -1.98 0.12
C SER A 43 12.81 -1.92 0.62
N LEU A 44 11.85 -1.67 -0.24
CA LEU A 44 10.46 -1.58 0.12
C LEU A 44 9.61 -1.59 -1.13
N ARG A 45 10.09 -0.92 -2.20
CA ARG A 45 9.40 -0.92 -3.48
C ARG A 45 9.40 -2.29 -4.12
N GLU A 46 10.43 -3.07 -3.82
CA GLU A 46 10.54 -4.42 -4.34
C GLU A 46 9.84 -5.41 -3.44
N GLN A 47 9.82 -5.12 -2.13
CA GLN A 47 9.18 -5.97 -1.16
C GLN A 47 7.69 -5.87 -1.32
N CYS A 48 7.13 -4.67 -1.49
CA CYS A 48 5.72 -4.47 -1.70
C CYS A 48 5.32 -5.15 -2.99
N CYS A 49 6.13 -5.11 -4.04
CA CYS A 49 5.86 -5.82 -5.26
C CYS A 49 5.87 -7.33 -5.03
N ASN A 50 6.34 -7.78 -3.88
CA ASN A 50 6.35 -9.15 -3.46
C ASN A 50 5.41 -9.39 -2.30
N GLU A 51 4.91 -8.34 -1.68
CA GLU A 51 4.05 -8.38 -0.53
C GLU A 51 2.62 -8.05 -0.96
N LEU A 52 2.47 -7.43 -2.13
CA LEU A 52 1.20 -7.05 -2.66
C LEU A 52 0.77 -8.08 -3.69
N TYR A 53 1.74 -8.82 -4.24
CA TYR A 53 1.53 -9.74 -5.32
C TYR A 53 1.36 -11.11 -4.73
N GLN A 54 2.00 -11.35 -3.57
CA GLN A 54 1.88 -12.61 -2.88
C GLN A 54 0.43 -12.98 -2.63
N GLU A 55 -0.43 -11.97 -2.51
CA GLU A 55 -1.84 -12.16 -2.32
C GLU A 55 -2.54 -12.42 -3.64
N ASP A 56 -1.80 -12.66 -4.72
CA ASP A 56 -2.27 -12.87 -6.05
C ASP A 56 -2.64 -11.54 -6.69
N GLN A 57 -3.32 -11.62 -7.84
CA GLN A 57 -3.79 -10.44 -8.52
C GLN A 57 -5.15 -10.05 -8.01
N VAL A 58 -5.91 -10.98 -7.47
CA VAL A 58 -7.22 -10.74 -6.94
C VAL A 58 -7.13 -10.01 -5.61
N CYS A 59 -5.91 -9.78 -5.14
CA CYS A 59 -5.62 -9.04 -3.94
C CYS A 59 -4.76 -7.84 -4.25
N VAL A 60 -4.60 -7.54 -5.55
CA VAL A 60 -3.85 -6.41 -5.99
C VAL A 60 -4.72 -5.18 -5.93
N CYS A 61 -6.03 -5.33 -6.05
CA CYS A 61 -6.97 -4.25 -6.01
C CYS A 61 -8.38 -4.79 -6.35
N PRO A 62 -9.41 -4.05 -5.91
CA PRO A 62 -9.23 -2.87 -5.08
C PRO A 62 -8.82 -3.24 -3.69
N THR A 63 -8.61 -4.50 -3.38
CA THR A 63 -8.16 -5.02 -2.11
C THR A 63 -7.08 -4.18 -1.50
N LEU A 64 -6.03 -3.81 -2.27
CA LEU A 64 -4.98 -2.94 -1.81
C LEU A 64 -5.53 -1.69 -1.16
N LYS A 65 -6.61 -1.11 -1.71
CA LYS A 65 -7.35 -0.01 -1.14
C LYS A 65 -7.50 -0.18 0.36
N GLN A 66 -7.79 -1.39 0.83
CA GLN A 66 -7.85 -1.72 2.21
C GLN A 66 -6.56 -1.45 2.95
N ALA A 67 -5.45 -2.07 2.56
CA ALA A 67 -4.16 -1.79 3.13
C ALA A 67 -3.82 -0.32 3.00
N ALA A 68 -4.42 0.39 2.04
CA ALA A 68 -4.25 1.81 1.86
C ALA A 68 -5.06 2.59 2.90
N LYS A 69 -6.02 1.96 3.55
CA LYS A 69 -6.83 2.54 4.58
C LYS A 69 -6.00 2.76 5.83
N SER A 70 -5.35 1.70 6.32
CA SER A 70 -4.49 1.79 7.48
C SER A 70 -3.08 2.15 7.07
N VAL A 71 -2.91 2.68 5.85
CA VAL A 71 -1.60 3.08 5.35
C VAL A 71 -0.95 4.08 6.29
N ARG A 72 -1.76 4.71 7.15
CA ARG A 72 -1.31 5.65 8.13
C ARG A 72 -1.86 5.30 9.48
N VAL A 73 -3.16 5.51 9.67
CA VAL A 73 -3.84 5.24 10.92
C VAL A 73 -5.30 4.97 10.64
N GLN A 74 -5.96 4.29 11.58
CA GLN A 74 -7.39 4.02 11.51
C GLN A 74 -8.18 4.87 12.50
N GLY A 75 -9.51 4.75 12.43
CA GLY A 75 -10.40 5.46 13.33
C GLY A 75 -11.15 6.52 12.56
N GLN A 76 -10.56 7.72 12.47
CA GLN A 76 -11.17 8.83 11.77
C GLN A 76 -10.15 9.93 11.56
N HIS A 77 -9.43 9.85 10.44
CA HIS A 77 -8.46 10.88 10.09
C HIS A 77 -9.09 11.94 9.18
N GLY A 78 -10.40 11.89 9.00
CA GLY A 78 -11.11 12.80 8.14
C GLY A 78 -10.55 12.75 6.70
N PRO A 79 -11.24 13.46 5.80
CA PRO A 79 -10.83 13.52 4.41
C PRO A 79 -9.63 14.41 4.22
N PHE A 80 -8.49 13.80 3.87
CA PHE A 80 -7.26 14.53 3.67
C PHE A 80 -6.15 13.61 3.24
N GLN A 81 -5.66 12.76 4.15
CA GLN A 81 -4.58 11.85 3.92
C GLN A 81 -4.79 11.17 2.60
N SER A 82 -5.97 10.61 2.32
CA SER A 82 -6.30 9.95 1.09
C SER A 82 -5.77 10.72 -0.09
N THR A 83 -6.03 12.02 -0.16
CA THR A 83 -5.50 12.90 -1.19
C THR A 83 -4.06 12.55 -1.53
N ARG A 84 -3.18 12.44 -0.51
CA ARG A 84 -1.80 12.12 -0.65
C ARG A 84 -1.58 10.63 -0.63
N ILE A 85 -2.11 9.94 0.39
CA ILE A 85 -2.06 8.51 0.54
C ILE A 85 -2.27 7.84 -0.81
N TYR A 86 -3.10 8.43 -1.67
CA TYR A 86 -3.39 8.00 -2.99
C TYR A 86 -2.45 8.59 -3.99
N GLN A 87 -2.19 9.90 -3.95
CA GLN A 87 -1.25 10.54 -4.84
C GLN A 87 0.09 9.83 -4.85
N ILE A 88 0.42 9.06 -3.81
CA ILE A 88 1.61 8.25 -3.76
C ILE A 88 1.30 6.80 -4.12
N ALA A 89 0.09 6.33 -3.81
CA ALA A 89 -0.36 5.03 -4.19
C ALA A 89 -0.84 4.98 -5.65
N LYS A 90 -0.77 6.09 -6.35
CA LYS A 90 -1.21 6.22 -7.71
C LYS A 90 -0.06 5.79 -8.60
N ASN A 91 1.19 6.06 -8.18
CA ASN A 91 2.37 5.64 -8.90
C ASN A 91 2.76 4.22 -8.51
N LEU A 92 1.89 3.49 -7.82
CA LEU A 92 2.15 2.15 -7.40
C LEU A 92 1.98 1.21 -8.58
N PRO A 93 0.83 1.18 -9.25
CA PRO A 93 0.61 0.36 -10.43
C PRO A 93 1.33 0.89 -11.66
N ASN A 94 2.05 2.00 -11.50
CA ASN A 94 2.82 2.58 -12.56
C ASN A 94 4.26 2.12 -12.49
N VAL A 95 4.71 1.75 -11.29
CA VAL A 95 6.07 1.32 -11.07
C VAL A 95 6.08 -0.10 -10.52
N CYS A 96 4.92 -0.62 -10.20
CA CYS A 96 4.72 -1.94 -9.67
C CYS A 96 3.61 -2.61 -10.44
N ASN A 97 3.55 -2.40 -11.78
CA ASN A 97 2.54 -2.97 -12.64
C ASN A 97 2.03 -4.29 -12.07
N MET A 98 0.79 -4.28 -11.61
CA MET A 98 0.19 -5.42 -10.98
C MET A 98 -1.01 -5.83 -11.73
N LYS A 99 -1.92 -6.64 -11.14
CA LYS A 99 -3.17 -7.10 -11.70
C LYS A 99 -3.37 -6.59 -13.10
N GLN A 100 -2.68 -7.22 -14.05
CA GLN A 100 -2.59 -6.70 -15.39
C GLN A 100 -4.00 -6.42 -15.87
N ILE A 101 -4.90 -7.39 -15.67
CA ILE A 101 -6.31 -7.26 -15.99
C ILE A 101 -6.80 -5.84 -15.66
N GLY A 102 -7.04 -5.58 -14.37
CA GLY A 102 -7.52 -4.30 -13.92
C GLY A 102 -6.61 -3.75 -12.84
N THR A 103 -5.62 -2.99 -13.26
CA THR A 103 -4.59 -2.46 -12.37
C THR A 103 -5.12 -1.24 -11.73
N CYS A 104 -5.44 -1.29 -10.42
CA CYS A 104 -6.04 -0.22 -9.62
C CYS A 104 -6.24 1.05 -10.47
N PRO A 105 -7.27 1.02 -11.33
CA PRO A 105 -7.44 2.04 -12.35
C PRO A 105 -8.06 3.23 -11.67
N PHE A 106 -7.28 3.92 -10.85
CA PHE A 106 -7.74 5.04 -10.10
C PHE A 106 -6.73 6.16 -10.13
N ILE A 107 -5.66 6.00 -10.89
CA ILE A 107 -4.62 6.98 -11.02
C ILE A 107 -5.19 8.36 -11.31
N ALA A 108 -6.15 8.44 -12.24
CA ALA A 108 -6.85 9.66 -12.55
C ALA A 108 -7.78 10.08 -11.41
N ILE A 109 -7.21 10.30 -10.21
CA ILE A 109 -7.93 10.70 -9.04
C ILE A 109 -8.61 12.05 -9.30
N GLN A 1 -11.43 -4.89 -3.02
CA GLN A 1 -12.15 -5.23 -1.82
C GLN A 1 -13.19 -6.32 -2.16
N PRO A 2 -12.79 -7.43 -2.83
CA PRO A 2 -13.75 -8.51 -3.15
C PRO A 2 -14.27 -9.25 -1.91
N GLN A 3 -14.64 -10.52 -2.05
CA GLN A 3 -15.00 -11.34 -0.89
C GLN A 3 -14.14 -12.57 -0.77
N LYS A 4 -13.67 -13.07 -1.92
CA LYS A 4 -12.75 -14.20 -1.98
C LYS A 4 -11.36 -13.74 -1.60
N CYS A 5 -10.81 -12.78 -2.36
CA CYS A 5 -9.47 -12.30 -2.08
C CYS A 5 -9.46 -11.53 -0.78
N GLN A 6 -10.50 -10.77 -0.45
CA GLN A 6 -10.57 -10.17 0.89
C GLN A 6 -10.52 -11.16 2.04
N ARG A 7 -11.13 -12.33 1.88
CA ARG A 7 -10.99 -13.45 2.82
C ARG A 7 -9.65 -14.16 2.76
N GLU A 8 -8.68 -13.66 2.01
CA GLU A 8 -7.31 -14.18 1.84
C GLU A 8 -6.26 -13.12 2.15
N PHE A 9 -6.52 -11.90 1.70
CA PHE A 9 -5.70 -10.73 1.93
C PHE A 9 -5.81 -10.30 3.36
N GLN A 10 -7.03 -10.35 3.90
CA GLN A 10 -7.25 -9.88 5.24
C GLN A 10 -7.32 -11.04 6.20
N GLN A 11 -7.44 -12.27 5.68
CA GLN A 11 -7.48 -13.49 6.45
C GLN A 11 -6.45 -13.39 7.55
N GLU A 12 -5.21 -13.10 7.16
CA GLU A 12 -4.03 -13.15 8.05
C GLU A 12 -2.71 -12.93 7.29
N GLN A 13 -2.76 -12.16 6.20
CA GLN A 13 -1.59 -11.91 5.38
C GLN A 13 -1.78 -10.60 4.61
N HIS A 14 -2.07 -9.53 5.36
CA HIS A 14 -2.34 -8.24 4.73
C HIS A 14 -1.01 -7.71 4.19
N LEU A 15 -0.93 -6.41 4.00
CA LEU A 15 0.29 -5.80 3.54
C LEU A 15 0.83 -4.93 4.64
N ARG A 16 2.08 -4.55 4.49
CA ARG A 16 2.85 -3.71 5.38
C ARG A 16 3.77 -2.87 4.57
N ALA A 17 5.06 -3.21 4.38
CA ALA A 17 6.01 -2.46 3.59
C ALA A 17 5.32 -1.70 2.45
N CYS A 18 4.69 -2.37 1.50
CA CYS A 18 3.88 -1.78 0.42
C CYS A 18 2.89 -0.77 0.92
N GLN A 19 2.04 -1.15 1.85
CA GLN A 19 1.14 -0.26 2.58
C GLN A 19 1.77 0.53 3.75
N GLN A 20 3.05 0.84 3.66
CA GLN A 20 3.83 1.45 4.74
C GLN A 20 4.81 2.45 4.25
N TRP A 21 5.60 2.11 3.24
CA TRP A 21 6.44 3.05 2.52
C TRP A 21 5.62 4.25 2.00
N ILE A 22 4.33 4.06 1.80
CA ILE A 22 3.41 5.13 1.41
C ILE A 22 3.35 6.24 2.46
N ARG A 23 3.53 5.88 3.73
CA ARG A 23 3.73 6.80 4.85
C ARG A 23 5.18 7.13 5.16
N GLN A 24 6.14 6.39 4.62
CA GLN A 24 7.55 6.79 4.68
C GLN A 24 7.80 8.11 3.96
N GLN A 25 6.90 8.59 3.10
CA GLN A 25 7.10 9.92 2.53
C GLN A 25 6.78 11.08 3.51
N LEU A 26 6.19 10.77 4.66
CA LEU A 26 5.76 11.74 5.65
C LEU A 26 6.98 12.06 6.53
N ALA A 27 6.74 12.86 7.55
CA ALA A 27 7.77 13.22 8.51
C ALA A 27 7.53 12.58 9.86
N GLY A 28 6.25 12.46 10.25
CA GLY A 28 5.84 11.85 11.50
C GLY A 28 6.43 10.47 11.66
N SER A 29 6.47 9.66 10.59
CA SER A 29 7.05 8.30 10.48
C SER A 29 8.30 8.24 11.37
N PRO A 30 8.19 7.74 12.60
CA PRO A 30 9.32 7.71 13.52
C PRO A 30 10.21 6.52 13.18
N PHE A 31 11.39 6.47 13.78
CA PHE A 31 12.42 5.50 13.45
C PHE A 31 13.65 5.71 14.32
N SER A 32 14.55 4.71 14.30
CA SER A 32 15.83 4.81 15.00
C SER A 32 16.63 6.00 14.51
N GLU A 33 16.70 6.20 13.19
CA GLU A 33 17.38 7.34 12.58
C GLU A 33 16.67 7.75 11.31
N ASN A 34 17.06 8.88 10.72
CA ASN A 34 16.46 9.47 9.51
C ASN A 34 16.12 8.43 8.44
N GLN A 35 17.07 7.52 8.21
CA GLN A 35 16.89 6.33 7.40
C GLN A 35 15.50 5.71 7.56
N TRP A 36 14.66 5.88 6.53
CA TRP A 36 13.25 5.49 6.56
C TRP A 36 13.08 4.04 7.01
N GLY A 37 13.56 3.14 6.17
CA GLY A 37 13.71 1.75 6.57
C GLY A 37 14.60 1.05 5.57
N PRO A 38 15.90 1.38 5.47
CA PRO A 38 16.83 0.71 4.57
C PRO A 38 17.22 -0.62 5.16
N GLN A 39 17.54 -0.75 6.44
CA GLN A 39 17.86 -2.08 6.99
C GLN A 39 16.60 -2.91 7.31
N GLN A 40 15.44 -2.26 7.22
CA GLN A 40 14.13 -2.90 7.44
C GLN A 40 13.28 -3.00 6.17
N GLY A 41 13.79 -2.50 5.04
CA GLY A 41 13.13 -2.43 3.75
C GLY A 41 14.03 -1.78 2.69
N PRO A 42 15.24 -2.32 2.44
CA PRO A 42 16.17 -1.75 1.46
C PRO A 42 15.70 -2.01 0.04
N SER A 43 14.92 -3.08 -0.13
CA SER A 43 14.33 -3.45 -1.39
C SER A 43 12.82 -3.40 -1.21
N LEU A 44 12.24 -2.39 -0.54
CA LEU A 44 10.81 -2.27 -0.38
C LEU A 44 10.12 -2.33 -1.72
N ARG A 45 10.50 -1.54 -2.72
CA ARG A 45 9.93 -1.74 -4.07
C ARG A 45 10.12 -3.10 -4.70
N GLU A 46 11.06 -3.90 -4.22
CA GLU A 46 11.22 -5.32 -4.56
C GLU A 46 10.42 -6.28 -3.67
N GLN A 47 10.27 -5.95 -2.40
CA GLN A 47 9.55 -6.73 -1.43
C GLN A 47 8.09 -6.38 -1.45
N CYS A 48 7.69 -5.12 -1.32
CA CYS A 48 6.30 -4.67 -1.54
C CYS A 48 5.75 -5.05 -2.89
N CYS A 49 6.57 -5.04 -3.95
CA CYS A 49 6.14 -5.60 -5.24
C CYS A 49 5.87 -7.11 -5.19
N ASN A 50 6.14 -7.78 -4.07
CA ASN A 50 5.82 -9.17 -3.77
C ASN A 50 4.91 -9.34 -2.58
N GLU A 51 5.13 -8.63 -1.47
CA GLU A 51 4.32 -8.62 -0.27
C GLU A 51 2.88 -8.20 -0.60
N LEU A 52 2.69 -7.46 -1.68
CA LEU A 52 1.35 -7.13 -2.15
C LEU A 52 0.85 -8.17 -3.16
N TYR A 53 1.78 -8.78 -3.91
CA TYR A 53 1.54 -9.65 -5.05
C TYR A 53 1.30 -11.07 -4.58
N GLN A 54 1.78 -11.39 -3.38
CA GLN A 54 1.59 -12.65 -2.70
C GLN A 54 0.11 -12.92 -2.51
N GLU A 55 -0.67 -11.85 -2.34
CA GLU A 55 -2.11 -11.92 -2.21
C GLU A 55 -2.81 -12.12 -3.56
N ASP A 56 -2.03 -12.29 -4.62
CA ASP A 56 -2.45 -12.38 -6.02
C ASP A 56 -2.81 -11.00 -6.58
N GLN A 57 -3.42 -10.96 -7.76
CA GLN A 57 -3.84 -9.72 -8.41
C GLN A 57 -5.22 -9.29 -7.97
N VAL A 58 -6.01 -10.28 -7.55
CA VAL A 58 -7.35 -10.05 -7.05
C VAL A 58 -7.33 -9.37 -5.67
N CYS A 59 -6.13 -9.27 -5.08
CA CYS A 59 -5.84 -8.58 -3.84
C CYS A 59 -4.96 -7.34 -4.06
N VAL A 60 -4.33 -7.26 -5.23
CA VAL A 60 -3.63 -6.05 -5.63
C VAL A 60 -4.53 -4.83 -5.66
N CYS A 61 -5.83 -5.05 -5.78
CA CYS A 61 -6.87 -4.07 -5.72
C CYS A 61 -8.26 -4.71 -5.96
N PRO A 62 -9.35 -3.95 -5.70
CA PRO A 62 -9.28 -2.73 -4.89
C PRO A 62 -8.95 -3.05 -3.44
N THR A 63 -8.68 -4.28 -3.09
CA THR A 63 -8.20 -4.80 -1.80
C THR A 63 -7.04 -4.01 -1.22
N LEU A 64 -6.04 -3.61 -2.02
CA LEU A 64 -5.02 -2.65 -1.56
C LEU A 64 -5.62 -1.33 -1.07
N LYS A 65 -6.65 -0.83 -1.74
CA LYS A 65 -7.42 0.33 -1.27
C LYS A 65 -7.88 0.18 0.18
N GLN A 66 -8.18 -1.03 0.63
CA GLN A 66 -8.46 -1.34 2.04
C GLN A 66 -7.28 -1.10 2.98
N ALA A 67 -6.10 -1.63 2.65
CA ALA A 67 -4.89 -1.31 3.39
C ALA A 67 -4.44 0.16 3.23
N ALA A 68 -5.05 0.91 2.30
CA ALA A 68 -4.79 2.31 2.02
C ALA A 68 -5.86 3.20 2.64
N LYS A 69 -7.03 2.65 2.97
CA LYS A 69 -8.12 3.35 3.64
C LYS A 69 -7.80 3.61 5.09
N SER A 70 -7.03 2.74 5.74
CA SER A 70 -6.51 2.97 7.09
C SER A 70 -5.22 3.77 7.10
N VAL A 71 -4.44 3.71 6.01
CA VAL A 71 -3.22 4.52 5.86
C VAL A 71 -3.47 6.03 6.08
N ARG A 72 -4.68 6.47 5.84
CA ARG A 72 -5.18 7.82 6.02
C ARG A 72 -6.09 7.73 7.21
N VAL A 73 -5.53 8.07 8.38
CA VAL A 73 -6.27 8.23 9.65
C VAL A 73 -7.55 8.99 9.37
N GLN A 74 -8.58 8.75 10.19
CA GLN A 74 -9.89 9.38 10.04
C GLN A 74 -9.76 10.85 9.65
N GLY A 75 -10.79 11.40 8.99
CA GLY A 75 -10.79 12.79 8.51
C GLY A 75 -10.21 13.81 9.48
N GLN A 76 -10.31 13.56 10.80
CA GLN A 76 -9.51 14.17 11.87
C GLN A 76 -7.98 13.90 11.82
N HIS A 77 -7.36 14.27 10.70
CA HIS A 77 -5.92 14.19 10.48
C HIS A 77 -5.45 15.27 9.51
N GLY A 78 -6.27 16.30 9.29
CA GLY A 78 -5.99 17.35 8.32
C GLY A 78 -5.94 16.86 6.86
N PRO A 79 -6.18 17.76 5.90
CA PRO A 79 -6.15 17.37 4.51
C PRO A 79 -4.72 17.24 4.05
N PHE A 80 -4.27 16.02 3.75
CA PHE A 80 -2.89 15.73 3.37
C PHE A 80 -2.68 14.27 3.09
N GLN A 81 -3.16 13.39 4.00
CA GLN A 81 -2.93 11.94 4.01
C GLN A 81 -3.50 11.37 2.77
N SER A 82 -4.79 11.08 2.70
CA SER A 82 -5.47 10.62 1.48
C SER A 82 -5.11 11.40 0.25
N THR A 83 -4.90 12.71 0.40
CA THR A 83 -4.32 13.56 -0.64
C THR A 83 -3.06 12.96 -1.25
N ARG A 84 -1.96 12.81 -0.47
CA ARG A 84 -0.65 12.32 -0.93
C ARG A 84 -0.59 10.82 -0.94
N ILE A 85 -1.12 10.20 0.10
CA ILE A 85 -1.30 8.76 0.26
C ILE A 85 -1.73 8.20 -1.04
N TYR A 86 -2.81 8.69 -1.65
CA TYR A 86 -3.23 8.28 -2.98
C TYR A 86 -2.32 8.83 -4.06
N GLN A 87 -2.00 10.12 -4.07
CA GLN A 87 -1.04 10.67 -5.05
C GLN A 87 0.30 9.91 -5.15
N ILE A 88 0.65 9.08 -4.18
CA ILE A 88 1.83 8.25 -4.12
C ILE A 88 1.43 6.77 -4.21
N ALA A 89 0.31 6.37 -3.64
CA ALA A 89 -0.24 5.03 -3.75
C ALA A 89 -0.96 4.79 -5.09
N LYS A 90 -0.92 5.76 -5.99
CA LYS A 90 -1.52 5.74 -7.33
C LYS A 90 -0.51 5.29 -8.37
N ASN A 91 0.76 5.56 -8.11
CA ASN A 91 1.89 5.02 -8.86
C ASN A 91 2.35 3.65 -8.34
N LEU A 92 1.59 3.05 -7.43
CA LEU A 92 1.90 1.71 -6.98
C LEU A 92 1.81 0.69 -8.13
N PRO A 93 0.69 0.53 -8.85
CA PRO A 93 0.66 -0.37 -10.00
C PRO A 93 1.40 0.16 -11.23
N ASN A 94 2.02 1.33 -11.15
CA ASN A 94 2.85 1.91 -12.21
C ASN A 94 4.31 1.52 -12.03
N VAL A 95 4.81 1.62 -10.79
CA VAL A 95 6.20 1.34 -10.44
C VAL A 95 6.36 -0.04 -9.81
N CYS A 96 5.24 -0.65 -9.45
CA CYS A 96 5.11 -1.98 -8.88
C CYS A 96 4.05 -2.72 -9.68
N ASN A 97 4.02 -2.61 -11.02
CA ASN A 97 3.07 -3.33 -11.89
C ASN A 97 2.66 -4.68 -11.33
N MET A 98 1.43 -4.74 -10.84
CA MET A 98 0.91 -5.88 -10.10
C MET A 98 -0.56 -6.05 -10.43
N LYS A 99 -1.04 -5.40 -11.47
CA LYS A 99 -2.43 -5.53 -11.88
C LYS A 99 -2.43 -5.28 -13.35
N GLN A 100 -2.42 -6.35 -14.12
CA GLN A 100 -2.59 -6.27 -15.56
C GLN A 100 -4.06 -6.37 -16.00
N ILE A 101 -4.99 -6.08 -15.10
CA ILE A 101 -6.42 -6.23 -15.35
C ILE A 101 -7.03 -4.85 -15.33
N GLY A 102 -6.94 -4.20 -14.18
CA GLY A 102 -7.59 -2.90 -13.99
C GLY A 102 -8.70 -3.03 -12.95
N THR A 103 -8.39 -3.62 -11.80
CA THR A 103 -9.31 -3.67 -10.68
C THR A 103 -9.55 -2.30 -10.00
N CYS A 104 -8.47 -1.59 -9.65
CA CYS A 104 -8.54 -0.20 -9.16
C CYS A 104 -7.75 0.71 -10.12
N PRO A 105 -8.19 0.92 -11.37
CA PRO A 105 -7.50 1.80 -12.31
C PRO A 105 -7.77 3.28 -11.96
N PHE A 106 -7.58 3.63 -10.69
CA PHE A 106 -7.77 4.97 -10.18
C PHE A 106 -6.48 5.75 -10.35
N ILE A 107 -6.59 7.07 -10.44
CA ILE A 107 -5.50 8.01 -10.71
C ILE A 107 -6.01 9.42 -10.99
N ALA A 108 -7.11 9.56 -11.74
CA ALA A 108 -7.79 10.84 -12.00
C ALA A 108 -8.61 11.29 -10.77
N ILE A 109 -7.96 11.36 -9.61
CA ILE A 109 -8.57 11.78 -8.35
C ILE A 109 -9.02 13.24 -8.47
N GLN A 1 -12.22 -7.31 -10.13
CA GLN A 1 -13.13 -6.91 -9.05
C GLN A 1 -13.55 -8.13 -8.24
N PRO A 2 -12.59 -8.80 -7.57
CA PRO A 2 -12.90 -9.97 -6.76
C PRO A 2 -13.61 -9.59 -5.46
N GLN A 3 -13.87 -10.56 -4.61
CA GLN A 3 -14.49 -10.32 -3.30
C GLN A 3 -13.81 -11.13 -2.22
N LYS A 4 -13.42 -12.37 -2.55
CA LYS A 4 -12.74 -13.25 -1.61
C LYS A 4 -11.40 -12.68 -1.27
N CYS A 5 -10.52 -12.47 -2.26
CA CYS A 5 -9.20 -11.88 -2.04
C CYS A 5 -9.31 -10.61 -1.20
N GLN A 6 -10.35 -9.81 -1.40
CA GLN A 6 -10.63 -8.66 -0.54
C GLN A 6 -10.82 -9.01 0.93
N ARG A 7 -11.74 -9.94 1.20
CA ARG A 7 -11.93 -10.55 2.51
C ARG A 7 -10.89 -11.57 2.88
N GLU A 8 -9.83 -11.76 2.10
CA GLU A 8 -8.75 -12.73 2.33
C GLU A 8 -7.43 -12.02 2.58
N PHE A 9 -7.30 -10.82 2.05
CA PHE A 9 -6.12 -9.98 2.18
C PHE A 9 -6.19 -9.31 3.54
N GLN A 10 -7.37 -8.84 3.94
CA GLN A 10 -7.52 -8.14 5.20
C GLN A 10 -7.96 -9.13 6.27
N GLN A 11 -8.31 -10.36 5.87
CA GLN A 11 -8.72 -11.37 6.81
C GLN A 11 -7.66 -11.51 7.88
N GLU A 12 -6.49 -12.00 7.50
CA GLU A 12 -5.37 -12.29 8.41
C GLU A 12 -4.04 -12.37 7.64
N GLN A 13 -3.93 -11.58 6.56
CA GLN A 13 -2.74 -11.57 5.73
C GLN A 13 -2.64 -10.25 4.97
N HIS A 14 -2.70 -9.14 5.72
CA HIS A 14 -2.65 -7.81 5.13
C HIS A 14 -1.24 -7.62 4.55
N LEU A 15 -0.88 -6.37 4.32
CA LEU A 15 0.39 -6.07 3.67
C LEU A 15 1.29 -5.40 4.69
N ARG A 16 2.56 -5.29 4.34
CA ARG A 16 3.57 -4.70 5.22
C ARG A 16 4.34 -3.69 4.47
N ALA A 17 5.42 -4.05 3.79
CA ALA A 17 6.15 -3.17 2.92
C ALA A 17 5.24 -2.22 2.14
N CYS A 18 4.00 -2.60 1.80
CA CYS A 18 3.01 -1.74 1.17
C CYS A 18 2.43 -0.74 2.17
N GLN A 19 1.87 -1.20 3.27
CA GLN A 19 1.44 -0.34 4.37
C GLN A 19 2.57 0.05 5.31
N GLN A 20 3.79 0.26 4.83
CA GLN A 20 4.93 0.62 5.67
C GLN A 20 5.84 1.56 4.91
N TRP A 21 5.99 1.38 3.60
CA TRP A 21 6.77 2.28 2.77
C TRP A 21 6.17 3.68 2.82
N ILE A 22 4.85 3.74 2.93
CA ILE A 22 4.10 4.99 3.02
C ILE A 22 4.12 5.48 4.46
N ARG A 23 4.36 4.59 5.44
CA ARG A 23 4.61 5.01 6.82
C ARG A 23 6.03 5.54 7.05
N GLN A 24 6.95 5.29 6.13
CA GLN A 24 8.30 5.84 6.18
C GLN A 24 8.36 7.28 5.68
N GLN A 25 7.22 7.86 5.33
CA GLN A 25 7.14 9.27 4.90
C GLN A 25 6.82 10.20 6.08
N LEU A 26 6.77 9.67 7.30
CA LEU A 26 6.37 10.41 8.47
C LEU A 26 7.56 10.33 9.41
N ALA A 27 7.87 11.46 10.03
CA ALA A 27 8.94 11.56 11.01
C ALA A 27 8.86 10.47 12.08
N GLY A 28 7.65 9.94 12.34
CA GLY A 28 7.39 8.76 13.14
C GLY A 28 7.99 7.48 12.54
N SER A 29 9.31 7.45 12.41
CA SER A 29 10.05 6.30 11.90
C SER A 29 11.45 6.26 12.53
N PRO A 30 12.04 5.08 12.67
CA PRO A 30 13.40 4.93 13.16
C PRO A 30 14.43 5.26 12.09
N PHE A 31 15.70 5.27 12.48
CA PHE A 31 16.79 5.63 11.58
C PHE A 31 18.05 4.94 12.03
N SER A 32 19.07 4.92 11.17
CA SER A 32 20.38 4.34 11.45
C SER A 32 21.21 4.34 10.19
N GLU A 33 22.49 4.66 10.30
CA GLU A 33 23.43 4.67 9.16
C GLU A 33 23.77 3.23 8.73
N ASN A 34 22.79 2.55 8.15
CA ASN A 34 22.93 1.18 7.66
C ASN A 34 21.78 0.83 6.72
N GLN A 35 20.56 1.21 7.11
CA GLN A 35 19.35 0.96 6.33
C GLN A 35 18.36 2.09 6.50
N TRP A 36 17.18 1.94 5.89
CA TRP A 36 16.08 2.88 6.07
C TRP A 36 15.23 2.56 7.31
N GLY A 37 15.77 1.78 8.26
CA GLY A 37 15.07 1.33 9.45
C GLY A 37 14.79 -0.17 9.39
N PRO A 38 13.81 -0.61 8.58
CA PRO A 38 13.48 -2.01 8.42
C PRO A 38 14.60 -2.69 7.66
N GLN A 39 15.69 -3.09 8.30
CA GLN A 39 16.78 -3.79 7.61
C GLN A 39 16.28 -5.02 6.84
N GLN A 40 15.20 -5.64 7.34
CA GLN A 40 14.57 -6.77 6.70
C GLN A 40 13.80 -6.31 5.49
N GLY A 41 13.07 -5.18 5.57
CA GLY A 41 12.39 -4.59 4.42
C GLY A 41 12.79 -3.15 4.18
N PRO A 42 14.05 -2.84 3.80
CA PRO A 42 14.52 -1.47 3.63
C PRO A 42 14.07 -0.95 2.28
N SER A 43 13.98 -1.82 1.30
CA SER A 43 13.51 -1.48 -0.01
C SER A 43 12.07 -1.91 -0.10
N LEU A 44 11.17 -1.41 0.75
CA LEU A 44 9.77 -1.73 0.73
C LEU A 44 9.19 -1.48 -0.63
N ARG A 45 9.41 -0.36 -1.29
CA ARG A 45 8.98 -0.24 -2.68
C ARG A 45 9.43 -1.34 -3.64
N GLU A 46 10.52 -2.02 -3.33
CA GLU A 46 10.98 -3.22 -4.02
C GLU A 46 10.47 -4.53 -3.38
N GLN A 47 10.23 -4.54 -2.07
CA GLN A 47 9.77 -5.69 -1.33
C GLN A 47 8.27 -5.81 -1.41
N CYS A 48 7.51 -4.74 -1.19
CA CYS A 48 6.08 -4.63 -1.41
C CYS A 48 5.73 -4.99 -2.83
N CYS A 49 6.46 -4.51 -3.82
CA CYS A 49 6.24 -4.97 -5.19
C CYS A 49 6.44 -6.48 -5.37
N ASN A 50 7.07 -7.14 -4.40
CA ASN A 50 7.20 -8.60 -4.30
C ASN A 50 6.28 -9.23 -3.26
N GLU A 51 5.77 -8.44 -2.34
CA GLU A 51 4.92 -8.88 -1.24
C GLU A 51 3.46 -8.68 -1.60
N LEU A 52 3.19 -7.87 -2.63
CA LEU A 52 1.86 -7.57 -3.11
C LEU A 52 1.55 -8.54 -4.27
N TYR A 53 2.58 -9.11 -4.86
CA TYR A 53 2.50 -9.97 -6.04
C TYR A 53 2.57 -11.43 -5.60
N GLN A 54 2.42 -11.66 -4.30
CA GLN A 54 2.44 -12.99 -3.73
C GLN A 54 1.04 -13.54 -3.58
N GLU A 55 0.07 -12.67 -3.28
CA GLU A 55 -1.31 -13.07 -3.11
C GLU A 55 -2.03 -13.18 -4.45
N ASP A 56 -1.27 -13.19 -5.56
CA ASP A 56 -1.74 -13.24 -6.93
C ASP A 56 -2.18 -11.85 -7.37
N GLN A 57 -2.83 -11.75 -8.54
CA GLN A 57 -3.38 -10.50 -9.04
C GLN A 57 -4.75 -10.19 -8.49
N VAL A 58 -5.43 -11.23 -8.06
CA VAL A 58 -6.76 -11.12 -7.47
C VAL A 58 -6.66 -10.49 -6.09
N CYS A 59 -5.46 -10.41 -5.53
CA CYS A 59 -5.18 -9.80 -4.24
C CYS A 59 -4.24 -8.60 -4.43
N VAL A 60 -4.26 -8.01 -5.62
CA VAL A 60 -3.54 -6.78 -5.91
C VAL A 60 -4.44 -5.57 -5.79
N CYS A 61 -5.74 -5.77 -5.81
CA CYS A 61 -6.69 -4.72 -5.59
C CYS A 61 -8.10 -5.31 -5.49
N PRO A 62 -9.09 -4.48 -5.10
CA PRO A 62 -8.85 -3.21 -4.43
C PRO A 62 -8.25 -3.40 -3.03
N THR A 63 -7.89 -4.60 -2.64
CA THR A 63 -7.08 -4.90 -1.46
C THR A 63 -5.93 -3.94 -1.18
N LEU A 64 -5.09 -3.64 -2.16
CA LEU A 64 -4.05 -2.61 -2.00
C LEU A 64 -4.61 -1.22 -1.70
N LYS A 65 -5.72 -0.86 -2.36
CA LYS A 65 -6.51 0.33 -2.01
C LYS A 65 -7.02 0.27 -0.55
N GLN A 66 -7.23 -0.92 0.01
CA GLN A 66 -7.67 -1.09 1.39
C GLN A 66 -6.55 -0.81 2.37
N ALA A 67 -5.31 -1.11 1.97
CA ALA A 67 -4.13 -0.80 2.72
C ALA A 67 -3.66 0.64 2.48
N ALA A 68 -4.53 1.50 1.98
CA ALA A 68 -4.20 2.89 1.71
C ALA A 68 -5.15 3.79 2.48
N LYS A 69 -6.41 3.35 2.66
CA LYS A 69 -7.43 4.10 3.38
C LYS A 69 -6.88 4.66 4.67
N SER A 70 -6.50 3.79 5.59
CA SER A 70 -5.85 4.12 6.84
C SER A 70 -4.35 3.84 6.77
N VAL A 71 -3.63 4.72 6.06
CA VAL A 71 -2.18 4.61 5.96
C VAL A 71 -1.49 5.81 6.60
N ARG A 72 -2.27 6.83 6.95
CA ARG A 72 -1.81 8.05 7.62
C ARG A 72 -2.76 8.50 8.71
N VAL A 73 -3.58 7.57 9.20
CA VAL A 73 -4.55 7.85 10.22
C VAL A 73 -4.46 6.77 11.29
N GLN A 74 -4.41 7.20 12.53
CA GLN A 74 -4.37 6.29 13.68
C GLN A 74 -5.47 6.62 14.68
N GLY A 75 -6.58 7.17 14.19
CA GLY A 75 -7.67 7.58 15.06
C GLY A 75 -7.45 8.98 15.61
N GLN A 76 -6.88 9.87 14.78
CA GLN A 76 -6.62 11.25 15.16
C GLN A 76 -6.34 12.12 13.91
N HIS A 77 -6.89 11.73 12.76
CA HIS A 77 -6.72 12.47 11.51
C HIS A 77 -8.09 12.91 10.99
N GLY A 78 -8.30 12.73 9.69
CA GLY A 78 -9.53 13.07 9.02
C GLY A 78 -9.42 12.89 7.50
N PRO A 79 -10.45 13.29 6.76
CA PRO A 79 -10.49 13.19 5.32
C PRO A 79 -9.59 14.21 4.66
N PHE A 80 -8.43 13.77 4.19
CA PHE A 80 -7.42 14.65 3.57
C PHE A 80 -6.19 13.88 3.13
N GLN A 81 -5.63 13.11 4.07
CA GLN A 81 -4.47 12.28 3.80
C GLN A 81 -4.78 11.38 2.63
N SER A 82 -5.87 10.59 2.69
CA SER A 82 -6.27 9.57 1.72
C SER A 82 -6.14 10.13 0.36
N THR A 83 -6.70 11.31 0.09
CA THR A 83 -6.52 12.02 -1.19
C THR A 83 -5.09 11.87 -1.72
N ARG A 84 -4.13 12.53 -1.06
CA ARG A 84 -2.76 12.51 -1.52
C ARG A 84 -2.14 11.17 -1.33
N ILE A 85 -2.34 10.56 -0.17
CA ILE A 85 -1.89 9.23 0.21
C ILE A 85 -2.10 8.24 -0.93
N TYR A 86 -3.34 8.15 -1.39
CA TYR A 86 -3.77 7.36 -2.52
C TYR A 86 -3.02 7.78 -3.73
N GLN A 87 -2.79 9.06 -3.99
CA GLN A 87 -1.95 9.54 -5.09
C GLN A 87 -0.51 8.97 -5.03
N ILE A 88 0.01 8.72 -3.84
CA ILE A 88 1.35 8.17 -3.67
C ILE A 88 1.31 6.66 -3.87
N ALA A 89 0.36 5.97 -3.24
CA ALA A 89 0.11 4.55 -3.44
C ALA A 89 -0.61 4.25 -4.77
N LYS A 90 -0.86 5.28 -5.58
CA LYS A 90 -1.50 5.19 -6.88
C LYS A 90 -0.43 4.88 -7.90
N ASN A 91 0.78 5.39 -7.67
CA ASN A 91 1.91 5.13 -8.56
C ASN A 91 2.57 3.79 -8.22
N LEU A 92 1.96 3.02 -7.31
CA LEU A 92 2.47 1.72 -6.93
C LEU A 92 2.20 0.71 -8.05
N PRO A 93 0.92 0.45 -8.41
CA PRO A 93 0.59 -0.45 -9.51
C PRO A 93 0.93 0.13 -10.87
N ASN A 94 1.47 1.35 -10.94
CA ASN A 94 1.91 1.96 -12.17
C ASN A 94 3.35 1.57 -12.50
N VAL A 95 4.21 1.58 -11.49
CA VAL A 95 5.63 1.22 -11.64
C VAL A 95 5.85 -0.24 -11.29
N CYS A 96 4.84 -0.88 -10.71
CA CYS A 96 4.86 -2.28 -10.36
C CYS A 96 3.62 -2.92 -10.93
N ASN A 97 3.26 -2.66 -12.19
CA ASN A 97 2.10 -3.24 -12.88
C ASN A 97 1.83 -4.66 -12.40
N MET A 98 0.88 -4.78 -11.47
CA MET A 98 0.60 -6.03 -10.79
C MET A 98 -0.84 -6.38 -11.04
N LYS A 99 -1.46 -5.81 -12.05
CA LYS A 99 -2.86 -6.09 -12.35
C LYS A 99 -3.00 -5.77 -13.81
N GLN A 100 -2.99 -6.82 -14.62
CA GLN A 100 -3.29 -6.69 -16.04
C GLN A 100 -4.78 -6.90 -16.34
N ILE A 101 -5.62 -6.79 -15.33
CA ILE A 101 -7.06 -7.00 -15.45
C ILE A 101 -7.72 -5.63 -15.35
N GLY A 102 -7.85 -5.12 -14.13
CA GLY A 102 -8.61 -3.90 -13.88
C GLY A 102 -9.47 -4.00 -12.62
N THR A 103 -8.82 -4.15 -11.48
CA THR A 103 -9.48 -4.36 -10.20
C THR A 103 -9.76 -3.03 -9.52
N CYS A 104 -8.72 -2.21 -9.31
CA CYS A 104 -8.85 -0.82 -8.87
C CYS A 104 -8.20 0.10 -9.91
N PRO A 105 -8.79 0.28 -11.10
CA PRO A 105 -8.24 1.18 -12.12
C PRO A 105 -8.49 2.65 -11.75
N PHE A 106 -8.12 3.03 -10.53
CA PHE A 106 -8.24 4.37 -10.01
C PHE A 106 -6.97 5.13 -10.26
N ILE A 107 -7.07 6.46 -10.28
CA ILE A 107 -5.97 7.38 -10.58
C ILE A 107 -6.46 8.81 -10.75
N ALA A 108 -7.61 9.02 -11.40
CA ALA A 108 -8.30 10.31 -11.52
C ALA A 108 -8.96 10.73 -10.19
N ILE A 109 -8.15 10.78 -9.13
CA ILE A 109 -8.56 11.22 -7.80
C ILE A 109 -8.27 12.72 -7.60
N GLN A 1 -10.82 -13.07 -10.20
CA GLN A 1 -11.99 -13.96 -10.31
C GLN A 1 -12.50 -14.37 -8.93
N PRO A 2 -11.69 -15.08 -8.11
CA PRO A 2 -12.08 -15.48 -6.77
C PRO A 2 -12.14 -14.26 -5.86
N GLN A 3 -13.35 -13.79 -5.54
CA GLN A 3 -13.54 -12.66 -4.64
C GLN A 3 -12.98 -12.95 -3.25
N LYS A 4 -12.83 -14.22 -2.88
CA LYS A 4 -12.14 -14.64 -1.68
C LYS A 4 -10.85 -13.86 -1.49
N CYS A 5 -10.02 -13.67 -2.51
CA CYS A 5 -8.82 -12.85 -2.43
C CYS A 5 -9.05 -11.50 -1.73
N GLN A 6 -10.12 -10.80 -2.11
CA GLN A 6 -10.54 -9.59 -1.43
C GLN A 6 -10.77 -9.75 0.06
N ARG A 7 -11.53 -10.79 0.41
CA ARG A 7 -11.72 -11.24 1.78
C ARG A 7 -10.55 -12.06 2.33
N GLU A 8 -9.41 -12.14 1.67
CA GLU A 8 -8.22 -12.89 2.07
C GLU A 8 -7.09 -11.96 2.46
N PHE A 9 -7.08 -10.76 1.87
CA PHE A 9 -6.13 -9.73 2.19
C PHE A 9 -6.44 -9.20 3.57
N GLN A 10 -7.69 -8.83 3.83
CA GLN A 10 -8.02 -8.20 5.11
C GLN A 10 -8.39 -9.25 6.15
N GLN A 11 -8.61 -10.49 5.70
CA GLN A 11 -8.98 -11.60 6.54
C GLN A 11 -8.09 -11.66 7.76
N GLU A 12 -6.77 -11.71 7.52
CA GLU A 12 -5.77 -11.89 8.56
C GLU A 12 -4.34 -11.82 8.00
N GLN A 13 -4.16 -11.06 6.91
CA GLN A 13 -2.86 -10.95 6.26
C GLN A 13 -2.86 -9.74 5.34
N HIS A 14 -3.07 -8.56 5.94
CA HIS A 14 -3.07 -7.31 5.20
C HIS A 14 -1.65 -7.05 4.70
N LEU A 15 -1.39 -5.82 4.26
CA LEU A 15 -0.11 -5.49 3.67
C LEU A 15 0.69 -4.71 4.68
N ARG A 16 1.97 -4.50 4.40
CA ARG A 16 2.86 -3.75 5.26
C ARG A 16 3.81 -2.98 4.41
N ALA A 17 4.89 -3.57 3.92
CA ALA A 17 5.82 -2.91 3.04
C ALA A 17 5.11 -2.09 1.95
N CYS A 18 3.89 -2.43 1.54
CA CYS A 18 3.07 -1.63 0.64
C CYS A 18 2.47 -0.41 1.33
N GLN A 19 1.80 -0.63 2.45
CA GLN A 19 1.27 0.41 3.30
C GLN A 19 2.25 0.94 4.37
N GLN A 20 3.55 0.87 4.08
CA GLN A 20 4.63 1.26 5.00
C GLN A 20 5.72 1.99 4.26
N TRP A 21 6.00 1.62 3.01
CA TRP A 21 6.96 2.38 2.21
C TRP A 21 6.52 3.82 2.06
N ILE A 22 5.20 4.04 1.98
CA ILE A 22 4.59 5.37 1.88
C ILE A 22 4.88 6.15 3.16
N ARG A 23 4.94 5.46 4.32
CA ARG A 23 5.33 6.02 5.61
C ARG A 23 6.81 6.34 5.73
N GLN A 24 7.64 5.62 5.01
CA GLN A 24 9.06 5.90 4.86
C GLN A 24 9.37 6.98 3.82
N GLN A 25 8.31 7.57 3.23
CA GLN A 25 8.46 8.68 2.29
C GLN A 25 8.36 10.04 2.96
N LEU A 26 7.95 10.09 4.23
CA LEU A 26 7.77 11.30 5.00
C LEU A 26 8.54 11.17 6.32
N ALA A 27 8.67 12.28 7.03
CA ALA A 27 9.36 12.33 8.31
C ALA A 27 8.42 11.97 9.47
N GLY A 28 7.49 11.04 9.22
CA GLY A 28 6.50 10.57 10.19
C GLY A 28 6.61 9.08 10.49
N SER A 29 7.85 8.56 10.49
CA SER A 29 8.19 7.16 10.76
C SER A 29 9.32 7.13 11.80
N PRO A 30 8.98 7.26 13.10
CA PRO A 30 9.95 7.13 14.19
C PRO A 30 10.31 5.66 14.43
N PHE A 31 11.23 5.42 15.35
CA PHE A 31 11.81 4.12 15.63
C PHE A 31 12.82 4.24 16.77
N SER A 32 13.15 3.11 17.38
CA SER A 32 14.13 2.99 18.47
C SER A 32 14.14 1.58 19.07
N GLU A 33 12.95 1.03 19.32
CA GLU A 33 12.78 -0.32 19.86
C GLU A 33 12.09 -1.24 18.85
N ASN A 34 11.05 -0.72 18.19
CA ASN A 34 10.32 -1.43 17.16
C ASN A 34 10.68 -0.82 15.82
N GLN A 35 11.91 -1.09 15.37
CA GLN A 35 12.38 -0.62 14.07
C GLN A 35 11.34 -0.86 12.98
N TRP A 36 11.32 -0.01 11.96
CA TRP A 36 10.33 -0.10 10.87
C TRP A 36 10.67 -1.19 9.85
N GLY A 37 10.98 -2.41 10.36
CA GLY A 37 11.58 -3.50 9.63
C GLY A 37 12.60 -3.01 8.60
N PRO A 38 13.66 -2.29 8.99
CA PRO A 38 14.63 -1.77 8.03
C PRO A 38 15.52 -2.89 7.53
N GLN A 39 16.01 -3.76 8.40
CA GLN A 39 16.83 -4.91 7.99
C GLN A 39 15.96 -6.09 7.56
N GLN A 40 14.64 -5.92 7.55
CA GLN A 40 13.68 -6.95 7.17
C GLN A 40 12.88 -6.57 5.93
N GLY A 41 12.54 -5.29 5.79
CA GLY A 41 11.84 -4.70 4.66
C GLY A 41 12.41 -3.32 4.34
N PRO A 42 13.69 -3.20 3.95
CA PRO A 42 14.31 -1.93 3.57
C PRO A 42 13.87 -1.48 2.19
N SER A 43 14.04 -2.32 1.19
CA SER A 43 13.65 -2.02 -0.17
C SER A 43 12.18 -2.37 -0.28
N LEU A 44 11.27 -1.72 0.44
CA LEU A 44 9.84 -1.99 0.38
C LEU A 44 9.34 -1.88 -1.06
N ARG A 45 9.76 -0.88 -1.83
CA ARG A 45 9.39 -0.88 -3.26
C ARG A 45 9.86 -2.08 -4.05
N GLU A 46 10.82 -2.83 -3.56
CA GLU A 46 11.31 -4.10 -4.11
C GLU A 46 10.78 -5.33 -3.37
N GLN A 47 10.31 -5.16 -2.13
CA GLN A 47 9.79 -6.20 -1.30
C GLN A 47 8.29 -6.21 -1.40
N CYS A 48 7.60 -5.08 -1.20
CA CYS A 48 6.18 -4.91 -1.47
C CYS A 48 5.85 -5.31 -2.89
N CYS A 49 6.60 -4.88 -3.92
CA CYS A 49 6.33 -5.31 -5.29
C CYS A 49 6.28 -6.85 -5.44
N ASN A 50 6.76 -7.60 -4.45
CA ASN A 50 6.62 -9.05 -4.29
C ASN A 50 5.59 -9.45 -3.24
N GLU A 51 5.63 -8.85 -2.05
CA GLU A 51 4.74 -9.06 -0.93
C GLU A 51 3.29 -8.70 -1.28
N LEU A 52 3.08 -7.95 -2.35
CA LEU A 52 1.77 -7.60 -2.86
C LEU A 52 1.38 -8.61 -3.94
N TYR A 53 2.36 -9.14 -4.68
CA TYR A 53 2.22 -10.06 -5.80
C TYR A 53 2.17 -11.51 -5.31
N GLN A 54 2.11 -11.69 -3.99
CA GLN A 54 2.06 -12.99 -3.35
C GLN A 54 0.62 -13.44 -3.14
N GLU A 55 -0.26 -12.49 -2.85
CA GLU A 55 -1.68 -12.76 -2.64
C GLU A 55 -2.41 -12.88 -3.95
N ASP A 56 -1.71 -12.99 -5.09
CA ASP A 56 -2.25 -13.03 -6.44
C ASP A 56 -2.59 -11.62 -6.93
N GLN A 57 -3.25 -11.51 -8.08
CA GLN A 57 -3.70 -10.24 -8.65
C GLN A 57 -5.05 -9.82 -8.13
N VAL A 58 -5.80 -10.78 -7.65
CA VAL A 58 -7.14 -10.54 -7.11
C VAL A 58 -7.07 -9.95 -5.69
N CYS A 59 -5.85 -9.80 -5.17
CA CYS A 59 -5.49 -9.20 -3.90
C CYS A 59 -4.56 -7.98 -4.09
N VAL A 60 -4.31 -7.62 -5.35
CA VAL A 60 -3.67 -6.35 -5.69
C VAL A 60 -4.63 -5.21 -5.55
N CYS A 61 -5.93 -5.47 -5.54
CA CYS A 61 -6.97 -4.48 -5.38
C CYS A 61 -8.38 -5.11 -5.40
N PRO A 62 -9.41 -4.32 -5.07
CA PRO A 62 -9.28 -3.06 -4.37
C PRO A 62 -8.75 -3.27 -2.94
N THR A 63 -8.40 -4.46 -2.51
CA THR A 63 -7.67 -4.74 -1.27
C THR A 63 -6.55 -3.77 -0.91
N LEU A 64 -5.63 -3.45 -1.81
CA LEU A 64 -4.57 -2.46 -1.58
C LEU A 64 -5.16 -1.12 -1.13
N LYS A 65 -6.31 -0.75 -1.70
CA LYS A 65 -7.09 0.43 -1.31
C LYS A 65 -7.35 0.44 0.19
N GLN A 66 -7.64 -0.70 0.81
CA GLN A 66 -7.77 -0.83 2.27
C GLN A 66 -6.50 -0.46 2.99
N ALA A 67 -5.37 -1.11 2.67
CA ALA A 67 -4.07 -0.78 3.23
C ALA A 67 -3.73 0.68 2.96
N ALA A 68 -4.32 1.33 1.94
CA ALA A 68 -4.20 2.73 1.63
C ALA A 68 -5.00 3.57 2.63
N LYS A 69 -6.27 3.22 2.86
CA LYS A 69 -7.11 3.89 3.85
C LYS A 69 -6.65 3.63 5.29
N SER A 70 -5.93 2.53 5.51
CA SER A 70 -5.31 2.14 6.78
C SER A 70 -3.81 2.32 6.74
N VAL A 71 -3.30 3.04 5.72
CA VAL A 71 -1.85 3.22 5.55
C VAL A 71 -1.31 4.13 6.64
N ARG A 72 -2.20 4.98 7.16
CA ARG A 72 -1.94 5.96 8.18
C ARG A 72 -3.19 6.37 8.93
N VAL A 73 -4.22 5.51 8.92
CA VAL A 73 -5.45 5.70 9.70
C VAL A 73 -5.13 6.19 11.11
N GLN A 74 -5.12 7.51 11.28
CA GLN A 74 -4.83 8.15 12.56
C GLN A 74 -6.13 8.55 13.26
N GLY A 75 -7.23 7.89 12.90
CA GLY A 75 -8.56 8.19 13.40
C GLY A 75 -9.49 8.76 12.35
N GLN A 76 -9.10 8.71 11.06
CA GLN A 76 -9.82 9.20 9.89
C GLN A 76 -8.91 9.16 8.68
N HIS A 77 -9.49 8.97 7.50
CA HIS A 77 -8.80 9.02 6.21
C HIS A 77 -9.78 9.32 5.09
N GLY A 78 -9.67 10.52 4.53
CA GLY A 78 -10.55 11.02 3.45
C GLY A 78 -10.06 12.33 2.80
N PRO A 79 -9.90 13.41 3.57
CA PRO A 79 -9.33 14.67 3.10
C PRO A 79 -7.81 14.55 2.92
N PHE A 80 -7.06 15.66 2.86
CA PHE A 80 -5.60 15.82 2.85
C PHE A 80 -4.80 14.53 2.95
N GLN A 81 -4.79 13.92 4.13
CA GLN A 81 -4.32 12.57 4.35
C GLN A 81 -4.61 11.65 3.16
N SER A 82 -5.83 11.17 2.89
CA SER A 82 -6.26 10.47 1.68
C SER A 82 -5.97 11.23 0.41
N THR A 83 -6.19 12.56 0.33
CA THR A 83 -5.83 13.35 -0.86
C THR A 83 -4.42 13.09 -1.38
N ARG A 84 -3.52 12.61 -0.50
CA ARG A 84 -2.15 12.25 -0.82
C ARG A 84 -1.81 10.79 -0.59
N ILE A 85 -2.24 10.24 0.53
CA ILE A 85 -2.14 8.84 0.94
C ILE A 85 -2.53 7.93 -0.22
N TYR A 86 -3.51 8.35 -1.01
CA TYR A 86 -3.92 7.71 -2.23
C TYR A 86 -3.17 8.22 -3.44
N GLN A 87 -2.96 9.54 -3.57
CA GLN A 87 -2.21 10.11 -4.68
C GLN A 87 -0.80 9.53 -4.84
N ILE A 88 -0.26 8.96 -3.77
CA ILE A 88 1.02 8.27 -3.73
C ILE A 88 0.82 6.77 -3.93
N ALA A 89 -0.25 6.22 -3.37
CA ALA A 89 -0.62 4.82 -3.54
C ALA A 89 -1.30 4.56 -4.90
N LYS A 90 -1.34 5.56 -5.78
CA LYS A 90 -1.93 5.48 -7.12
C LYS A 90 -0.89 5.21 -8.19
N ASN A 91 0.34 5.68 -7.93
CA ASN A 91 1.50 5.38 -8.74
C ASN A 91 2.17 4.09 -8.30
N LEU A 92 1.58 3.35 -7.36
CA LEU A 92 2.07 2.04 -6.96
C LEU A 92 1.86 1.02 -8.07
N PRO A 93 0.62 0.73 -8.48
CA PRO A 93 0.35 -0.19 -9.57
C PRO A 93 0.76 0.34 -10.96
N ASN A 94 1.29 1.56 -11.04
CA ASN A 94 1.80 2.15 -12.28
C ASN A 94 3.29 1.87 -12.44
N VAL A 95 4.00 1.76 -11.32
CA VAL A 95 5.46 1.55 -11.28
C VAL A 95 5.80 0.15 -10.79
N CYS A 96 4.83 -0.54 -10.22
CA CYS A 96 4.86 -1.91 -9.72
C CYS A 96 3.71 -2.69 -10.35
N ASN A 97 3.31 -2.40 -11.60
CA ASN A 97 2.26 -3.13 -12.33
C ASN A 97 2.04 -4.56 -11.84
N MET A 98 0.91 -4.76 -11.18
CA MET A 98 0.62 -5.99 -10.44
C MET A 98 -0.80 -6.45 -10.66
N LYS A 99 -1.38 -6.08 -11.79
CA LYS A 99 -2.77 -6.30 -12.10
C LYS A 99 -2.98 -6.17 -13.58
N GLN A 100 -2.09 -6.74 -14.39
CA GLN A 100 -2.19 -6.63 -15.84
C GLN A 100 -3.62 -6.73 -16.38
N ILE A 101 -4.44 -7.56 -15.72
CA ILE A 101 -5.89 -7.63 -15.91
C ILE A 101 -6.58 -6.25 -15.81
N GLY A 102 -6.49 -5.58 -14.65
CA GLY A 102 -7.05 -4.28 -14.38
C GLY A 102 -7.92 -4.31 -13.13
N THR A 103 -7.28 -4.38 -11.98
CA THR A 103 -7.99 -4.48 -10.70
C THR A 103 -8.55 -3.14 -10.24
N CYS A 104 -7.72 -2.24 -9.72
CA CYS A 104 -8.09 -0.86 -9.42
C CYS A 104 -7.19 0.07 -10.24
N PRO A 105 -7.38 0.20 -11.55
CA PRO A 105 -6.62 1.13 -12.40
C PRO A 105 -7.06 2.59 -12.16
N PHE A 106 -7.13 2.98 -10.89
CA PHE A 106 -7.45 4.32 -10.44
C PHE A 106 -6.21 5.19 -10.51
N ILE A 107 -6.43 6.50 -10.55
CA ILE A 107 -5.40 7.53 -10.64
C ILE A 107 -5.95 8.94 -10.82
N ALA A 108 -7.05 9.07 -11.56
CA ALA A 108 -7.83 10.30 -11.74
C ALA A 108 -8.62 10.66 -10.47
N ILE A 109 -7.90 10.77 -9.36
CA ILE A 109 -8.44 11.19 -8.07
C ILE A 109 -8.63 12.71 -7.96
N GLN A 1 -13.53 -12.98 -11.44
CA GLN A 1 -12.36 -13.33 -10.62
C GLN A 1 -12.79 -13.84 -9.25
N PRO A 2 -11.91 -14.58 -8.56
CA PRO A 2 -12.19 -15.12 -7.24
C PRO A 2 -12.19 -14.03 -6.18
N GLN A 3 -13.39 -13.67 -5.71
CA GLN A 3 -13.50 -12.64 -4.70
C GLN A 3 -12.91 -13.10 -3.41
N LYS A 4 -12.90 -14.41 -3.12
CA LYS A 4 -12.29 -14.98 -1.93
C LYS A 4 -10.92 -14.37 -1.66
N CYS A 5 -10.14 -14.09 -2.70
CA CYS A 5 -8.88 -13.37 -2.57
C CYS A 5 -9.01 -12.06 -1.76
N GLN A 6 -10.02 -11.25 -2.06
CA GLN A 6 -10.36 -10.12 -1.24
C GLN A 6 -10.52 -10.42 0.23
N ARG A 7 -11.17 -11.54 0.53
CA ARG A 7 -11.27 -12.08 1.88
C ARG A 7 -10.02 -12.83 2.33
N GLU A 8 -8.90 -12.69 1.67
CA GLU A 8 -7.64 -13.34 1.96
C GLU A 8 -6.59 -12.33 2.37
N PHE A 9 -6.78 -11.07 1.95
CA PHE A 9 -5.88 -10.00 2.29
C PHE A 9 -6.17 -9.57 3.71
N GLN A 10 -7.45 -9.34 4.03
CA GLN A 10 -7.84 -8.84 5.33
C GLN A 10 -8.09 -9.99 6.28
N GLN A 11 -8.20 -11.20 5.72
CA GLN A 11 -8.45 -12.41 6.48
C GLN A 11 -7.57 -12.43 7.69
N GLU A 12 -6.26 -12.28 7.48
CA GLU A 12 -5.29 -12.36 8.55
C GLU A 12 -3.87 -12.18 8.01
N GLN A 13 -3.71 -11.25 7.07
CA GLN A 13 -2.42 -10.99 6.46
C GLN A 13 -2.54 -9.82 5.51
N HIS A 14 -2.87 -8.64 6.06
CA HIS A 14 -3.06 -7.43 5.27
C HIS A 14 -1.71 -7.05 4.67
N LEU A 15 -1.51 -5.77 4.40
CA LEU A 15 -0.29 -5.34 3.78
C LEU A 15 0.45 -4.47 4.75
N ARG A 16 1.70 -4.14 4.44
CA ARG A 16 2.51 -3.34 5.33
C ARG A 16 3.54 -2.65 4.53
N ALA A 17 4.58 -3.32 4.03
CA ALA A 17 5.53 -2.77 3.10
C ALA A 17 4.91 -1.97 1.93
N CYS A 18 3.61 -2.04 1.73
CA CYS A 18 2.85 -1.34 0.74
C CYS A 18 2.06 -0.22 1.40
N GLN A 19 1.56 -0.45 2.60
CA GLN A 19 0.93 0.57 3.39
C GLN A 19 1.77 1.15 4.52
N GLN A 20 3.07 1.20 4.31
CA GLN A 20 4.01 1.61 5.32
C GLN A 20 5.08 2.43 4.63
N TRP A 21 5.47 2.07 3.41
CA TRP A 21 6.52 2.79 2.72
C TRP A 21 6.06 4.20 2.48
N ILE A 22 4.77 4.40 2.20
CA ILE A 22 4.21 5.74 2.05
C ILE A 22 4.33 6.52 3.35
N ARG A 23 4.49 5.83 4.47
CA ARG A 23 4.75 6.40 5.77
C ARG A 23 6.19 6.84 5.97
N GLN A 24 7.05 6.56 5.01
CA GLN A 24 8.43 6.95 4.99
C GLN A 24 8.62 8.32 4.37
N GLN A 25 7.62 8.78 3.62
CA GLN A 25 7.64 10.11 3.06
C GLN A 25 7.35 11.20 4.10
N LEU A 26 7.16 10.80 5.34
CA LEU A 26 6.82 11.67 6.43
C LEU A 26 7.84 11.46 7.53
N ALA A 27 8.09 12.52 8.30
CA ALA A 27 9.02 12.47 9.43
C ALA A 27 8.28 12.02 10.69
N GLY A 28 7.40 11.03 10.55
CA GLY A 28 6.64 10.49 11.67
C GLY A 28 6.93 9.03 11.87
N SER A 29 8.17 8.58 11.58
CA SER A 29 8.55 7.19 11.72
C SER A 29 9.98 7.10 12.22
N PRO A 30 10.19 7.07 13.55
CA PRO A 30 11.52 6.97 14.13
C PRO A 30 12.11 5.57 13.93
N PHE A 31 13.35 5.41 14.38
CA PHE A 31 14.06 4.16 14.22
C PHE A 31 14.95 3.90 15.42
N SER A 32 15.20 2.62 15.71
CA SER A 32 16.06 2.23 16.82
C SER A 32 16.26 0.73 16.85
N GLU A 33 16.46 0.14 15.68
CA GLU A 33 16.65 -1.30 15.56
C GLU A 33 17.05 -1.67 14.14
N ASN A 34 16.97 -2.97 13.81
CA ASN A 34 17.23 -3.44 12.47
C ASN A 34 16.48 -2.60 11.44
N GLN A 35 16.92 -2.68 10.20
CA GLN A 35 16.27 -1.98 9.11
C GLN A 35 14.78 -2.30 9.08
N TRP A 36 13.95 -1.27 9.29
CA TRP A 36 12.52 -1.45 9.23
C TRP A 36 12.11 -1.89 7.81
N GLY A 37 12.96 -1.58 6.82
CA GLY A 37 12.71 -1.92 5.45
C GLY A 37 13.11 -0.77 4.56
N PRO A 38 12.57 0.44 4.77
CA PRO A 38 12.88 1.61 3.97
C PRO A 38 14.25 2.17 4.35
N GLN A 39 15.30 1.39 4.11
CA GLN A 39 16.67 1.77 4.42
C GLN A 39 16.93 3.21 4.03
N GLN A 40 16.65 3.53 2.76
CA GLN A 40 16.75 4.89 2.28
C GLN A 40 15.39 5.45 1.87
N GLY A 41 14.36 4.60 1.85
CA GLY A 41 13.06 4.94 1.30
C GLY A 41 12.63 4.12 0.11
N PRO A 42 13.52 3.95 -0.89
CA PRO A 42 13.24 3.11 -2.06
C PRO A 42 13.32 1.62 -1.72
N SER A 43 13.63 1.29 -0.48
CA SER A 43 13.72 -0.08 -0.03
C SER A 43 12.39 -0.55 0.47
N LEU A 44 11.42 -0.72 -0.43
CA LEU A 44 10.10 -1.19 -0.06
C LEU A 44 9.35 -1.49 -1.32
N ARG A 45 9.58 -0.77 -2.42
CA ARG A 45 8.97 -1.08 -3.70
C ARG A 45 9.34 -2.46 -4.18
N GLU A 46 10.37 -3.07 -3.63
CA GLU A 46 10.77 -4.42 -3.97
C GLU A 46 10.10 -5.44 -3.06
N GLN A 47 10.09 -5.17 -1.76
CA GLN A 47 9.47 -6.07 -0.79
C GLN A 47 7.97 -6.00 -0.90
N CYS A 48 7.38 -4.82 -1.10
CA CYS A 48 5.98 -4.63 -1.31
C CYS A 48 5.58 -5.22 -2.64
N CYS A 49 6.40 -5.08 -3.68
CA CYS A 49 6.14 -5.74 -4.95
C CYS A 49 6.22 -7.26 -4.82
N ASN A 50 6.71 -7.77 -3.70
CA ASN A 50 6.73 -9.16 -3.38
C ASN A 50 5.72 -9.54 -2.32
N GLU A 51 5.15 -8.55 -1.66
CA GLU A 51 4.16 -8.74 -0.62
C GLU A 51 2.77 -8.37 -1.13
N LEU A 52 2.68 -7.71 -2.27
CA LEU A 52 1.44 -7.30 -2.87
C LEU A 52 1.12 -8.27 -4.00
N TYR A 53 2.13 -8.97 -4.52
CA TYR A 53 2.03 -9.81 -5.69
C TYR A 53 2.10 -11.25 -5.24
N GLN A 54 2.00 -11.47 -3.93
CA GLN A 54 2.07 -12.80 -3.36
C GLN A 54 0.67 -13.38 -3.21
N GLU A 55 -0.31 -12.53 -2.92
CA GLU A 55 -1.67 -12.95 -2.76
C GLU A 55 -2.37 -12.99 -4.10
N ASP A 56 -1.63 -13.01 -5.21
CA ASP A 56 -2.15 -12.99 -6.56
C ASP A 56 -2.53 -11.56 -6.95
N GLN A 57 -3.18 -11.44 -8.10
CA GLN A 57 -3.69 -10.15 -8.56
C GLN A 57 -5.06 -9.86 -8.03
N VAL A 58 -5.80 -10.88 -7.64
CA VAL A 58 -7.13 -10.75 -7.08
C VAL A 58 -7.05 -10.27 -5.63
N CYS A 59 -5.83 -10.07 -5.14
CA CYS A 59 -5.56 -9.54 -3.83
C CYS A 59 -4.74 -8.27 -3.95
N VAL A 60 -4.71 -7.70 -5.16
CA VAL A 60 -4.10 -6.41 -5.39
C VAL A 60 -5.14 -5.31 -5.33
N CYS A 61 -6.41 -5.65 -5.42
CA CYS A 61 -7.48 -4.71 -5.32
C CYS A 61 -8.82 -5.45 -5.31
N PRO A 62 -9.85 -4.84 -4.71
CA PRO A 62 -9.71 -3.60 -3.99
C PRO A 62 -9.01 -3.81 -2.69
N THR A 63 -8.51 -4.97 -2.37
CA THR A 63 -7.71 -5.29 -1.20
C THR A 63 -6.71 -4.22 -0.83
N LEU A 64 -5.84 -3.76 -1.74
CA LEU A 64 -4.91 -2.68 -1.51
C LEU A 64 -5.62 -1.47 -0.99
N LYS A 65 -6.82 -1.13 -1.47
CA LYS A 65 -7.72 -0.12 -0.92
C LYS A 65 -7.69 -0.13 0.59
N GLN A 66 -7.69 -1.26 1.28
CA GLN A 66 -7.48 -1.35 2.70
C GLN A 66 -6.16 -0.81 3.16
N ALA A 67 -5.03 -1.45 2.87
CA ALA A 67 -3.73 -0.93 3.22
C ALA A 67 -3.53 0.47 2.63
N ALA A 68 -4.26 0.86 1.61
CA ALA A 68 -4.21 2.16 1.00
C ALA A 68 -5.13 3.13 1.75
N LYS A 69 -6.09 2.62 2.51
CA LYS A 69 -7.05 3.38 3.27
C LYS A 69 -6.58 3.53 4.69
N SER A 70 -6.25 2.42 5.35
CA SER A 70 -5.67 2.37 6.68
C SER A 70 -4.14 2.52 6.61
N VAL A 71 -3.64 3.06 5.52
CA VAL A 71 -2.22 3.28 5.39
C VAL A 71 -1.75 4.18 6.51
N ARG A 72 -2.65 4.94 7.15
CA ARG A 72 -2.36 5.81 8.25
C ARG A 72 -3.15 5.35 9.44
N VAL A 73 -4.39 5.81 9.54
CA VAL A 73 -5.27 5.54 10.67
C VAL A 73 -6.70 5.62 10.19
N GLN A 74 -7.58 4.85 10.83
CA GLN A 74 -9.00 4.85 10.54
C GLN A 74 -9.82 5.40 11.71
N GLY A 75 -10.78 6.26 11.41
CA GLY A 75 -11.64 6.84 12.42
C GLY A 75 -11.28 8.29 12.66
N GLN A 76 -10.05 8.55 13.08
CA GLN A 76 -9.58 9.91 13.35
C GLN A 76 -8.68 10.41 12.20
N HIS A 77 -9.27 10.61 11.02
CA HIS A 77 -8.53 11.08 9.87
C HIS A 77 -9.50 11.49 8.79
N GLY A 78 -9.51 12.78 8.46
CA GLY A 78 -10.37 13.31 7.43
C GLY A 78 -9.64 13.41 6.09
N PRO A 79 -10.12 14.32 5.23
CA PRO A 79 -9.54 14.55 3.91
C PRO A 79 -8.21 15.29 4.00
N PHE A 80 -7.11 14.54 3.82
CA PHE A 80 -5.78 15.11 3.90
C PHE A 80 -4.73 14.11 3.45
N GLN A 81 -4.75 12.93 4.10
CA GLN A 81 -3.80 11.90 3.82
C GLN A 81 -4.17 11.29 2.51
N SER A 82 -5.40 10.79 2.35
CA SER A 82 -5.89 10.15 1.13
C SER A 82 -5.40 10.89 -0.08
N THR A 83 -5.48 12.22 -0.13
CA THR A 83 -4.92 13.02 -1.22
C THR A 83 -3.57 12.51 -1.68
N ARG A 84 -2.53 12.70 -0.86
CA ARG A 84 -1.19 12.33 -1.19
C ARG A 84 -1.14 10.82 -1.13
N ILE A 85 -1.63 10.19 -0.07
CA ILE A 85 -1.64 8.75 0.12
C ILE A 85 -1.96 8.03 -1.19
N TYR A 86 -3.06 8.40 -1.81
CA TYR A 86 -3.52 7.90 -3.07
C TYR A 86 -2.60 8.34 -4.19
N GLN A 87 -2.26 9.62 -4.24
CA GLN A 87 -1.35 10.14 -5.24
C GLN A 87 -0.02 9.40 -5.19
N ILE A 88 0.40 8.91 -4.05
CA ILE A 88 1.65 8.20 -3.86
C ILE A 88 1.42 6.72 -4.20
N ALA A 89 0.24 6.21 -3.94
CA ALA A 89 -0.14 4.89 -4.38
C ALA A 89 -0.50 4.86 -5.86
N LYS A 90 -0.41 5.99 -6.55
CA LYS A 90 -0.67 6.06 -7.96
C LYS A 90 0.57 5.62 -8.70
N ASN A 91 1.75 5.74 -8.10
CA ASN A 91 3.02 5.40 -8.73
C ASN A 91 3.36 3.97 -8.34
N LEU A 92 2.49 3.32 -7.57
CA LEU A 92 2.63 1.95 -7.20
C LEU A 92 2.39 1.06 -8.41
N PRO A 93 1.30 1.17 -9.17
CA PRO A 93 1.07 0.39 -10.37
C PRO A 93 1.94 0.82 -11.54
N ASN A 94 2.77 1.84 -11.32
CA ASN A 94 3.67 2.35 -12.34
C ASN A 94 4.98 1.59 -12.29
N VAL A 95 5.50 1.43 -11.07
CA VAL A 95 6.75 0.70 -10.85
C VAL A 95 6.49 -0.68 -10.29
N CYS A 96 5.25 -0.97 -9.96
CA CYS A 96 4.83 -2.23 -9.42
C CYS A 96 3.76 -2.79 -10.30
N ASN A 97 3.84 -2.63 -11.63
CA ASN A 97 2.88 -3.10 -12.62
C ASN A 97 2.12 -4.31 -12.11
N MET A 98 0.97 -4.07 -11.50
CA MET A 98 0.19 -5.09 -10.83
C MET A 98 -1.16 -5.09 -11.47
N LYS A 99 -2.19 -5.66 -10.80
CA LYS A 99 -3.60 -5.73 -11.18
C LYS A 99 -3.77 -5.12 -12.56
N GLN A 100 -3.40 -5.88 -13.57
CA GLN A 100 -3.35 -5.28 -14.90
C GLN A 100 -4.75 -5.28 -15.43
N ILE A 101 -5.49 -6.36 -15.11
CA ILE A 101 -6.89 -6.51 -15.46
C ILE A 101 -7.63 -5.16 -15.32
N GLY A 102 -7.63 -4.61 -14.11
CA GLY A 102 -8.26 -3.33 -13.87
C GLY A 102 -9.49 -3.51 -13.00
N THR A 103 -9.30 -3.55 -11.69
CA THR A 103 -10.40 -3.74 -10.75
C THR A 103 -10.80 -2.40 -10.15
N CYS A 104 -9.88 -1.74 -9.44
CA CYS A 104 -10.12 -0.43 -8.85
C CYS A 104 -8.96 0.51 -9.18
N PRO A 105 -8.75 0.76 -10.48
CA PRO A 105 -7.67 1.63 -10.93
C PRO A 105 -7.98 3.08 -10.58
N PHE A 106 -7.70 3.43 -9.33
CA PHE A 106 -7.89 4.78 -8.84
C PHE A 106 -6.70 5.65 -9.21
N ILE A 107 -5.78 5.17 -10.02
CA ILE A 107 -4.62 5.93 -10.41
C ILE A 107 -4.98 7.22 -11.10
N ALA A 108 -6.02 7.22 -11.95
CA ALA A 108 -6.54 8.40 -12.61
C ALA A 108 -7.27 9.32 -11.61
N ILE A 109 -6.55 9.78 -10.61
CA ILE A 109 -7.03 10.68 -9.58
C ILE A 109 -6.53 12.11 -9.83
N GLN A 1 -10.25 -17.46 -7.37
CA GLN A 1 -9.80 -16.50 -6.35
C GLN A 1 -10.43 -15.15 -6.62
N PRO A 2 -11.77 -15.02 -6.66
CA PRO A 2 -12.43 -13.75 -6.92
C PRO A 2 -12.30 -12.78 -5.77
N GLN A 3 -13.18 -11.79 -5.67
CA GLN A 3 -13.20 -10.82 -4.57
C GLN A 3 -13.05 -11.49 -3.22
N LYS A 4 -13.50 -12.74 -3.08
CA LYS A 4 -13.24 -13.55 -1.89
C LYS A 4 -11.80 -13.44 -1.38
N CYS A 5 -10.84 -13.24 -2.28
CA CYS A 5 -9.46 -12.93 -1.98
C CYS A 5 -9.36 -11.70 -1.10
N GLN A 6 -9.98 -10.57 -1.47
CA GLN A 6 -9.99 -9.35 -0.68
C GLN A 6 -10.23 -9.63 0.81
N ARG A 7 -11.25 -10.47 1.06
CA ARG A 7 -11.52 -10.91 2.43
C ARG A 7 -10.35 -11.68 3.00
N GLU A 8 -9.80 -12.65 2.28
CA GLU A 8 -8.58 -13.38 2.68
C GLU A 8 -7.34 -12.48 2.85
N PHE A 9 -7.34 -11.34 2.17
CA PHE A 9 -6.26 -10.39 2.23
C PHE A 9 -6.37 -9.59 3.51
N GLN A 10 -7.61 -9.31 3.94
CA GLN A 10 -7.86 -8.50 5.12
C GLN A 10 -8.19 -9.40 6.31
N GLN A 11 -8.34 -10.70 6.06
CA GLN A 11 -8.71 -11.67 7.06
C GLN A 11 -7.69 -11.58 8.17
N GLU A 12 -6.41 -11.68 7.79
CA GLU A 12 -5.31 -11.73 8.75
C GLU A 12 -3.97 -11.81 8.01
N GLN A 13 -3.91 -11.24 6.82
CA GLN A 13 -2.71 -11.27 6.01
C GLN A 13 -2.65 -10.06 5.09
N HIS A 14 -2.87 -8.87 5.65
CA HIS A 14 -2.92 -7.64 4.89
C HIS A 14 -1.50 -7.34 4.41
N LEU A 15 -1.22 -6.06 4.22
CA LEU A 15 0.10 -5.64 3.77
C LEU A 15 0.69 -4.71 4.80
N ARG A 16 1.99 -4.45 4.65
CA ARG A 16 2.74 -3.59 5.55
C ARG A 16 3.65 -2.75 4.73
N ALA A 17 4.82 -3.24 4.34
CA ALA A 17 5.77 -2.51 3.54
C ALA A 17 5.09 -1.66 2.47
N CYS A 18 4.23 -2.24 1.64
CA CYS A 18 3.43 -1.53 0.67
C CYS A 18 2.67 -0.39 1.32
N GLN A 19 1.84 -0.70 2.30
CA GLN A 19 1.17 0.31 3.10
C GLN A 19 2.00 0.92 4.23
N GLN A 20 3.30 1.04 4.04
CA GLN A 20 4.21 1.47 5.09
C GLN A 20 5.26 2.36 4.52
N TRP A 21 5.88 1.94 3.42
CA TRP A 21 6.84 2.72 2.66
C TRP A 21 6.24 4.06 2.29
N ILE A 22 4.92 4.08 2.08
CA ILE A 22 4.19 5.30 1.76
C ILE A 22 4.43 6.35 2.83
N ARG A 23 4.67 5.90 4.06
CA ARG A 23 5.03 6.72 5.20
C ARG A 23 6.42 6.38 5.73
N GLN A 24 7.26 5.74 4.95
CA GLN A 24 8.59 5.41 5.38
C GLN A 24 9.63 6.24 4.67
N GLN A 25 9.29 6.72 3.48
CA GLN A 25 10.18 7.59 2.73
C GLN A 25 10.45 8.91 3.44
N LEU A 26 9.69 9.20 4.49
CA LEU A 26 9.79 10.39 5.29
C LEU A 26 10.23 10.02 6.71
N ALA A 27 10.23 11.01 7.59
CA ALA A 27 10.55 10.78 8.99
C ALA A 27 9.28 10.52 9.82
N GLY A 28 8.10 10.75 9.23
CA GLY A 28 6.83 10.52 9.89
C GLY A 28 6.29 9.15 9.56
N SER A 29 5.74 8.44 10.54
CA SER A 29 5.25 7.07 10.41
C SER A 29 5.03 6.49 11.80
N PRO A 30 6.08 6.47 12.64
CA PRO A 30 5.98 5.90 13.96
C PRO A 30 5.25 6.85 14.89
N PHE A 31 4.69 6.30 15.95
CA PHE A 31 3.90 7.05 16.92
C PHE A 31 4.56 7.03 18.28
N SER A 32 5.29 5.96 18.56
CA SER A 32 6.00 5.76 19.80
C SER A 32 7.33 5.06 19.56
N GLU A 33 7.77 5.01 18.31
CA GLU A 33 9.02 4.38 17.94
C GLU A 33 9.68 5.11 16.77
N ASN A 34 10.43 4.38 15.97
CA ASN A 34 11.06 4.87 14.77
C ASN A 34 10.80 3.90 13.63
N GLN A 35 11.18 4.33 12.42
CA GLN A 35 11.09 3.50 11.23
C GLN A 35 11.51 2.07 11.55
N TRP A 36 11.02 1.11 10.77
CA TRP A 36 11.37 -0.29 10.98
C TRP A 36 12.88 -0.48 11.18
N GLY A 37 13.66 0.43 10.59
CA GLY A 37 15.09 0.54 10.77
C GLY A 37 15.68 1.47 9.72
N PRO A 38 15.43 1.18 8.43
CA PRO A 38 15.95 1.99 7.35
C PRO A 38 15.18 3.28 7.28
N GLN A 39 15.76 4.37 7.79
CA GLN A 39 15.15 5.69 7.80
C GLN A 39 14.58 6.02 6.44
N GLN A 40 15.45 6.01 5.42
CA GLN A 40 15.00 6.23 4.06
C GLN A 40 14.04 5.14 3.57
N GLY A 41 14.16 3.94 4.14
CA GLY A 41 13.34 2.80 3.80
C GLY A 41 13.46 2.48 2.32
N PRO A 42 14.69 2.19 1.85
CA PRO A 42 14.92 1.89 0.45
C PRO A 42 14.39 0.52 0.09
N SER A 43 14.76 -0.49 0.88
CA SER A 43 14.35 -1.87 0.65
C SER A 43 12.89 -2.06 1.09
N LEU A 44 11.99 -1.43 0.37
CA LEU A 44 10.58 -1.45 0.69
C LEU A 44 9.81 -1.54 -0.60
N ARG A 45 10.22 -0.82 -1.65
CA ARG A 45 9.56 -0.91 -2.94
C ARG A 45 9.65 -2.30 -3.51
N GLU A 46 10.84 -2.89 -3.53
CA GLU A 46 11.04 -4.24 -4.03
C GLU A 46 10.31 -5.25 -3.17
N GLN A 47 10.26 -5.00 -1.87
CA GLN A 47 9.54 -5.85 -0.95
C GLN A 47 8.05 -5.65 -1.08
N CYS A 48 7.56 -4.44 -1.31
CA CYS A 48 6.15 -4.14 -1.50
C CYS A 48 5.72 -4.66 -2.85
N CYS A 49 6.59 -4.63 -3.85
CA CYS A 49 6.31 -5.22 -5.16
C CYS A 49 6.34 -6.75 -5.08
N ASN A 50 6.59 -7.31 -3.89
CA ASN A 50 6.60 -8.73 -3.63
C ASN A 50 5.55 -9.11 -2.59
N GLU A 51 5.42 -8.30 -1.55
CA GLU A 51 4.47 -8.48 -0.49
C GLU A 51 3.05 -8.16 -0.99
N LEU A 52 2.94 -7.45 -2.11
CA LEU A 52 1.66 -7.18 -2.70
C LEU A 52 1.40 -8.15 -3.85
N TYR A 53 2.46 -8.78 -4.36
CA TYR A 53 2.40 -9.65 -5.52
C TYR A 53 2.45 -11.09 -5.07
N GLN A 54 2.23 -11.32 -3.78
CA GLN A 54 2.25 -12.63 -3.19
C GLN A 54 0.83 -13.15 -3.05
N GLU A 55 -0.12 -12.26 -2.83
CA GLU A 55 -1.52 -12.63 -2.71
C GLU A 55 -2.16 -12.75 -4.09
N ASP A 56 -1.38 -12.85 -5.16
CA ASP A 56 -1.85 -12.92 -6.53
C ASP A 56 -2.21 -11.52 -7.02
N GLN A 57 -2.81 -11.43 -8.20
CA GLN A 57 -3.30 -10.19 -8.76
C GLN A 57 -4.70 -9.84 -8.28
N VAL A 58 -5.45 -10.85 -7.88
CA VAL A 58 -6.78 -10.65 -7.36
C VAL A 58 -6.73 -10.04 -5.97
N CYS A 59 -5.52 -9.98 -5.40
CA CYS A 59 -5.23 -9.38 -4.13
C CYS A 59 -4.32 -8.16 -4.31
N VAL A 60 -4.35 -7.57 -5.50
CA VAL A 60 -3.61 -6.36 -5.80
C VAL A 60 -4.52 -5.16 -5.83
N CYS A 61 -5.81 -5.37 -5.99
CA CYS A 61 -6.79 -4.31 -5.99
C CYS A 61 -8.20 -4.93 -6.14
N PRO A 62 -9.24 -4.31 -5.56
CA PRO A 62 -9.06 -3.24 -4.60
C PRO A 62 -8.48 -3.72 -3.28
N THR A 63 -7.94 -4.89 -3.25
CA THR A 63 -7.22 -5.47 -2.13
C THR A 63 -6.21 -4.51 -1.54
N LEU A 64 -5.49 -3.78 -2.39
CA LEU A 64 -4.61 -2.72 -1.93
C LEU A 64 -5.34 -1.45 -1.56
N LYS A 65 -6.49 -1.17 -2.19
CA LYS A 65 -7.38 -0.08 -1.80
C LYS A 65 -7.74 -0.17 -0.31
N GLN A 66 -7.62 -1.33 0.30
CA GLN A 66 -7.83 -1.51 1.73
C GLN A 66 -6.62 -1.16 2.57
N ALA A 67 -5.47 -1.74 2.22
CA ALA A 67 -4.21 -1.40 2.87
C ALA A 67 -3.81 0.05 2.59
N ALA A 68 -4.50 0.74 1.68
CA ALA A 68 -4.25 2.12 1.33
C ALA A 68 -5.15 3.04 2.13
N LYS A 69 -6.45 2.73 2.18
CA LYS A 69 -7.37 3.49 3.02
C LYS A 69 -7.05 3.37 4.50
N SER A 70 -6.22 2.40 4.86
CA SER A 70 -5.78 2.15 6.22
C SER A 70 -4.29 2.35 6.35
N VAL A 71 -3.61 2.62 5.22
CA VAL A 71 -2.18 2.87 5.17
C VAL A 71 -1.79 3.71 6.36
N ARG A 72 -2.52 4.79 6.62
CA ARG A 72 -2.31 5.72 7.71
C ARG A 72 -3.60 6.06 8.36
N VAL A 73 -3.53 6.33 9.65
CA VAL A 73 -4.71 6.67 10.44
C VAL A 73 -4.25 7.38 11.69
N GLN A 74 -3.67 8.58 11.54
CA GLN A 74 -3.17 9.40 12.64
C GLN A 74 -2.17 10.43 12.15
N GLY A 75 -1.77 11.32 13.06
CA GLY A 75 -0.82 12.38 12.76
C GLY A 75 -1.57 13.63 12.37
N GLN A 76 -0.96 14.79 12.64
CA GLN A 76 -1.54 16.10 12.31
C GLN A 76 -1.69 16.28 10.79
N HIS A 77 -2.71 15.68 10.21
CA HIS A 77 -2.90 15.70 8.77
C HIS A 77 -4.10 16.57 8.55
N GLY A 78 -3.89 17.88 8.52
CA GLY A 78 -4.94 18.86 8.25
C GLY A 78 -5.93 18.36 7.19
N PRO A 79 -5.43 18.15 5.95
CA PRO A 79 -6.22 17.61 4.87
C PRO A 79 -6.48 16.11 5.02
N PHE A 80 -6.94 15.47 3.95
CA PHE A 80 -7.20 14.06 3.95
C PHE A 80 -5.93 13.32 3.68
N GLN A 81 -5.46 12.43 4.56
CA GLN A 81 -4.29 11.61 4.27
C GLN A 81 -4.22 11.17 2.82
N SER A 82 -5.36 10.85 2.19
CA SER A 82 -5.48 10.49 0.78
C SER A 82 -4.75 11.44 -0.13
N THR A 83 -4.88 12.74 0.12
CA THR A 83 -4.16 13.80 -0.57
C THR A 83 -2.70 13.45 -0.82
N ARG A 84 -2.05 12.72 0.09
CA ARG A 84 -0.73 12.15 -0.10
C ARG A 84 -0.74 10.64 -0.19
N ILE A 85 -1.46 9.98 0.70
CA ILE A 85 -1.59 8.55 0.79
C ILE A 85 -1.94 8.00 -0.55
N TYR A 86 -3.04 8.44 -1.13
CA TYR A 86 -3.46 8.08 -2.46
C TYR A 86 -2.55 8.66 -3.51
N GLN A 87 -2.11 9.91 -3.37
CA GLN A 87 -1.17 10.50 -4.32
C GLN A 87 0.12 9.70 -4.47
N ILE A 88 0.43 8.84 -3.50
CA ILE A 88 1.58 7.97 -3.50
C ILE A 88 1.15 6.50 -3.63
N ALA A 89 -0.11 6.21 -3.34
CA ALA A 89 -0.70 4.90 -3.46
C ALA A 89 -1.43 4.74 -4.79
N LYS A 90 -1.37 5.76 -5.64
CA LYS A 90 -2.03 5.81 -6.92
C LYS A 90 -1.08 5.43 -8.01
N ASN A 91 0.18 5.87 -7.88
CA ASN A 91 1.25 5.52 -8.79
C ASN A 91 1.92 4.22 -8.33
N LEU A 92 1.29 3.46 -7.44
CA LEU A 92 1.82 2.19 -6.98
C LEU A 92 1.68 1.14 -8.07
N PRO A 93 0.46 0.83 -8.54
CA PRO A 93 0.25 -0.12 -9.62
C PRO A 93 0.66 0.44 -10.97
N ASN A 94 1.15 1.68 -11.02
CA ASN A 94 1.66 2.28 -12.24
C ASN A 94 3.15 2.02 -12.39
N VAL A 95 3.86 1.94 -11.26
CA VAL A 95 5.29 1.73 -11.25
C VAL A 95 5.61 0.31 -10.79
N CYS A 96 4.60 -0.38 -10.27
CA CYS A 96 4.71 -1.75 -9.83
C CYS A 96 3.61 -2.54 -10.48
N ASN A 97 3.24 -2.25 -11.74
CA ASN A 97 2.19 -2.95 -12.48
C ASN A 97 2.01 -4.38 -11.99
N MET A 98 1.01 -4.55 -11.13
CA MET A 98 0.80 -5.80 -10.45
C MET A 98 -0.61 -6.26 -10.70
N LYS A 99 -1.24 -5.74 -11.74
CA LYS A 99 -2.60 -6.09 -12.07
C LYS A 99 -2.76 -5.88 -13.54
N GLN A 100 -2.66 -6.93 -14.32
CA GLN A 100 -2.88 -6.85 -15.76
C GLN A 100 -4.24 -7.43 -16.16
N ILE A 101 -5.27 -7.09 -15.41
CA ILE A 101 -6.60 -7.63 -15.62
C ILE A 101 -7.57 -6.47 -15.70
N GLY A 102 -7.65 -5.68 -14.62
CA GLY A 102 -8.58 -4.57 -14.54
C GLY A 102 -9.57 -4.76 -13.40
N THR A 103 -9.06 -4.98 -12.20
CA THR A 103 -9.90 -5.13 -11.02
C THR A 103 -10.18 -3.79 -10.35
N CYS A 104 -9.12 -3.04 -10.00
CA CYS A 104 -9.19 -1.74 -9.36
C CYS A 104 -8.01 -0.92 -9.86
N PRO A 105 -8.09 -0.41 -11.09
CA PRO A 105 -7.03 0.40 -11.62
C PRO A 105 -7.08 1.77 -10.98
N PHE A 106 -6.34 1.94 -9.87
CA PHE A 106 -6.23 3.19 -9.16
C PHE A 106 -6.24 4.34 -10.15
N ILE A 107 -7.05 5.36 -9.86
CA ILE A 107 -7.11 6.56 -10.69
C ILE A 107 -5.72 7.19 -10.88
N ALA A 108 -5.69 8.41 -11.38
CA ALA A 108 -4.45 9.14 -11.53
C ALA A 108 -4.53 10.47 -10.78
N ILE A 109 -4.73 10.43 -9.46
CA ILE A 109 -4.81 11.65 -8.64
C ILE A 109 -3.69 12.65 -9.03
N GLN A 1 -11.74 -11.64 -7.98
CA GLN A 1 -11.42 -10.23 -8.35
C GLN A 1 -11.94 -9.29 -7.27
N PRO A 2 -13.23 -9.38 -6.87
CA PRO A 2 -13.83 -8.44 -5.96
C PRO A 2 -13.29 -8.66 -4.53
N GLN A 3 -14.09 -8.21 -3.56
CA GLN A 3 -13.82 -8.45 -2.15
C GLN A 3 -13.46 -9.88 -1.83
N LYS A 4 -13.90 -10.83 -2.68
CA LYS A 4 -13.45 -12.23 -2.66
C LYS A 4 -11.99 -12.39 -2.25
N CYS A 5 -11.10 -11.57 -2.81
CA CYS A 5 -9.71 -11.50 -2.37
C CYS A 5 -9.49 -10.56 -1.21
N GLN A 6 -9.98 -9.32 -1.26
CA GLN A 6 -9.90 -8.39 -0.12
C GLN A 6 -10.28 -9.01 1.23
N ARG A 7 -11.16 -10.01 1.24
CA ARG A 7 -11.49 -10.86 2.39
C ARG A 7 -10.32 -11.71 2.83
N GLU A 8 -9.73 -12.50 1.93
CA GLU A 8 -8.53 -13.32 2.20
C GLU A 8 -7.29 -12.47 2.49
N PHE A 9 -7.20 -11.31 1.85
CA PHE A 9 -6.13 -10.36 2.11
C PHE A 9 -6.26 -9.77 3.49
N GLN A 10 -7.50 -9.46 3.89
CA GLN A 10 -7.74 -8.83 5.18
C GLN A 10 -8.07 -9.88 6.24
N GLN A 11 -8.03 -11.17 5.88
CA GLN A 11 -8.37 -12.26 6.75
C GLN A 11 -7.31 -12.28 7.84
N GLU A 12 -6.06 -12.48 7.45
CA GLU A 12 -4.96 -12.68 8.41
C GLU A 12 -3.59 -12.50 7.74
N GLN A 13 -3.57 -11.79 6.62
CA GLN A 13 -2.37 -11.57 5.83
C GLN A 13 -2.49 -10.26 5.07
N HIS A 14 -2.76 -9.19 5.80
CA HIS A 14 -2.87 -7.86 5.18
C HIS A 14 -1.48 -7.43 4.69
N LEU A 15 -1.36 -6.16 4.34
CA LEU A 15 -0.12 -5.67 3.76
C LEU A 15 0.57 -4.81 4.80
N ARG A 16 1.82 -4.50 4.53
CA ARG A 16 2.63 -3.71 5.46
C ARG A 16 3.61 -2.92 4.71
N ALA A 17 4.74 -3.50 4.32
CA ALA A 17 5.74 -2.86 3.49
C ALA A 17 5.08 -2.01 2.37
N CYS A 18 3.92 -2.39 1.82
CA CYS A 18 3.17 -1.59 0.86
C CYS A 18 2.46 -0.40 1.50
N GLN A 19 1.70 -0.65 2.55
CA GLN A 19 1.09 0.37 3.39
C GLN A 19 2.00 0.83 4.56
N GLN A 20 3.30 0.91 4.34
CA GLN A 20 4.26 1.30 5.38
C GLN A 20 5.39 2.08 4.76
N TRP A 21 5.80 1.71 3.55
CA TRP A 21 6.76 2.53 2.82
C TRP A 21 6.27 3.95 2.58
N ILE A 22 4.95 4.10 2.39
CA ILE A 22 4.29 5.40 2.25
C ILE A 22 4.48 6.28 3.49
N ARG A 23 4.86 5.66 4.63
CA ARG A 23 5.34 6.34 5.84
C ARG A 23 6.86 6.47 5.97
N GLN A 24 7.62 5.54 5.40
CA GLN A 24 9.07 5.65 5.31
C GLN A 24 9.55 6.62 4.22
N GLN A 25 8.66 7.04 3.32
CA GLN A 25 8.98 8.06 2.29
C GLN A 25 9.17 9.45 2.92
N LEU A 26 8.76 9.62 4.19
CA LEU A 26 8.85 10.87 4.93
C LEU A 26 9.86 10.73 6.07
N ALA A 27 9.82 11.69 6.99
CA ALA A 27 10.63 11.61 8.20
C ALA A 27 9.97 10.76 9.31
N GLY A 28 8.70 10.38 9.15
CA GLY A 28 7.95 9.52 10.06
C GLY A 28 8.42 8.07 10.01
N SER A 29 9.69 7.86 10.34
CA SER A 29 10.34 6.56 10.40
C SER A 29 11.59 6.63 11.30
N PRO A 30 11.44 6.86 12.61
CA PRO A 30 12.58 6.88 13.50
C PRO A 30 13.10 5.47 13.76
N PHE A 31 14.24 5.40 14.45
CA PHE A 31 14.97 4.16 14.72
C PHE A 31 15.62 4.20 16.10
N SER A 32 14.88 4.64 17.13
CA SER A 32 15.41 4.74 18.50
C SER A 32 15.84 3.37 19.01
N GLU A 33 14.87 2.48 19.20
CA GLU A 33 15.10 1.10 19.65
C GLU A 33 14.40 0.10 18.73
N ASN A 34 13.16 0.38 18.34
CA ASN A 34 12.36 -0.46 17.45
C ASN A 34 12.47 0.11 16.03
N GLN A 35 13.34 -0.46 15.23
CA GLN A 35 13.44 -0.03 13.83
C GLN A 35 12.22 -0.52 13.03
N TRP A 36 11.55 0.38 12.30
CA TRP A 36 10.38 0.04 11.49
C TRP A 36 10.59 -1.22 10.62
N GLY A 37 11.52 -1.09 9.68
CA GLY A 37 12.03 -2.19 8.88
C GLY A 37 13.14 -1.67 7.97
N PRO A 38 14.29 -1.20 8.49
CA PRO A 38 15.39 -0.72 7.66
C PRO A 38 16.15 -1.89 7.06
N GLN A 39 16.84 -2.68 7.87
CA GLN A 39 17.59 -3.84 7.38
C GLN A 39 16.68 -5.05 7.14
N GLN A 40 15.39 -4.91 7.50
CA GLN A 40 14.34 -5.90 7.27
C GLN A 40 13.40 -5.51 6.13
N GLY A 41 13.26 -4.22 5.82
CA GLY A 41 12.43 -3.75 4.70
C GLY A 41 13.03 -2.50 4.05
N PRO A 42 14.30 -2.54 3.59
CA PRO A 42 14.95 -1.37 3.02
C PRO A 42 14.35 -1.04 1.67
N SER A 43 14.47 -1.98 0.75
CA SER A 43 13.92 -1.79 -0.57
C SER A 43 12.44 -2.13 -0.50
N LEU A 44 11.62 -1.35 0.22
CA LEU A 44 10.19 -1.57 0.32
C LEU A 44 9.57 -1.60 -1.04
N ARG A 45 9.80 -0.65 -1.92
CA ARG A 45 9.33 -0.83 -3.31
C ARG A 45 9.76 -2.10 -4.03
N GLU A 46 10.77 -2.78 -3.55
CA GLU A 46 11.19 -4.09 -4.04
C GLU A 46 10.65 -5.25 -3.19
N GLN A 47 10.37 -5.02 -1.91
CA GLN A 47 9.84 -5.98 -0.95
C GLN A 47 8.34 -5.94 -0.93
N CYS A 48 7.71 -4.78 -0.80
CA CYS A 48 6.27 -4.55 -1.00
C CYS A 48 5.82 -4.99 -2.37
N CYS A 49 6.47 -4.54 -3.45
CA CYS A 49 6.12 -5.07 -4.78
C CYS A 49 6.33 -6.60 -4.92
N ASN A 50 6.98 -7.23 -3.94
CA ASN A 50 7.04 -8.69 -3.79
C ASN A 50 6.02 -9.27 -2.80
N GLU A 51 5.65 -8.49 -1.79
CA GLU A 51 4.73 -8.83 -0.71
C GLU A 51 3.27 -8.47 -1.11
N LEU A 52 3.10 -7.76 -2.22
CA LEU A 52 1.80 -7.42 -2.76
C LEU A 52 1.44 -8.40 -3.88
N TYR A 53 2.45 -9.03 -4.48
CA TYR A 53 2.34 -9.92 -5.64
C TYR A 53 2.31 -11.39 -5.20
N GLN A 54 2.16 -11.59 -3.88
CA GLN A 54 2.14 -12.90 -3.27
C GLN A 54 0.72 -13.43 -3.19
N GLU A 55 -0.23 -12.53 -2.92
CA GLU A 55 -1.64 -12.90 -2.84
C GLU A 55 -2.33 -12.94 -4.21
N ASP A 56 -1.52 -12.91 -5.27
CA ASP A 56 -1.93 -12.88 -6.66
C ASP A 56 -2.44 -11.48 -7.03
N GLN A 57 -2.98 -11.33 -8.23
CA GLN A 57 -3.50 -10.04 -8.72
C GLN A 57 -4.87 -9.71 -8.17
N VAL A 58 -5.59 -10.77 -7.84
CA VAL A 58 -6.88 -10.63 -7.19
C VAL A 58 -6.72 -9.92 -5.85
N CYS A 59 -5.53 -10.00 -5.26
CA CYS A 59 -5.16 -9.36 -4.02
C CYS A 59 -4.10 -8.26 -4.21
N VAL A 60 -4.18 -7.60 -5.36
CA VAL A 60 -3.34 -6.45 -5.69
C VAL A 60 -4.13 -5.15 -5.69
N CYS A 61 -5.43 -5.22 -5.96
CA CYS A 61 -6.30 -4.06 -5.97
C CYS A 61 -7.74 -4.56 -6.20
N PRO A 62 -8.74 -3.84 -5.63
CA PRO A 62 -8.52 -2.82 -4.60
C PRO A 62 -8.10 -3.39 -3.25
N THR A 63 -7.59 -4.59 -3.26
CA THR A 63 -6.94 -5.22 -2.12
C THR A 63 -5.86 -4.34 -1.48
N LEU A 64 -5.17 -3.53 -2.28
CA LEU A 64 -4.24 -2.53 -1.76
C LEU A 64 -4.93 -1.28 -1.23
N LYS A 65 -6.10 -0.90 -1.79
CA LYS A 65 -6.94 0.20 -1.27
C LYS A 65 -7.16 0.02 0.21
N GLN A 66 -7.34 -1.20 0.72
CA GLN A 66 -7.50 -1.44 2.14
C GLN A 66 -6.26 -1.18 2.97
N ALA A 67 -5.15 -1.81 2.58
CA ALA A 67 -3.85 -1.53 3.18
C ALA A 67 -3.57 -0.01 3.24
N ALA A 68 -3.98 0.68 2.18
CA ALA A 68 -3.86 2.13 2.09
C ALA A 68 -4.88 2.88 2.97
N LYS A 69 -6.11 2.35 3.08
CA LYS A 69 -7.16 2.89 3.97
C LYS A 69 -6.73 2.88 5.43
N SER A 70 -5.84 1.97 5.82
CA SER A 70 -5.16 1.93 7.13
C SER A 70 -3.78 2.59 7.14
N VAL A 71 -3.54 3.52 6.20
CA VAL A 71 -2.30 4.30 6.07
C VAL A 71 -2.54 5.80 6.19
N ARG A 72 -3.82 6.17 6.21
CA ARG A 72 -4.29 7.54 6.20
C ARG A 72 -4.71 7.91 7.60
N VAL A 73 -4.18 9.03 8.07
CA VAL A 73 -4.42 9.53 9.42
C VAL A 73 -4.36 11.07 9.43
N GLN A 74 -5.17 11.72 10.25
CA GLN A 74 -5.17 13.17 10.37
C GLN A 74 -4.08 13.64 11.32
N GLY A 75 -3.76 14.94 11.25
CA GLY A 75 -2.77 15.56 12.14
C GLY A 75 -2.12 16.74 11.45
N GLN A 76 -0.94 16.52 10.87
CA GLN A 76 -0.18 17.55 10.17
C GLN A 76 0.22 17.06 8.80
N HIS A 77 -0.52 17.49 7.79
CA HIS A 77 -0.18 17.15 6.41
C HIS A 77 -0.91 18.16 5.55
N GLY A 78 -0.18 18.90 4.72
CA GLY A 78 -0.74 19.84 3.73
C GLY A 78 -1.99 19.30 3.02
N PRO A 79 -1.86 18.18 2.30
CA PRO A 79 -3.00 17.49 1.69
C PRO A 79 -3.88 16.74 2.70
N PHE A 80 -4.77 15.91 2.18
CA PHE A 80 -5.62 15.08 3.01
C PHE A 80 -5.05 13.67 3.07
N GLN A 81 -5.29 13.00 4.20
CA GLN A 81 -5.03 11.57 4.41
C GLN A 81 -5.93 10.70 3.53
N SER A 82 -5.84 10.85 2.23
CA SER A 82 -6.65 10.14 1.25
C SER A 82 -6.35 10.73 -0.09
N THR A 83 -6.14 12.05 -0.19
CA THR A 83 -5.75 12.58 -1.50
C THR A 83 -4.28 12.39 -1.78
N ARG A 84 -3.46 12.36 -0.72
CA ARG A 84 -2.01 12.21 -0.85
C ARG A 84 -1.61 10.77 -0.82
N ILE A 85 -2.19 10.04 0.13
CA ILE A 85 -1.91 8.61 0.31
C ILE A 85 -2.20 7.87 -0.99
N TYR A 86 -3.37 8.13 -1.56
CA TYR A 86 -3.79 7.53 -2.80
C TYR A 86 -2.93 8.02 -3.93
N GLN A 87 -2.64 9.31 -4.02
CA GLN A 87 -1.72 9.82 -5.03
C GLN A 87 -0.35 9.16 -4.99
N ILE A 88 0.05 8.57 -3.86
CA ILE A 88 1.28 7.81 -3.74
C ILE A 88 1.02 6.37 -4.18
N ALA A 89 0.03 5.70 -3.58
CA ALA A 89 -0.29 4.34 -4.02
C ALA A 89 -0.89 4.30 -5.44
N LYS A 90 -1.11 5.46 -6.06
CA LYS A 90 -1.61 5.58 -7.42
C LYS A 90 -0.49 5.22 -8.38
N ASN A 91 0.75 5.59 -8.05
CA ASN A 91 1.94 5.30 -8.83
C ASN A 91 2.62 4.00 -8.36
N LEU A 92 2.00 3.27 -7.43
CA LEU A 92 2.51 1.99 -6.97
C LEU A 92 2.27 0.92 -8.03
N PRO A 93 1.01 0.59 -8.38
CA PRO A 93 0.69 -0.37 -9.43
C PRO A 93 1.01 0.14 -10.83
N ASN A 94 1.51 1.36 -10.95
CA ASN A 94 1.95 1.92 -12.23
C ASN A 94 3.41 1.58 -12.51
N VAL A 95 4.24 1.55 -11.46
CA VAL A 95 5.67 1.25 -11.56
C VAL A 95 5.96 -0.20 -11.17
N CYS A 96 4.96 -0.87 -10.59
CA CYS A 96 5.01 -2.27 -10.23
C CYS A 96 3.81 -2.98 -10.86
N ASN A 97 3.39 -2.63 -12.08
CA ASN A 97 2.27 -3.26 -12.81
C ASN A 97 1.99 -4.68 -12.31
N MET A 98 1.05 -4.76 -11.38
CA MET A 98 0.74 -6.00 -10.68
C MET A 98 -0.71 -6.35 -10.85
N LYS A 99 -1.38 -5.69 -11.81
CA LYS A 99 -2.78 -5.93 -12.08
C LYS A 99 -2.94 -5.67 -13.55
N GLN A 100 -2.89 -6.73 -14.34
CA GLN A 100 -3.18 -6.61 -15.76
C GLN A 100 -4.62 -7.01 -16.10
N ILE A 101 -5.57 -6.54 -15.28
CA ILE A 101 -6.98 -6.92 -15.41
C ILE A 101 -7.82 -5.67 -15.32
N GLY A 102 -7.72 -4.97 -14.18
CA GLY A 102 -8.52 -3.77 -13.95
C GLY A 102 -9.56 -3.99 -12.87
N THR A 103 -9.13 -3.91 -11.63
CA THR A 103 -9.97 -4.22 -10.47
C THR A 103 -10.48 -2.93 -9.83
N CYS A 104 -9.56 -2.02 -9.51
CA CYS A 104 -9.83 -0.64 -9.10
C CYS A 104 -8.95 0.31 -9.91
N PRO A 105 -9.21 0.48 -11.21
CA PRO A 105 -8.47 1.44 -12.04
C PRO A 105 -8.94 2.87 -11.74
N PHE A 106 -8.86 3.27 -10.47
CA PHE A 106 -9.17 4.64 -10.03
C PHE A 106 -8.02 5.63 -10.30
N ILE A 107 -6.97 5.16 -10.97
CA ILE A 107 -5.79 5.96 -11.30
C ILE A 107 -6.22 7.22 -12.05
N ALA A 108 -5.82 8.36 -11.52
CA ALA A 108 -6.23 9.70 -11.97
C ALA A 108 -5.98 10.77 -10.94
N ILE A 109 -5.96 10.37 -9.66
CA ILE A 109 -5.72 11.23 -8.50
C ILE A 109 -4.51 12.12 -8.74
N GLN A 1 -8.40 -17.52 -4.49
CA GLN A 1 -8.09 -17.03 -5.85
C GLN A 1 -9.20 -16.13 -6.35
N PRO A 2 -10.50 -16.51 -6.42
CA PRO A 2 -11.56 -15.63 -6.94
C PRO A 2 -11.83 -14.43 -6.03
N GLN A 3 -13.03 -13.85 -6.04
CA GLN A 3 -13.43 -12.79 -5.11
C GLN A 3 -13.15 -13.06 -3.65
N LYS A 4 -13.09 -14.34 -3.26
CA LYS A 4 -12.57 -14.75 -1.95
C LYS A 4 -11.24 -14.13 -1.55
N CYS A 5 -10.32 -13.85 -2.49
CA CYS A 5 -9.09 -13.05 -2.38
C CYS A 5 -9.34 -11.65 -1.80
N GLN A 6 -10.35 -10.94 -2.29
CA GLN A 6 -10.85 -9.72 -1.65
C GLN A 6 -11.22 -9.83 -0.18
N ARG A 7 -11.49 -11.05 0.29
CA ARG A 7 -11.71 -11.42 1.68
C ARG A 7 -10.58 -12.19 2.32
N GLU A 8 -9.61 -12.67 1.54
CA GLU A 8 -8.41 -13.41 1.94
C GLU A 8 -7.24 -12.47 2.20
N PHE A 9 -7.26 -11.34 1.51
CA PHE A 9 -6.26 -10.29 1.66
C PHE A 9 -6.37 -9.61 3.02
N GLN A 10 -7.62 -9.34 3.41
CA GLN A 10 -7.89 -8.64 4.65
C GLN A 10 -8.15 -9.65 5.74
N GLN A 11 -8.43 -10.91 5.39
CA GLN A 11 -8.68 -11.94 6.37
C GLN A 11 -7.72 -11.79 7.53
N GLU A 12 -6.42 -11.68 7.21
CA GLU A 12 -5.31 -11.65 8.15
C GLU A 12 -3.93 -11.65 7.44
N GLN A 13 -3.86 -11.03 6.26
CA GLN A 13 -2.62 -11.00 5.50
C GLN A 13 -2.53 -9.74 4.65
N HIS A 14 -2.81 -8.59 5.26
CA HIS A 14 -2.87 -7.33 4.51
C HIS A 14 -1.45 -6.99 4.05
N LEU A 15 -1.21 -5.72 3.81
CA LEU A 15 0.11 -5.28 3.41
C LEU A 15 0.70 -4.43 4.52
N ARG A 16 2.01 -4.23 4.42
CA ARG A 16 2.82 -3.42 5.32
C ARG A 16 3.76 -2.59 4.51
N ALA A 17 4.99 -3.00 4.22
CA ALA A 17 5.97 -2.26 3.40
C ALA A 17 5.29 -1.41 2.32
N CYS A 18 4.48 -1.98 1.44
CA CYS A 18 3.64 -1.26 0.45
C CYS A 18 2.82 -0.12 1.06
N GLN A 19 1.96 -0.44 2.02
CA GLN A 19 1.28 0.56 2.84
C GLN A 19 2.13 1.14 3.98
N GLN A 20 3.44 1.26 3.83
CA GLN A 20 4.31 1.68 4.92
C GLN A 20 5.32 2.60 4.35
N TRP A 21 5.95 2.24 3.24
CA TRP A 21 6.88 3.11 2.52
C TRP A 21 6.23 4.44 2.19
N ILE A 22 4.92 4.44 1.99
CA ILE A 22 4.16 5.66 1.72
C ILE A 22 4.13 6.58 2.96
N ARG A 23 4.33 6.00 4.13
CA ARG A 23 4.46 6.63 5.43
C ARG A 23 5.93 6.79 5.86
N GLN A 24 6.85 6.18 5.13
CA GLN A 24 8.26 6.44 5.37
C GLN A 24 8.69 7.83 4.86
N GLN A 25 7.78 8.58 4.25
CA GLN A 25 8.08 9.97 3.93
C GLN A 25 8.10 10.89 5.15
N LEU A 26 7.60 10.42 6.29
CA LEU A 26 7.52 11.23 7.49
C LEU A 26 8.38 10.55 8.55
N ALA A 27 8.87 11.32 9.52
CA ALA A 27 9.64 10.78 10.65
C ALA A 27 8.95 9.59 11.36
N GLY A 28 7.62 9.53 11.29
CA GLY A 28 6.81 8.41 11.72
C GLY A 28 7.12 7.15 10.90
N SER A 29 7.57 6.11 11.57
CA SER A 29 7.92 4.78 11.03
C SER A 29 8.67 3.97 12.10
N PRO A 30 8.52 2.63 12.11
CA PRO A 30 9.29 1.76 12.99
C PRO A 30 10.69 1.53 12.44
N PHE A 31 11.53 0.81 13.18
CA PHE A 31 12.96 0.61 12.91
C PHE A 31 13.62 -0.18 14.06
N SER A 32 14.77 -0.79 13.76
CA SER A 32 15.58 -1.48 14.78
C SER A 32 17.05 -1.32 14.45
N GLU A 33 17.52 -2.04 13.43
CA GLU A 33 18.93 -2.05 13.06
C GLU A 33 19.20 -1.09 11.93
N ASN A 34 19.05 -1.55 10.68
CA ASN A 34 19.19 -0.74 9.49
C ASN A 34 18.25 0.46 9.51
N GLN A 35 18.40 1.35 8.55
CA GLN A 35 17.45 2.44 8.40
C GLN A 35 16.12 1.95 7.79
N TRP A 36 15.46 0.99 8.42
CA TRP A 36 14.12 0.57 8.06
C TRP A 36 13.07 1.65 8.40
N GLY A 37 13.50 2.74 9.02
CA GLY A 37 12.70 3.92 9.28
C GLY A 37 12.25 4.65 8.01
N PRO A 38 12.01 5.96 8.12
CA PRO A 38 11.65 6.72 6.95
C PRO A 38 12.71 6.86 5.91
N GLN A 39 13.98 6.75 6.31
CA GLN A 39 15.18 6.88 5.49
C GLN A 39 14.93 6.21 4.13
N GLN A 40 14.65 7.05 3.12
CA GLN A 40 14.21 6.79 1.75
C GLN A 40 13.99 5.31 1.48
N GLY A 41 12.98 4.72 2.13
CA GLY A 41 12.84 3.28 2.30
C GLY A 41 13.22 2.52 1.04
N PRO A 42 14.47 2.00 0.93
CA PRO A 42 14.98 1.49 -0.33
C PRO A 42 14.37 0.13 -0.56
N SER A 43 14.61 -0.78 0.38
CA SER A 43 14.09 -2.14 0.37
C SER A 43 12.63 -2.16 0.80
N LEU A 44 11.81 -1.51 -0.01
CA LEU A 44 10.38 -1.40 0.23
C LEU A 44 9.65 -1.49 -1.08
N ARG A 45 10.16 -0.90 -2.17
CA ARG A 45 9.54 -1.05 -3.51
C ARG A 45 9.58 -2.48 -4.01
N GLU A 46 10.74 -3.10 -3.91
CA GLU A 46 10.92 -4.48 -4.33
C GLU A 46 10.23 -5.43 -3.36
N GLN A 47 10.20 -5.04 -2.08
CA GLN A 47 9.50 -5.81 -1.08
C GLN A 47 7.99 -5.65 -1.20
N CYS A 48 7.47 -4.46 -1.50
CA CYS A 48 6.03 -4.24 -1.75
C CYS A 48 5.60 -4.89 -3.04
N CYS A 49 6.47 -4.92 -4.06
CA CYS A 49 6.21 -5.69 -5.28
C CYS A 49 6.24 -7.22 -5.07
N ASN A 50 6.43 -7.67 -3.82
CA ASN A 50 6.40 -9.08 -3.39
C ASN A 50 5.37 -9.32 -2.30
N GLU A 51 5.33 -8.42 -1.31
CA GLU A 51 4.39 -8.43 -0.19
C GLU A 51 2.96 -7.99 -0.66
N LEU A 52 2.82 -7.66 -1.93
CA LEU A 52 1.52 -7.39 -2.49
C LEU A 52 1.21 -8.40 -3.58
N TYR A 53 2.25 -9.08 -4.08
CA TYR A 53 2.21 -9.99 -5.20
C TYR A 53 2.27 -11.44 -4.69
N GLN A 54 2.08 -11.60 -3.39
CA GLN A 54 2.10 -12.92 -2.80
C GLN A 54 0.70 -13.51 -2.79
N GLU A 55 -0.30 -12.62 -2.69
CA GLU A 55 -1.69 -13.03 -2.57
C GLU A 55 -2.34 -13.15 -3.94
N ASP A 56 -1.52 -13.15 -4.99
CA ASP A 56 -1.89 -13.19 -6.39
C ASP A 56 -2.30 -11.78 -6.86
N GLN A 57 -2.90 -11.68 -8.03
CA GLN A 57 -3.43 -10.42 -8.58
C GLN A 57 -4.83 -10.10 -8.11
N VAL A 58 -5.52 -11.13 -7.67
CA VAL A 58 -6.88 -11.02 -7.15
C VAL A 58 -6.87 -10.41 -5.75
N CYS A 59 -5.69 -10.28 -5.15
CA CYS A 59 -5.44 -9.61 -3.88
C CYS A 59 -4.52 -8.42 -4.04
N VAL A 60 -4.48 -7.88 -5.26
CA VAL A 60 -3.80 -6.62 -5.55
C VAL A 60 -4.75 -5.45 -5.61
N CYS A 61 -6.02 -5.70 -5.85
CA CYS A 61 -6.99 -4.64 -5.74
C CYS A 61 -8.40 -5.26 -5.80
N PRO A 62 -9.47 -4.47 -5.56
CA PRO A 62 -9.36 -3.24 -4.82
C PRO A 62 -8.93 -3.43 -3.38
N THR A 63 -8.64 -4.65 -2.94
CA THR A 63 -7.94 -4.97 -1.70
C THR A 63 -6.84 -4.03 -1.25
N LEU A 64 -5.89 -3.64 -2.11
CA LEU A 64 -4.91 -2.58 -1.81
C LEU A 64 -5.50 -1.28 -1.26
N LYS A 65 -6.63 -0.82 -1.84
CA LYS A 65 -7.48 0.25 -1.32
C LYS A 65 -7.61 0.19 0.19
N GLN A 66 -7.85 -0.99 0.79
CA GLN A 66 -7.78 -1.23 2.25
C GLN A 66 -6.41 -0.98 2.89
N ALA A 67 -5.36 -1.72 2.51
CA ALA A 67 -3.98 -1.47 2.99
C ALA A 67 -3.62 0.01 2.90
N ALA A 68 -4.08 0.71 1.86
CA ALA A 68 -4.00 2.16 1.67
C ALA A 68 -4.94 2.97 2.57
N LYS A 69 -6.21 2.60 2.70
CA LYS A 69 -7.16 3.21 3.65
C LYS A 69 -6.74 3.04 5.10
N SER A 70 -5.91 2.05 5.41
CA SER A 70 -5.28 1.82 6.73
C SER A 70 -3.92 2.49 6.84
N VAL A 71 -3.33 2.87 5.70
CA VAL A 71 -2.10 3.65 5.70
C VAL A 71 -2.30 5.07 6.23
N ARG A 72 -3.53 5.54 6.34
CA ARG A 72 -3.91 6.88 6.81
C ARG A 72 -4.56 6.71 8.18
N VAL A 73 -3.74 6.34 9.15
CA VAL A 73 -4.23 6.19 10.51
C VAL A 73 -4.81 7.52 11.00
N GLN A 74 -6.01 7.50 11.57
CA GLN A 74 -6.65 8.71 12.09
C GLN A 74 -6.14 8.99 13.50
N GLY A 75 -4.97 9.61 13.61
CA GLY A 75 -4.39 9.91 14.92
C GLY A 75 -4.86 11.28 15.40
N GLN A 76 -4.05 12.29 15.15
CA GLN A 76 -4.38 13.68 15.51
C GLN A 76 -4.71 14.53 14.29
N HIS A 77 -5.08 13.90 13.17
CA HIS A 77 -5.37 14.59 11.91
C HIS A 77 -6.06 13.60 10.98
N GLY A 78 -7.36 13.80 10.76
CA GLY A 78 -8.13 12.95 9.86
C GLY A 78 -7.74 13.18 8.39
N PRO A 79 -8.33 14.20 7.73
CA PRO A 79 -8.04 14.49 6.34
C PRO A 79 -6.70 15.18 6.21
N PHE A 80 -5.72 14.49 5.63
CA PHE A 80 -4.35 14.98 5.48
C PHE A 80 -3.49 13.95 4.75
N GLN A 81 -3.57 12.71 5.25
CA GLN A 81 -2.79 11.62 4.73
C GLN A 81 -3.39 11.15 3.43
N SER A 82 -4.66 10.74 3.41
CA SER A 82 -5.39 10.33 2.19
C SER A 82 -5.06 11.19 0.97
N THR A 83 -4.88 12.49 1.17
CA THR A 83 -4.32 13.40 0.17
C THR A 83 -2.95 12.95 -0.34
N ARG A 84 -1.87 12.99 0.48
CA ARG A 84 -0.52 12.56 0.11
C ARG A 84 -0.33 11.04 0.21
N ILE A 85 -1.42 10.29 0.22
CA ILE A 85 -1.39 8.86 0.39
C ILE A 85 -1.87 8.25 -0.88
N TYR A 86 -3.01 8.72 -1.37
CA TYR A 86 -3.55 8.28 -2.63
C TYR A 86 -2.78 8.88 -3.79
N GLN A 87 -2.31 10.13 -3.68
CA GLN A 87 -1.49 10.73 -4.73
C GLN A 87 -0.12 10.06 -4.93
N ILE A 88 0.31 9.24 -3.96
CA ILE A 88 1.53 8.46 -4.09
C ILE A 88 1.19 7.00 -4.32
N ALA A 89 0.10 6.53 -3.72
CA ALA A 89 -0.43 5.20 -3.94
C ALA A 89 -1.14 5.02 -5.29
N LYS A 90 -1.14 6.07 -6.09
CA LYS A 90 -1.69 6.03 -7.44
C LYS A 90 -0.71 5.48 -8.45
N ASN A 91 0.56 5.85 -8.29
CA ASN A 91 1.66 5.30 -9.07
C ASN A 91 2.16 3.98 -8.44
N LEU A 92 1.36 3.33 -7.61
CA LEU A 92 1.77 2.05 -7.03
C LEU A 92 1.62 0.95 -8.08
N PRO A 93 0.39 0.64 -8.58
CA PRO A 93 0.24 -0.36 -9.63
C PRO A 93 0.76 0.10 -11.00
N ASN A 94 1.25 1.33 -11.12
CA ASN A 94 1.89 1.82 -12.34
C ASN A 94 3.38 1.50 -12.37
N VAL A 95 4.03 1.57 -11.21
CA VAL A 95 5.47 1.34 -11.07
C VAL A 95 5.76 -0.03 -10.50
N CYS A 96 4.71 -0.68 -9.98
CA CYS A 96 4.74 -2.02 -9.44
C CYS A 96 3.65 -2.82 -10.12
N ASN A 97 3.40 -2.66 -11.44
CA ASN A 97 2.39 -3.41 -12.22
C ASN A 97 2.13 -4.79 -11.65
N MET A 98 1.06 -4.87 -10.88
CA MET A 98 0.73 -6.07 -10.12
C MET A 98 -0.72 -6.42 -10.38
N LYS A 99 -1.31 -5.86 -11.44
CA LYS A 99 -2.68 -6.15 -11.80
C LYS A 99 -2.77 -5.80 -13.26
N GLN A 100 -2.50 -6.80 -14.10
CA GLN A 100 -2.68 -6.57 -15.53
C GLN A 100 -4.16 -6.50 -15.91
N ILE A 101 -4.99 -7.33 -15.27
CA ILE A 101 -6.43 -7.37 -15.45
C ILE A 101 -7.04 -5.97 -15.21
N GLY A 102 -7.29 -5.62 -13.95
CA GLY A 102 -8.00 -4.37 -13.63
C GLY A 102 -9.08 -4.54 -12.59
N THR A 103 -8.67 -4.56 -11.33
CA THR A 103 -9.54 -4.85 -10.19
C THR A 103 -9.92 -3.55 -9.50
N CYS A 104 -8.99 -2.59 -9.40
CA CYS A 104 -9.26 -1.20 -9.06
C CYS A 104 -8.68 -0.25 -10.14
N PRO A 105 -9.19 -0.24 -11.38
CA PRO A 105 -8.69 0.67 -12.41
C PRO A 105 -9.19 2.11 -12.18
N PHE A 106 -8.99 2.61 -10.96
CA PHE A 106 -9.35 3.95 -10.57
C PHE A 106 -8.21 4.93 -10.88
N ILE A 107 -8.48 6.21 -10.66
CA ILE A 107 -7.49 7.27 -10.75
C ILE A 107 -6.40 7.17 -9.68
N ALA A 108 -5.89 8.32 -9.26
CA ALA A 108 -5.08 8.42 -8.09
C ALA A 108 -5.84 8.42 -6.76
N ILE A 109 -6.99 9.08 -6.69
CA ILE A 109 -7.83 9.37 -5.51
C ILE A 109 -9.23 8.79 -5.69
N GLN A 1 -11.18 -14.73 -10.27
CA GLN A 1 -10.97 -13.46 -9.56
C GLN A 1 -12.16 -13.15 -8.67
N PRO A 2 -12.37 -13.97 -7.63
CA PRO A 2 -13.45 -13.77 -6.69
C PRO A 2 -13.23 -12.57 -5.77
N GLN A 3 -14.13 -12.36 -4.83
CA GLN A 3 -14.00 -11.28 -3.88
C GLN A 3 -13.39 -11.76 -2.60
N LYS A 4 -13.49 -13.04 -2.28
CA LYS A 4 -12.90 -13.64 -1.10
C LYS A 4 -11.51 -13.08 -0.87
N CYS A 5 -10.73 -12.85 -1.93
CA CYS A 5 -9.45 -12.16 -1.88
C CYS A 5 -9.50 -10.85 -1.11
N GLN A 6 -10.41 -9.95 -1.48
CA GLN A 6 -10.69 -8.74 -0.76
C GLN A 6 -10.62 -8.90 0.75
N ARG A 7 -11.40 -9.87 1.25
CA ARG A 7 -11.36 -10.21 2.64
C ARG A 7 -10.14 -11.02 2.98
N GLU A 8 -9.69 -11.93 2.15
CA GLU A 8 -8.50 -12.75 2.31
C GLU A 8 -7.23 -11.91 2.47
N PHE A 9 -7.29 -10.66 2.02
CA PHE A 9 -6.19 -9.74 2.10
C PHE A 9 -6.11 -9.21 3.50
N GLN A 10 -7.18 -8.55 3.95
CA GLN A 10 -7.21 -7.94 5.25
C GLN A 10 -7.60 -8.97 6.30
N GLN A 11 -7.87 -10.21 5.87
CA GLN A 11 -8.32 -11.28 6.69
C GLN A 11 -7.27 -11.48 7.74
N GLU A 12 -6.09 -11.95 7.33
CA GLU A 12 -4.99 -12.23 8.22
C GLU A 12 -3.67 -12.33 7.45
N GLN A 13 -3.56 -11.53 6.39
CA GLN A 13 -2.37 -11.53 5.56
C GLN A 13 -2.28 -10.24 4.78
N HIS A 14 -2.35 -9.11 5.49
CA HIS A 14 -2.33 -7.79 4.89
C HIS A 14 -0.96 -7.60 4.24
N LEU A 15 -0.52 -6.35 4.14
CA LEU A 15 0.75 -6.04 3.55
C LEU A 15 1.61 -5.30 4.56
N ARG A 16 2.88 -5.13 4.23
CA ARG A 16 3.89 -4.54 5.08
C ARG A 16 4.64 -3.51 4.30
N ALA A 17 5.64 -3.90 3.50
CA ALA A 17 6.33 -3.01 2.61
C ALA A 17 5.40 -2.12 1.81
N CYS A 18 4.13 -2.46 1.66
CA CYS A 18 3.12 -1.69 1.01
C CYS A 18 2.54 -0.69 1.99
N GLN A 19 2.05 -1.15 3.15
CA GLN A 19 1.55 -0.29 4.20
C GLN A 19 2.65 0.23 5.12
N GLN A 20 3.85 0.41 4.59
CA GLN A 20 4.99 0.83 5.37
C GLN A 20 5.84 1.77 4.58
N TRP A 21 6.09 1.49 3.31
CA TRP A 21 6.85 2.39 2.46
C TRP A 21 6.19 3.77 2.44
N ILE A 22 4.87 3.79 2.57
CA ILE A 22 4.12 5.01 2.60
C ILE A 22 4.22 5.62 3.97
N ARG A 23 4.33 4.81 5.02
CA ARG A 23 4.58 5.23 6.38
C ARG A 23 6.00 5.72 6.63
N GLN A 24 6.98 5.17 5.92
CA GLN A 24 8.36 5.53 6.04
C GLN A 24 8.55 6.97 5.57
N GLN A 25 7.56 7.51 4.85
CA GLN A 25 7.61 8.87 4.38
C GLN A 25 7.22 9.84 5.51
N LEU A 26 6.62 9.32 6.58
CA LEU A 26 6.16 10.15 7.67
C LEU A 26 6.93 9.74 8.92
N ALA A 27 6.71 10.51 9.98
CA ALA A 27 7.30 10.18 11.27
C ALA A 27 6.57 9.02 11.95
N GLY A 28 5.50 8.52 11.30
CA GLY A 28 4.72 7.43 11.79
C GLY A 28 5.56 6.20 11.93
N SER A 29 6.22 5.75 10.84
CA SER A 29 7.08 4.59 10.82
C SER A 29 7.87 4.46 12.12
N PRO A 30 7.39 3.62 13.06
CA PRO A 30 8.00 3.45 14.36
C PRO A 30 9.23 2.57 14.22
N PHE A 31 9.74 2.08 15.35
CA PHE A 31 10.93 1.28 15.38
C PHE A 31 10.96 0.44 16.64
N SER A 32 10.92 -0.88 16.49
CA SER A 32 11.00 -1.81 17.61
C SER A 32 12.18 -2.74 17.47
N GLU A 33 12.36 -3.31 16.26
CA GLU A 33 13.46 -4.23 15.99
C GLU A 33 14.16 -3.83 14.70
N ASN A 34 13.50 -4.08 13.57
CA ASN A 34 14.04 -3.72 12.27
C ASN A 34 14.10 -2.21 12.13
N GLN A 35 14.98 -1.74 11.25
CA GLN A 35 15.11 -0.33 10.98
C GLN A 35 14.15 0.07 9.88
N TRP A 36 12.95 0.49 10.26
CA TRP A 36 11.97 0.99 9.31
C TRP A 36 12.19 2.49 9.07
N GLY A 37 13.44 2.90 8.94
CA GLY A 37 13.76 4.30 8.73
C GLY A 37 14.21 4.56 7.30
N PRO A 38 15.08 5.56 7.12
CA PRO A 38 15.64 5.87 5.82
C PRO A 38 16.67 4.85 5.36
N GLN A 39 16.98 3.86 6.21
CA GLN A 39 17.91 2.80 5.90
C GLN A 39 17.37 1.90 4.81
N GLN A 40 16.14 1.41 5.02
CA GLN A 40 15.48 0.58 4.06
C GLN A 40 14.20 1.23 3.60
N GLY A 41 13.98 2.50 3.88
CA GLY A 41 12.84 3.24 3.39
C GLY A 41 12.50 2.95 1.92
N PRO A 42 13.50 3.01 1.03
CA PRO A 42 13.28 2.67 -0.37
C PRO A 42 13.16 1.18 -0.60
N SER A 43 13.70 0.37 0.31
CA SER A 43 13.63 -1.07 0.29
C SER A 43 12.27 -1.59 0.71
N LEU A 44 11.26 -1.32 -0.11
CA LEU A 44 9.91 -1.72 0.16
C LEU A 44 9.16 -1.83 -1.14
N ARG A 45 9.42 -0.96 -2.12
CA ARG A 45 8.79 -1.04 -3.44
C ARG A 45 8.98 -2.40 -4.07
N GLU A 46 10.22 -2.86 -4.10
CA GLU A 46 10.55 -4.17 -4.67
C GLU A 46 9.96 -5.28 -3.82
N GLN A 47 9.99 -5.10 -2.50
CA GLN A 47 9.44 -6.06 -1.57
C GLN A 47 7.95 -6.15 -1.70
N CYS A 48 7.21 -5.04 -1.63
CA CYS A 48 5.79 -4.96 -1.82
C CYS A 48 5.46 -5.50 -3.19
N CYS A 49 6.30 -5.28 -4.19
CA CYS A 49 6.09 -5.87 -5.51
C CYS A 49 6.11 -7.39 -5.45
N ASN A 50 6.64 -7.98 -4.37
CA ASN A 50 6.63 -9.40 -4.08
C ASN A 50 5.73 -9.74 -2.90
N GLU A 51 5.35 -8.75 -2.11
CA GLU A 51 4.52 -8.93 -0.94
C GLU A 51 3.05 -8.62 -1.27
N LEU A 52 2.82 -8.01 -2.42
CA LEU A 52 1.50 -7.67 -2.88
C LEU A 52 1.11 -8.67 -3.98
N TYR A 53 2.09 -9.32 -4.59
CA TYR A 53 1.88 -10.20 -5.71
C TYR A 53 1.72 -11.61 -5.18
N GLN A 54 1.86 -11.77 -3.86
CA GLN A 54 1.72 -13.05 -3.22
C GLN A 54 0.25 -13.37 -2.98
N GLU A 55 -0.57 -12.33 -2.79
CA GLU A 55 -1.99 -12.51 -2.57
C GLU A 55 -2.73 -12.69 -3.88
N ASP A 56 -1.99 -12.89 -4.98
CA ASP A 56 -2.52 -13.06 -6.31
C ASP A 56 -2.89 -11.70 -6.89
N GLN A 57 -3.55 -11.70 -8.05
CA GLN A 57 -4.02 -10.48 -8.67
C GLN A 57 -5.37 -10.05 -8.14
N VAL A 58 -6.13 -11.01 -7.63
CA VAL A 58 -7.44 -10.76 -7.05
C VAL A 58 -7.30 -10.00 -5.73
N CYS A 59 -6.07 -9.87 -5.24
CA CYS A 59 -5.76 -9.12 -4.06
C CYS A 59 -4.89 -7.94 -4.37
N VAL A 60 -4.11 -8.01 -5.46
CA VAL A 60 -3.30 -6.90 -5.92
C VAL A 60 -4.10 -5.62 -5.92
N CYS A 61 -5.40 -5.70 -6.16
CA CYS A 61 -6.28 -4.60 -6.01
C CYS A 61 -7.72 -5.07 -6.31
N PRO A 62 -8.71 -4.18 -6.13
CA PRO A 62 -8.51 -2.92 -5.47
C PRO A 62 -8.22 -3.09 -4.01
N THR A 63 -8.13 -4.29 -3.51
CA THR A 63 -7.78 -4.66 -2.14
C THR A 63 -6.65 -3.84 -1.59
N LEU A 64 -5.56 -3.64 -2.34
CA LEU A 64 -4.46 -2.76 -1.96
C LEU A 64 -4.92 -1.39 -1.51
N LYS A 65 -6.04 -0.88 -2.07
CA LYS A 65 -6.73 0.31 -1.63
C LYS A 65 -6.88 0.36 -0.11
N GLN A 66 -6.96 -0.80 0.54
CA GLN A 66 -6.96 -0.95 1.96
C GLN A 66 -5.63 -0.65 2.61
N ALA A 67 -4.55 -1.18 2.05
CA ALA A 67 -3.21 -0.84 2.41
C ALA A 67 -2.81 0.61 2.05
N ALA A 68 -3.71 1.33 1.40
CA ALA A 68 -3.50 2.70 1.05
C ALA A 68 -4.54 3.57 1.76
N LYS A 69 -5.50 2.95 2.46
CA LYS A 69 -6.53 3.65 3.16
C LYS A 69 -6.04 4.01 4.55
N SER A 70 -6.04 3.03 5.46
CA SER A 70 -5.56 3.22 6.82
C SER A 70 -4.04 3.33 6.86
N VAL A 71 -3.49 4.26 6.09
CA VAL A 71 -2.08 4.51 6.02
C VAL A 71 -1.74 5.84 6.68
N ARG A 72 -2.72 6.73 6.76
CA ARG A 72 -2.54 8.03 7.37
C ARG A 72 -3.86 8.71 7.53
N VAL A 73 -4.18 9.08 8.76
CA VAL A 73 -5.44 9.72 9.10
C VAL A 73 -5.29 10.49 10.41
N GLN A 74 -4.46 11.53 10.40
CA GLN A 74 -4.21 12.37 11.57
C GLN A 74 -3.17 13.44 11.28
N GLY A 75 -3.24 14.02 10.09
CA GLY A 75 -2.33 15.08 9.72
C GLY A 75 -2.98 16.45 9.80
N GLN A 76 -2.14 17.48 9.87
CA GLN A 76 -2.61 18.86 9.98
C GLN A 76 -2.60 19.53 8.61
N HIS A 77 -3.54 19.15 7.76
CA HIS A 77 -3.62 19.68 6.40
C HIS A 77 -5.00 20.31 6.19
N GLY A 78 -5.48 20.27 4.97
CA GLY A 78 -6.80 20.78 4.62
C GLY A 78 -7.79 19.64 4.40
N PRO A 79 -7.65 18.92 3.27
CA PRO A 79 -8.52 17.81 2.94
C PRO A 79 -8.20 16.58 3.79
N PHE A 80 -8.70 15.43 3.34
CA PHE A 80 -8.50 14.17 4.02
C PHE A 80 -7.16 13.60 3.62
N GLN A 81 -6.33 13.20 4.58
CA GLN A 81 -5.05 12.57 4.29
C GLN A 81 -5.18 11.57 3.16
N SER A 82 -6.23 10.75 3.14
CA SER A 82 -6.53 9.81 2.08
C SER A 82 -6.47 10.47 0.71
N THR A 83 -7.07 11.65 0.55
CA THR A 83 -6.99 12.44 -0.65
C THR A 83 -5.59 12.39 -1.24
N ARG A 84 -4.55 12.73 -0.45
CA ARG A 84 -3.19 12.76 -0.90
C ARG A 84 -2.54 11.41 -0.75
N ILE A 85 -2.75 10.77 0.40
CA ILE A 85 -2.24 9.45 0.71
C ILE A 85 -2.41 8.54 -0.50
N TYR A 86 -3.62 8.53 -1.05
CA TYR A 86 -3.96 7.78 -2.22
C TYR A 86 -3.23 8.30 -3.42
N GLN A 87 -3.13 9.61 -3.61
CA GLN A 87 -2.34 10.20 -4.67
C GLN A 87 -0.90 9.70 -4.71
N ILE A 88 -0.41 9.12 -3.62
CA ILE A 88 0.90 8.51 -3.57
C ILE A 88 0.81 7.01 -3.75
N ALA A 89 -0.19 6.38 -3.14
CA ALA A 89 -0.45 4.97 -3.32
C ALA A 89 -1.13 4.66 -4.67
N LYS A 90 -1.32 5.68 -5.48
CA LYS A 90 -1.94 5.56 -6.77
C LYS A 90 -0.91 5.17 -7.77
N ASN A 91 0.31 5.67 -7.62
CA ASN A 91 1.43 5.32 -8.48
C ASN A 91 2.16 4.09 -7.93
N LEU A 92 1.49 3.30 -7.11
CA LEU A 92 2.08 2.10 -6.55
C LEU A 92 2.08 0.99 -7.59
N PRO A 93 0.88 0.56 -8.06
CA PRO A 93 0.78 -0.47 -9.06
C PRO A 93 1.14 0.05 -10.44
N ASN A 94 1.17 1.37 -10.62
CA ASN A 94 1.58 1.98 -11.87
C ASN A 94 3.07 1.78 -12.11
N VAL A 95 3.82 1.60 -11.02
CA VAL A 95 5.26 1.41 -11.08
C VAL A 95 5.61 -0.01 -10.66
N CYS A 96 4.62 -0.75 -10.16
CA CYS A 96 4.78 -2.12 -9.76
C CYS A 96 3.74 -2.95 -10.47
N ASN A 97 3.47 -2.70 -11.76
CA ASN A 97 2.46 -3.41 -12.54
C ASN A 97 2.31 -4.83 -12.04
N MET A 98 1.16 -5.10 -11.42
CA MET A 98 0.89 -6.35 -10.78
C MET A 98 -0.52 -6.81 -11.03
N LYS A 99 -1.16 -6.19 -12.01
CA LYS A 99 -2.54 -6.50 -12.33
C LYS A 99 -2.70 -6.37 -13.81
N GLN A 100 -2.00 -7.19 -14.58
CA GLN A 100 -2.11 -7.13 -16.04
C GLN A 100 -3.55 -6.95 -16.51
N ILE A 101 -4.50 -7.52 -15.76
CA ILE A 101 -5.91 -7.27 -15.96
C ILE A 101 -6.32 -5.81 -15.72
N GLY A 102 -6.08 -5.28 -14.52
CA GLY A 102 -6.38 -3.92 -14.14
C GLY A 102 -7.45 -3.89 -13.07
N THR A 103 -7.05 -4.16 -11.84
CA THR A 103 -7.94 -4.25 -10.70
C THR A 103 -8.18 -2.85 -10.14
N CYS A 104 -7.11 -2.10 -9.86
CA CYS A 104 -7.20 -0.70 -9.46
C CYS A 104 -6.32 0.15 -10.39
N PRO A 105 -6.69 0.25 -11.67
CA PRO A 105 -5.96 1.07 -12.60
C PRO A 105 -6.19 2.55 -12.37
N PHE A 106 -6.92 2.90 -11.32
CA PHE A 106 -7.19 4.26 -10.90
C PHE A 106 -5.90 5.04 -10.80
N ILE A 107 -6.02 6.36 -10.73
CA ILE A 107 -4.89 7.28 -10.65
C ILE A 107 -5.33 8.72 -10.78
N ALA A 108 -6.36 8.98 -11.58
CA ALA A 108 -6.94 10.30 -11.74
C ALA A 108 -7.77 10.69 -10.51
N ILE A 109 -7.10 10.74 -9.38
CA ILE A 109 -7.71 11.04 -8.08
C ILE A 109 -7.02 12.24 -7.47
N GLN A 1 -13.85 -10.08 -10.73
CA GLN A 1 -13.08 -11.08 -9.99
C GLN A 1 -13.82 -11.52 -8.73
N PRO A 2 -13.33 -12.56 -8.06
CA PRO A 2 -13.88 -13.02 -6.80
C PRO A 2 -13.59 -12.09 -5.63
N GLN A 3 -14.09 -12.45 -4.46
CA GLN A 3 -13.87 -11.66 -3.28
C GLN A 3 -13.09 -12.43 -2.26
N LYS A 4 -13.16 -13.76 -2.29
CA LYS A 4 -12.42 -14.62 -1.38
C LYS A 4 -11.00 -14.10 -1.16
N CYS A 5 -10.40 -13.57 -2.23
CA CYS A 5 -9.12 -12.91 -2.14
C CYS A 5 -9.19 -11.61 -1.35
N GLN A 6 -10.07 -10.69 -1.75
CA GLN A 6 -10.31 -9.48 -1.00
C GLN A 6 -10.51 -9.72 0.48
N ARG A 7 -11.27 -10.77 0.81
CA ARG A 7 -11.50 -11.16 2.17
C ARG A 7 -10.38 -12.06 2.69
N GLU A 8 -9.23 -12.03 2.06
CA GLU A 8 -8.07 -12.84 2.41
C GLU A 8 -6.90 -11.94 2.76
N PHE A 9 -6.93 -10.70 2.30
CA PHE A 9 -5.89 -9.75 2.56
C PHE A 9 -6.08 -9.20 3.96
N GLN A 10 -7.30 -8.77 4.29
CA GLN A 10 -7.58 -8.16 5.56
C GLN A 10 -7.98 -9.24 6.55
N GLN A 11 -8.34 -10.42 6.03
CA GLN A 11 -8.73 -11.54 6.85
C GLN A 11 -7.82 -11.70 8.04
N GLU A 12 -6.52 -11.78 7.77
CA GLU A 12 -5.53 -11.97 8.81
C GLU A 12 -4.13 -12.02 8.21
N GLN A 13 -3.85 -11.09 7.30
CA GLN A 13 -2.57 -11.05 6.63
C GLN A 13 -2.55 -9.93 5.63
N HIS A 14 -2.66 -8.68 6.13
CA HIS A 14 -2.71 -7.50 5.28
C HIS A 14 -1.37 -7.40 4.56
N LEU A 15 -0.91 -6.18 4.33
CA LEU A 15 0.33 -5.96 3.63
C LEU A 15 1.31 -5.29 4.56
N ARG A 16 2.57 -5.20 4.13
CA ARG A 16 3.62 -4.60 4.93
C ARG A 16 4.39 -3.62 4.09
N ALA A 17 5.32 -4.09 3.27
CA ALA A 17 6.09 -3.23 2.42
C ALA A 17 5.18 -2.27 1.65
N CYS A 18 3.91 -2.63 1.50
CA CYS A 18 2.93 -1.78 0.89
C CYS A 18 2.40 -0.77 1.90
N GLN A 19 1.92 -1.25 3.04
CA GLN A 19 1.45 -0.39 4.12
C GLN A 19 2.58 0.08 5.03
N GLN A 20 3.77 0.25 4.47
CA GLN A 20 4.94 0.64 5.23
C GLN A 20 5.72 1.68 4.46
N TRP A 21 5.88 1.46 3.15
CA TRP A 21 6.60 2.41 2.31
C TRP A 21 5.87 3.75 2.36
N ILE A 22 4.55 3.69 2.50
CA ILE A 22 3.73 4.88 2.57
C ILE A 22 3.83 5.47 3.96
N ARG A 23 4.06 4.63 4.96
CA ARG A 23 4.28 5.06 6.32
C ARG A 23 5.55 5.88 6.48
N GLN A 24 6.50 5.69 5.56
CA GLN A 24 7.72 6.44 5.57
C GLN A 24 7.50 7.85 5.05
N GLN A 25 6.47 8.01 4.23
CA GLN A 25 6.13 9.32 3.69
C GLN A 25 5.72 10.27 4.80
N LEU A 26 5.51 9.75 6.01
CA LEU A 26 5.12 10.54 7.13
C LEU A 26 6.24 10.48 8.18
N ALA A 27 6.22 11.46 9.06
CA ALA A 27 7.19 11.50 10.15
C ALA A 27 6.98 10.32 11.09
N GLY A 28 5.86 9.60 10.95
CA GLY A 28 5.56 8.42 11.72
C GLY A 28 6.81 7.58 11.97
N SER A 29 7.69 7.52 10.95
CA SER A 29 8.97 6.85 11.10
C SER A 29 10.00 7.67 11.85
N PRO A 30 10.72 7.05 12.79
CA PRO A 30 11.76 7.73 13.54
C PRO A 30 13.01 7.95 12.70
N PHE A 31 13.85 8.88 13.15
CA PHE A 31 15.06 9.24 12.44
C PHE A 31 15.86 10.28 13.20
N SER A 32 16.95 10.74 12.59
CA SER A 32 17.79 11.76 13.17
C SER A 32 18.02 12.87 12.18
N GLU A 33 17.10 13.08 11.23
CA GLU A 33 17.22 14.13 10.24
C GLU A 33 15.90 14.29 9.50
N ASN A 34 15.61 13.36 8.60
CA ASN A 34 14.42 13.37 7.78
C ASN A 34 14.58 12.44 6.60
N GLN A 35 13.47 12.17 5.92
CA GLN A 35 13.48 11.34 4.72
C GLN A 35 12.09 11.28 4.11
N TRP A 36 11.92 10.39 3.13
CA TRP A 36 10.63 10.17 2.52
C TRP A 36 10.34 8.68 2.55
N GLY A 37 11.27 7.85 2.06
CA GLY A 37 11.07 6.42 1.99
C GLY A 37 12.37 5.72 1.60
N PRO A 38 12.84 5.97 0.38
CA PRO A 38 14.08 5.40 -0.12
C PRO A 38 15.30 6.08 0.50
N GLN A 39 15.34 6.12 1.82
CA GLN A 39 16.44 6.73 2.54
C GLN A 39 16.86 5.86 3.71
N GLN A 40 15.88 5.37 4.46
CA GLN A 40 16.14 4.50 5.59
C GLN A 40 15.49 3.13 5.40
N GLY A 41 14.69 3.00 4.35
CA GLY A 41 14.05 1.75 4.01
C GLY A 41 13.70 1.74 2.53
N PRO A 42 14.70 1.81 1.64
CA PRO A 42 14.45 1.75 0.20
C PRO A 42 14.10 0.34 -0.26
N SER A 43 14.03 -0.60 0.68
CA SER A 43 13.70 -1.98 0.39
C SER A 43 12.26 -2.25 0.77
N LEU A 44 11.33 -1.63 0.03
CA LEU A 44 9.92 -1.82 0.28
C LEU A 44 9.23 -1.96 -1.05
N ARG A 45 9.60 -1.18 -2.06
CA ARG A 45 9.01 -1.29 -3.38
C ARG A 45 9.30 -2.64 -3.99
N GLU A 46 10.52 -3.12 -3.83
CA GLU A 46 10.90 -4.42 -4.36
C GLU A 46 10.32 -5.55 -3.52
N GLN A 47 10.13 -5.29 -2.23
CA GLN A 47 9.58 -6.27 -1.33
C GLN A 47 8.07 -6.34 -1.50
N CYS A 48 7.38 -5.20 -1.45
CA CYS A 48 5.95 -5.10 -1.63
C CYS A 48 5.65 -5.54 -3.03
N CYS A 49 6.50 -5.29 -4.01
CA CYS A 49 6.28 -5.78 -5.36
C CYS A 49 6.28 -7.31 -5.38
N ASN A 50 6.77 -7.94 -4.31
CA ASN A 50 6.75 -9.37 -4.13
C ASN A 50 5.80 -9.79 -3.03
N GLU A 51 5.40 -8.84 -2.19
CA GLU A 51 4.51 -9.09 -1.08
C GLU A 51 3.09 -8.74 -1.51
N LEU A 52 2.93 -7.94 -2.55
CA LEU A 52 1.64 -7.49 -3.02
C LEU A 52 1.20 -8.42 -4.14
N TYR A 53 2.16 -9.14 -4.72
CA TYR A 53 1.91 -9.98 -5.87
C TYR A 53 1.80 -11.41 -5.39
N GLN A 54 2.10 -11.63 -4.11
CA GLN A 54 2.04 -12.95 -3.53
C GLN A 54 0.59 -13.39 -3.37
N GLU A 55 -0.28 -12.44 -3.04
CA GLU A 55 -1.69 -12.73 -2.87
C GLU A 55 -2.39 -12.80 -4.22
N ASP A 56 -1.61 -12.80 -5.30
CA ASP A 56 -2.11 -12.84 -6.65
C ASP A 56 -2.60 -11.45 -7.06
N GLN A 57 -3.29 -11.38 -8.20
CA GLN A 57 -3.84 -10.13 -8.69
C GLN A 57 -5.18 -9.85 -8.06
N VAL A 58 -5.87 -10.91 -7.66
CA VAL A 58 -7.17 -10.78 -7.02
C VAL A 58 -7.01 -10.16 -5.64
N CYS A 59 -5.77 -10.02 -5.20
CA CYS A 59 -5.43 -9.39 -3.95
C CYS A 59 -4.51 -8.21 -4.22
N VAL A 60 -4.68 -7.60 -5.40
CA VAL A 60 -3.93 -6.41 -5.77
C VAL A 60 -4.83 -5.19 -5.68
N CYS A 61 -6.13 -5.39 -5.54
CA CYS A 61 -7.10 -4.34 -5.40
C CYS A 61 -8.53 -4.96 -5.35
N PRO A 62 -9.43 -4.30 -4.63
CA PRO A 62 -9.09 -3.14 -3.82
C PRO A 62 -8.33 -3.56 -2.56
N THR A 63 -7.83 -4.77 -2.52
CA THR A 63 -6.97 -5.26 -1.47
C THR A 63 -5.82 -4.30 -1.14
N LEU A 64 -5.40 -3.50 -2.12
CA LEU A 64 -4.41 -2.46 -1.90
C LEU A 64 -5.06 -1.12 -1.61
N LYS A 65 -6.29 -0.92 -2.08
CA LYS A 65 -7.08 0.25 -1.75
C LYS A 65 -7.17 0.42 -0.24
N GLN A 66 -6.99 -0.63 0.54
CA GLN A 66 -7.10 -0.61 1.97
C GLN A 66 -5.74 -0.35 2.55
N ALA A 67 -4.69 -0.95 2.01
CA ALA A 67 -3.35 -0.68 2.43
C ALA A 67 -2.92 0.76 2.11
N ALA A 68 -3.75 1.45 1.34
CA ALA A 68 -3.49 2.83 0.98
C ALA A 68 -4.52 3.73 1.66
N LYS A 69 -5.63 3.14 2.10
CA LYS A 69 -6.66 3.87 2.81
C LYS A 69 -6.44 3.78 4.30
N SER A 70 -5.91 2.70 4.80
CA SER A 70 -5.61 2.50 6.21
C SER A 70 -4.21 3.05 6.52
N VAL A 71 -3.63 3.77 5.56
CA VAL A 71 -2.33 4.40 5.74
C VAL A 71 -2.48 5.85 6.15
N ARG A 72 -3.67 6.41 5.91
CA ARG A 72 -3.97 7.78 6.24
C ARG A 72 -4.40 7.89 7.69
N VAL A 73 -3.45 7.80 8.60
CA VAL A 73 -3.74 7.85 10.03
C VAL A 73 -4.02 9.29 10.42
N GLN A 74 -5.23 9.55 10.85
CA GLN A 74 -5.66 10.89 11.23
C GLN A 74 -5.68 11.01 12.74
N GLY A 75 -4.73 11.77 13.27
CA GLY A 75 -4.62 11.97 14.71
C GLY A 75 -5.17 13.33 15.11
N GLN A 76 -4.63 14.38 14.49
CA GLN A 76 -5.06 15.75 14.77
C GLN A 76 -5.46 16.47 13.49
N HIS A 77 -6.14 15.76 12.60
CA HIS A 77 -6.57 16.33 11.33
C HIS A 77 -7.77 15.56 10.80
N GLY A 78 -7.56 14.80 9.72
CA GLY A 78 -8.60 14.03 9.09
C GLY A 78 -8.50 14.09 7.58
N PRO A 79 -9.25 15.03 6.98
CA PRO A 79 -9.26 15.20 5.53
C PRO A 79 -8.01 15.88 5.04
N PHE A 80 -7.05 15.08 4.57
CA PHE A 80 -5.77 15.58 4.09
C PHE A 80 -4.83 14.45 3.71
N GLN A 81 -4.73 13.45 4.59
CA GLN A 81 -3.86 12.33 4.39
C GLN A 81 -4.32 11.57 3.19
N SER A 82 -5.46 10.86 3.27
CA SER A 82 -6.01 10.09 2.16
C SER A 82 -5.83 10.82 0.85
N THR A 83 -6.08 12.14 0.85
CA THR A 83 -5.90 12.97 -0.31
C THR A 83 -4.56 12.68 -0.98
N ARG A 84 -3.47 13.12 -0.34
CA ARG A 84 -2.15 12.94 -0.89
C ARG A 84 -1.76 11.50 -0.80
N ILE A 85 -2.04 10.85 0.31
CA ILE A 85 -1.75 9.44 0.55
C ILE A 85 -2.02 8.66 -0.72
N TYR A 86 -3.26 8.74 -1.21
CA TYR A 86 -3.67 8.07 -2.41
C TYR A 86 -2.87 8.57 -3.60
N GLN A 87 -2.67 9.88 -3.70
CA GLN A 87 -1.85 10.46 -4.75
C GLN A 87 -0.46 9.86 -4.79
N ILE A 88 -0.05 9.17 -3.74
CA ILE A 88 1.25 8.55 -3.64
C ILE A 88 1.08 7.05 -3.79
N ALA A 89 -0.03 6.51 -3.30
CA ALA A 89 -0.35 5.10 -3.47
C ALA A 89 -1.03 4.84 -4.81
N LYS A 90 -1.15 5.88 -5.63
CA LYS A 90 -1.81 5.79 -6.91
C LYS A 90 -0.75 5.38 -7.91
N ASN A 91 0.51 5.75 -7.67
CA ASN A 91 1.60 5.39 -8.55
C ASN A 91 2.17 4.05 -8.12
N LEU A 92 1.44 3.29 -7.33
CA LEU A 92 1.88 2.00 -6.86
C LEU A 92 1.71 0.96 -7.95
N PRO A 93 0.47 0.77 -8.45
CA PRO A 93 0.21 -0.16 -9.53
C PRO A 93 0.66 0.39 -10.88
N ASN A 94 1.21 1.60 -10.87
CA ASN A 94 1.72 2.21 -12.08
C ASN A 94 3.18 1.87 -12.25
N VAL A 95 3.90 1.77 -11.13
CA VAL A 95 5.32 1.46 -11.15
C VAL A 95 5.53 0.02 -10.70
N CYS A 96 4.47 -0.61 -10.22
CA CYS A 96 4.52 -1.97 -9.77
C CYS A 96 3.37 -2.71 -10.42
N ASN A 97 3.06 -2.41 -11.68
CA ASN A 97 1.98 -3.05 -12.44
C ASN A 97 1.72 -4.46 -11.92
N MET A 98 0.73 -4.59 -11.07
CA MET A 98 0.44 -5.84 -10.40
C MET A 98 -0.94 -6.29 -10.76
N LYS A 99 -1.47 -5.79 -11.86
CA LYS A 99 -2.82 -6.11 -12.27
C LYS A 99 -2.88 -5.95 -13.77
N GLN A 100 -1.99 -6.61 -14.50
CA GLN A 100 -1.98 -6.52 -15.95
C GLN A 100 -3.39 -6.57 -16.55
N ILE A 101 -4.30 -7.27 -15.85
CA ILE A 101 -5.70 -7.28 -16.19
C ILE A 101 -6.36 -5.90 -15.97
N GLY A 102 -6.33 -5.41 -14.73
CA GLY A 102 -6.89 -4.12 -14.38
C GLY A 102 -7.85 -4.28 -13.22
N THR A 103 -7.30 -4.40 -12.02
CA THR A 103 -8.11 -4.56 -10.82
C THR A 103 -8.79 -3.26 -10.44
N CYS A 104 -8.03 -2.31 -9.91
CA CYS A 104 -8.55 -0.99 -9.56
C CYS A 104 -7.76 0.07 -10.32
N PRO A 105 -7.93 0.14 -11.65
CA PRO A 105 -7.24 1.11 -12.47
C PRO A 105 -7.81 2.52 -12.27
N PHE A 106 -7.84 2.96 -11.02
CA PHE A 106 -8.34 4.26 -10.65
C PHE A 106 -7.21 5.30 -10.62
N ILE A 107 -6.08 4.97 -11.23
CA ILE A 107 -4.95 5.86 -11.24
C ILE A 107 -5.25 7.08 -12.09
N ALA A 108 -4.88 8.24 -11.58
CA ALA A 108 -5.12 9.51 -12.24
C ALA A 108 -5.03 10.66 -11.26
N ILE A 109 -5.29 10.36 -9.97
CA ILE A 109 -5.21 11.35 -8.91
C ILE A 109 -3.93 12.22 -9.09
N GLN A 1 -8.56 -15.39 -4.71
CA GLN A 1 -7.99 -14.46 -5.68
C GLN A 1 -8.91 -13.26 -5.82
N PRO A 2 -10.14 -13.47 -6.30
CA PRO A 2 -11.11 -12.41 -6.52
C PRO A 2 -11.67 -11.86 -5.28
N GLN A 3 -12.82 -11.21 -5.27
CA GLN A 3 -13.47 -10.72 -4.07
C GLN A 3 -13.49 -11.79 -2.99
N LYS A 4 -13.47 -13.06 -3.39
CA LYS A 4 -13.38 -14.16 -2.45
C LYS A 4 -12.06 -14.16 -1.68
N CYS A 5 -11.13 -13.31 -2.05
CA CYS A 5 -9.84 -13.14 -1.46
C CYS A 5 -9.85 -11.84 -0.68
N GLN A 6 -10.75 -10.91 -1.00
CA GLN A 6 -10.85 -9.65 -0.30
C GLN A 6 -10.98 -9.89 1.21
N ARG A 7 -11.82 -10.87 1.58
CA ARG A 7 -12.00 -11.23 2.96
C ARG A 7 -10.87 -12.13 3.45
N GLU A 8 -9.89 -12.37 2.62
CA GLU A 8 -8.74 -13.19 2.93
C GLU A 8 -7.46 -12.36 3.03
N PHE A 9 -7.47 -11.18 2.42
CA PHE A 9 -6.35 -10.29 2.42
C PHE A 9 -6.34 -9.52 3.72
N GLN A 10 -7.52 -9.18 4.23
CA GLN A 10 -7.66 -8.40 5.44
C GLN A 10 -7.97 -9.32 6.59
N GLN A 11 -8.30 -10.57 6.29
CA GLN A 11 -8.61 -11.55 7.31
C GLN A 11 -7.53 -11.60 8.37
N GLU A 12 -6.27 -11.78 7.90
CA GLU A 12 -5.14 -11.89 8.81
C GLU A 12 -3.84 -12.02 8.01
N GLN A 13 -3.82 -11.38 6.84
CA GLN A 13 -2.67 -11.42 5.97
C GLN A 13 -2.63 -10.20 5.07
N HIS A 14 -2.75 -9.02 5.68
CA HIS A 14 -2.80 -7.76 4.95
C HIS A 14 -1.39 -7.48 4.44
N LEU A 15 -1.07 -6.20 4.30
CA LEU A 15 0.22 -5.78 3.83
C LEU A 15 0.82 -4.80 4.83
N ARG A 16 2.09 -4.49 4.62
CA ARG A 16 2.83 -3.60 5.51
C ARG A 16 3.77 -2.80 4.68
N ALA A 17 4.92 -3.30 4.29
CA ALA A 17 5.88 -2.61 3.47
C ALA A 17 5.19 -1.75 2.44
N CYS A 18 4.31 -2.30 1.62
CA CYS A 18 3.54 -1.58 0.65
C CYS A 18 2.84 -0.42 1.32
N GLN A 19 2.01 -0.72 2.31
CA GLN A 19 1.32 0.29 3.08
C GLN A 19 2.16 0.81 4.25
N GLN A 20 3.47 0.92 4.04
CA GLN A 20 4.39 1.30 5.08
C GLN A 20 5.46 2.18 4.50
N TRP A 21 6.02 1.80 3.35
CA TRP A 21 7.01 2.56 2.65
C TRP A 21 6.43 3.94 2.37
N ILE A 22 5.10 4.02 2.26
CA ILE A 22 4.43 5.27 1.99
C ILE A 22 4.56 6.19 3.19
N ARG A 23 4.71 5.60 4.39
CA ARG A 23 4.91 6.33 5.62
C ARG A 23 6.22 7.09 5.58
N GLN A 24 7.14 6.68 4.70
CA GLN A 24 8.39 7.36 4.53
C GLN A 24 8.21 8.74 3.91
N GLN A 25 6.99 9.02 3.46
CA GLN A 25 6.68 10.30 2.87
C GLN A 25 6.36 11.33 3.95
N LEU A 26 6.23 10.86 5.20
CA LEU A 26 5.87 11.71 6.31
C LEU A 26 7.16 12.35 6.80
N ALA A 27 7.08 13.65 7.07
CA ALA A 27 8.21 14.40 7.58
C ALA A 27 8.27 14.28 9.10
N GLY A 28 7.46 13.38 9.68
CA GLY A 28 7.41 13.17 11.10
C GLY A 28 7.46 11.69 11.43
N SER A 29 8.67 11.18 11.66
CA SER A 29 8.86 9.78 12.01
C SER A 29 10.26 9.58 12.58
N PRO A 30 10.42 9.87 13.88
CA PRO A 30 11.69 9.71 14.57
C PRO A 30 12.02 8.25 14.80
N PHE A 31 12.19 7.50 13.71
CA PHE A 31 12.53 6.10 13.76
C PHE A 31 13.41 5.77 14.98
N SER A 32 13.21 4.58 15.52
CA SER A 32 13.96 4.15 16.69
C SER A 32 15.13 3.30 16.26
N GLU A 33 16.00 3.86 15.43
CA GLU A 33 17.18 3.15 14.96
C GLU A 33 17.94 4.02 13.95
N ASN A 34 18.91 3.41 13.26
CA ASN A 34 19.71 4.09 12.27
C ASN A 34 18.82 5.02 11.45
N GLN A 35 17.94 4.43 10.64
CA GLN A 35 17.02 5.18 9.83
C GLN A 35 15.96 4.27 9.25
N TRP A 36 14.70 4.68 9.35
CA TRP A 36 13.61 3.91 8.82
C TRP A 36 13.14 4.58 7.58
N GLY A 37 13.68 4.22 6.42
CA GLY A 37 13.30 4.80 5.15
C GLY A 37 14.08 4.21 4.01
N PRO A 38 14.13 4.89 2.87
CA PRO A 38 14.89 4.45 1.71
C PRO A 38 16.40 4.60 1.91
N GLN A 39 16.79 5.12 3.06
CA GLN A 39 18.18 5.33 3.38
C GLN A 39 18.75 4.08 4.02
N GLN A 40 18.11 3.62 5.11
CA GLN A 40 18.57 2.43 5.80
C GLN A 40 17.67 1.25 5.50
N GLY A 41 16.50 1.51 4.92
CA GLY A 41 15.54 0.49 4.52
C GLY A 41 15.04 0.72 3.09
N PRO A 42 15.98 0.70 2.12
CA PRO A 42 15.65 0.86 0.72
C PRO A 42 14.94 -0.36 0.15
N SER A 43 14.93 -1.43 0.92
CA SER A 43 14.33 -2.68 0.52
C SER A 43 12.86 -2.67 0.94
N LEU A 44 12.05 -1.84 0.28
CA LEU A 44 10.64 -1.74 0.57
C LEU A 44 9.87 -1.77 -0.72
N ARG A 45 10.34 -1.06 -1.75
CA ARG A 45 9.70 -1.04 -3.04
C ARG A 45 9.73 -2.41 -3.68
N GLU A 46 10.85 -3.11 -3.53
CA GLU A 46 11.02 -4.43 -4.09
C GLU A 46 10.27 -5.46 -3.24
N GLN A 47 10.19 -5.20 -1.93
CA GLN A 47 9.51 -6.08 -1.02
C GLN A 47 8.03 -5.86 -1.14
N CYS A 48 7.56 -4.65 -1.37
CA CYS A 48 6.16 -4.34 -1.52
C CYS A 48 5.71 -4.86 -2.87
N CYS A 49 6.59 -4.89 -3.86
CA CYS A 49 6.27 -5.44 -5.16
C CYS A 49 6.23 -6.97 -5.07
N ASN A 50 6.47 -7.51 -3.88
CA ASN A 50 6.43 -8.93 -3.63
C ASN A 50 5.40 -9.25 -2.57
N GLU A 51 5.34 -8.43 -1.54
CA GLU A 51 4.43 -8.60 -0.44
C GLU A 51 3.02 -8.24 -0.91
N LEU A 52 2.91 -7.54 -2.03
CA LEU A 52 1.62 -7.18 -2.57
C LEU A 52 1.32 -8.07 -3.78
N TYR A 53 2.35 -8.72 -4.31
CA TYR A 53 2.25 -9.52 -5.51
C TYR A 53 2.26 -10.98 -5.11
N GLN A 54 2.00 -11.25 -3.84
CA GLN A 54 2.00 -12.60 -3.34
C GLN A 54 0.60 -13.19 -3.40
N GLU A 55 -0.42 -12.35 -3.18
CA GLU A 55 -1.79 -12.78 -3.22
C GLU A 55 -2.30 -12.75 -4.65
N ASP A 56 -1.41 -12.66 -5.62
CA ASP A 56 -1.75 -12.60 -7.03
C ASP A 56 -2.16 -11.18 -7.37
N GLN A 57 -2.74 -11.01 -8.55
CA GLN A 57 -3.17 -9.71 -9.04
C GLN A 57 -4.60 -9.48 -8.63
N VAL A 58 -5.34 -10.56 -8.44
CA VAL A 58 -6.73 -10.48 -8.03
C VAL A 58 -6.80 -10.07 -6.57
N CYS A 59 -5.64 -9.98 -5.92
CA CYS A 59 -5.54 -9.56 -4.55
C CYS A 59 -4.66 -8.32 -4.49
N VAL A 60 -4.66 -7.54 -5.58
CA VAL A 60 -3.92 -6.29 -5.63
C VAL A 60 -4.88 -5.13 -5.57
N CYS A 61 -6.18 -5.38 -5.72
CA CYS A 61 -7.21 -4.39 -5.58
C CYS A 61 -8.57 -5.04 -5.80
N PRO A 62 -9.62 -4.53 -5.15
CA PRO A 62 -9.45 -3.45 -4.20
C PRO A 62 -8.80 -3.93 -2.93
N THR A 63 -8.31 -5.13 -2.90
CA THR A 63 -7.60 -5.70 -1.77
C THR A 63 -6.60 -4.72 -1.20
N LEU A 64 -5.93 -3.93 -2.03
CA LEU A 64 -5.01 -2.91 -1.56
C LEU A 64 -5.78 -1.70 -1.12
N LYS A 65 -6.97 -1.43 -1.65
CA LYS A 65 -7.86 -0.37 -1.23
C LYS A 65 -7.79 -0.20 0.25
N GLN A 66 -7.71 -1.28 1.01
CA GLN A 66 -7.61 -1.26 2.45
C GLN A 66 -6.21 -0.88 2.87
N ALA A 67 -5.20 -1.60 2.42
CA ALA A 67 -3.82 -1.27 2.72
C ALA A 67 -3.48 0.14 2.20
N ALA A 68 -4.33 0.73 1.39
CA ALA A 68 -4.14 2.03 0.83
C ALA A 68 -4.82 3.04 1.74
N LYS A 69 -6.13 2.89 1.93
CA LYS A 69 -6.89 3.79 2.78
C LYS A 69 -6.41 3.65 4.21
N SER A 70 -6.21 2.44 4.70
CA SER A 70 -5.73 2.16 6.03
C SER A 70 -4.21 2.07 6.03
N VAL A 71 -3.56 3.09 5.44
CA VAL A 71 -2.12 3.13 5.38
C VAL A 71 -1.63 4.07 6.43
N ARG A 72 -2.31 5.19 6.64
CA ARG A 72 -1.94 6.18 7.63
C ARG A 72 -2.99 6.23 8.70
N VAL A 73 -4.21 5.81 8.41
CA VAL A 73 -5.31 5.80 9.36
C VAL A 73 -4.82 5.41 10.74
N GLN A 74 -4.66 6.39 11.60
CA GLN A 74 -4.15 6.17 12.94
C GLN A 74 -4.13 7.48 13.73
N GLY A 75 -5.09 8.36 13.44
CA GLY A 75 -5.19 9.63 14.13
C GLY A 75 -6.10 10.57 13.36
N GLN A 76 -6.83 11.41 14.06
CA GLN A 76 -7.72 12.37 13.45
C GLN A 76 -6.92 13.53 12.86
N HIS A 77 -6.34 13.30 11.69
CA HIS A 77 -5.58 14.31 11.00
C HIS A 77 -6.44 15.00 9.94
N GLY A 78 -7.64 14.47 9.72
CA GLY A 78 -8.55 14.99 8.75
C GLY A 78 -8.15 14.56 7.33
N PRO A 79 -8.35 15.48 6.38
CA PRO A 79 -8.01 15.22 4.99
C PRO A 79 -6.52 15.23 4.74
N PHE A 80 -5.97 14.09 4.33
CA PHE A 80 -4.55 13.96 4.08
C PHE A 80 -4.18 12.52 3.77
N GLN A 81 -4.76 11.59 4.52
CA GLN A 81 -4.52 10.17 4.33
C GLN A 81 -5.47 9.59 3.27
N SER A 82 -5.80 10.38 2.28
CA SER A 82 -6.69 9.94 1.23
C SER A 82 -6.23 10.49 -0.09
N THR A 83 -5.84 11.75 -0.13
CA THR A 83 -5.38 12.39 -1.36
C THR A 83 -3.88 12.21 -1.48
N ARG A 84 -3.13 12.49 -0.42
CA ARG A 84 -1.69 12.40 -0.40
C ARG A 84 -1.29 10.95 -0.53
N ILE A 85 -1.74 10.14 0.43
CA ILE A 85 -1.43 8.72 0.43
C ILE A 85 -1.66 8.15 -0.96
N TYR A 86 -2.75 8.53 -1.59
CA TYR A 86 -3.09 8.10 -2.92
C TYR A 86 -2.18 8.73 -3.94
N GLN A 87 -1.87 10.00 -3.81
CA GLN A 87 -0.98 10.71 -4.70
C GLN A 87 0.35 9.97 -4.80
N ILE A 88 0.67 9.12 -3.84
CA ILE A 88 1.88 8.32 -3.87
C ILE A 88 1.54 6.86 -4.12
N ALA A 89 0.39 6.41 -3.63
CA ALA A 89 -0.07 5.06 -3.83
C ALA A 89 -0.71 4.94 -5.21
N LYS A 90 -0.68 6.01 -6.00
CA LYS A 90 -1.27 6.04 -7.32
C LYS A 90 -0.22 5.54 -8.28
N ASN A 91 1.05 5.77 -8.01
CA ASN A 91 2.14 5.31 -8.84
C ASN A 91 2.54 3.90 -8.40
N LEU A 92 1.69 3.22 -7.67
CA LEU A 92 1.96 1.88 -7.20
C LEU A 92 1.77 0.89 -8.33
N PRO A 93 0.58 0.86 -8.96
CA PRO A 93 0.31 0.00 -10.09
C PRO A 93 0.97 0.49 -11.37
N ASN A 94 1.70 1.60 -11.26
CA ASN A 94 2.39 2.16 -12.39
C ASN A 94 3.85 1.76 -12.34
N VAL A 95 4.45 1.89 -11.16
CA VAL A 95 5.85 1.56 -10.97
C VAL A 95 5.98 0.15 -10.43
N CYS A 96 4.87 -0.40 -9.97
CA CYS A 96 4.81 -1.74 -9.43
C CYS A 96 3.65 -2.45 -10.09
N ASN A 97 3.43 -2.23 -11.38
CA ASN A 97 2.37 -2.86 -12.14
C ASN A 97 2.06 -4.23 -11.57
N MET A 98 1.02 -4.32 -10.76
CA MET A 98 0.67 -5.54 -10.07
C MET A 98 -0.78 -5.83 -10.30
N LYS A 99 -1.37 -5.27 -11.36
CA LYS A 99 -2.76 -5.48 -11.70
C LYS A 99 -2.99 -4.98 -13.11
N GLN A 100 -2.49 -5.75 -14.07
CA GLN A 100 -2.66 -5.41 -15.47
C GLN A 100 -4.09 -5.67 -15.91
N ILE A 101 -4.72 -6.67 -15.30
CA ILE A 101 -6.09 -7.03 -15.59
C ILE A 101 -6.97 -5.78 -15.54
N GLY A 102 -7.35 -5.37 -14.33
CA GLY A 102 -8.22 -4.23 -14.14
C GLY A 102 -9.36 -4.54 -13.20
N THR A 103 -9.01 -4.86 -11.95
CA THR A 103 -10.00 -5.17 -10.93
C THR A 103 -10.43 -3.91 -10.20
N CYS A 104 -9.46 -3.14 -9.69
CA CYS A 104 -9.70 -1.92 -8.96
C CYS A 104 -8.59 -0.93 -9.30
N PRO A 105 -8.62 -0.39 -10.51
CA PRO A 105 -7.63 0.58 -10.93
C PRO A 105 -7.83 1.93 -10.25
N PHE A 106 -6.76 2.72 -10.23
CA PHE A 106 -6.80 4.03 -9.61
C PHE A 106 -5.54 4.81 -9.90
N ILE A 107 -5.69 6.11 -10.17
CA ILE A 107 -4.58 6.98 -10.46
C ILE A 107 -5.08 8.35 -10.85
N ALA A 108 -6.16 8.40 -11.63
CA ALA A 108 -6.77 9.64 -12.05
C ALA A 108 -7.37 10.37 -10.84
N ILE A 109 -6.50 10.95 -10.02
CA ILE A 109 -6.89 11.66 -8.81
C ILE A 109 -6.53 13.15 -8.96
#